data_9AZK
#
_entry.id   9AZK
#
_cell.length_a   74.851
_cell.length_b   128.875
_cell.length_c   79.081
_cell.angle_alpha   90.000
_cell.angle_beta   108.064
_cell.angle_gamma   90.000
#
_symmetry.space_group_name_H-M   'P 1 21 1'
#
loop_
_entity.id
_entity.type
_entity.pdbx_description
1 polymer Plasminogen
2 non-polymer (1r,4S)-4-(aminomethyl)-N-[(24S)-5-methyl-8,11,16,23-tetraoxo-7,10,15,22-tetraazatetracyclo[24.2.2.2~18,21~.1~2,6~]tritriaconta-1(28),2(33),3,5,18,20,26,29,31-nonaen-24-yl]cyclohexane-1-carboxamide
3 water water
#
_entity_poly.entity_id   1
_entity_poly.type   'polypeptide(L)'
_entity_poly.pdbx_seq_one_letter_code
;AAPSFDCGKPQVEPKKCPGRVVGGCVAHPHSWPWQVSLRTRFGMHFCGGTLISPEWVLTAAHCLEKSPRPSSYKVILGAH
QEVNLEPHVQEIEVSRLFLEPTRKDIALLKLSSPAVITDKVIPACLPSPNYVVADRTECFITGWGETQGTFGAGLLKEAQ
LPVIENKVCNRYEFLNGRVQSTELCAGHLAGGTDSCQGDSGGPLVCFEKDKYILQGVTSWGLGCARPNKPGVYVRVSRFV
TWIEGVMRNN
;
_entity_poly.pdbx_strand_id   A,B,C,D,E,F
#
# COMPACT_ATOMS: atom_id res chain seq x y z
N PRO A 3 -19.52 -6.78 33.79
CA PRO A 3 -20.24 -7.36 32.65
C PRO A 3 -20.34 -6.37 31.48
N SER A 4 -19.23 -6.14 30.77
CA SER A 4 -19.27 -5.28 29.55
CA SER A 4 -19.27 -5.28 29.56
C SER A 4 -20.22 -5.91 28.51
N PHE A 5 -20.50 -5.09 27.49
CA PHE A 5 -21.43 -5.56 26.44
C PHE A 5 -20.63 -5.81 25.15
N ASP A 6 -20.45 -7.09 24.79
CA ASP A 6 -19.71 -7.44 23.55
C ASP A 6 -20.52 -7.02 22.32
N CYS A 7 -19.85 -6.64 21.24
CA CYS A 7 -20.55 -6.17 20.01
C CYS A 7 -21.38 -7.31 19.40
N GLY A 8 -22.46 -6.96 18.68
CA GLY A 8 -23.25 -7.95 17.93
C GLY A 8 -24.16 -8.83 18.77
N LYS A 9 -24.15 -8.67 20.09
CA LYS A 9 -24.93 -9.58 20.96
C LYS A 9 -26.04 -8.81 21.69
N PRO A 10 -27.30 -8.83 21.19
CA PRO A 10 -28.38 -8.12 21.84
C PRO A 10 -28.73 -8.71 23.22
N GLN A 11 -29.13 -7.85 24.17
CA GLN A 11 -29.55 -8.32 25.51
C GLN A 11 -31.01 -8.74 25.42
N VAL A 12 -31.74 -8.26 24.40
CA VAL A 12 -33.14 -8.72 24.15
C VAL A 12 -33.09 -9.51 22.85
N GLU A 13 -33.22 -10.83 22.92
CA GLU A 13 -33.09 -11.68 21.70
C GLU A 13 -34.05 -11.18 20.62
N PRO A 14 -33.55 -10.87 19.39
CA PRO A 14 -34.43 -10.46 18.31
C PRO A 14 -35.53 -11.50 18.02
N LYS A 15 -36.76 -11.05 17.88
CA LYS A 15 -37.84 -11.98 17.48
C LYS A 15 -37.63 -12.26 16.00
N LYS A 16 -38.12 -13.40 15.51
CA LYS A 16 -38.05 -13.64 14.04
C LYS A 16 -39.49 -13.64 13.53
N CYS A 17 -39.73 -13.02 12.37
CA CYS A 17 -41.08 -13.11 11.75
C CYS A 17 -40.90 -13.63 10.32
N PRO A 18 -40.31 -14.82 10.12
CA PRO A 18 -40.06 -15.36 8.78
C PRO A 18 -41.32 -15.31 7.90
N VAL A 21 -39.81 0.31 6.82
CA VAL A 21 -39.74 -1.12 6.43
C VAL A 21 -41.13 -1.58 5.97
N VAL A 22 -41.21 -2.09 4.74
CA VAL A 22 -42.50 -2.64 4.23
C VAL A 22 -42.53 -4.13 4.53
N GLY A 23 -43.61 -4.60 5.13
CA GLY A 23 -43.69 -6.02 5.53
C GLY A 23 -42.93 -6.26 6.82
N GLY A 24 -42.34 -7.44 6.98
CA GLY A 24 -41.64 -7.77 8.23
C GLY A 24 -42.54 -7.61 9.44
N CYS A 25 -41.99 -7.10 10.54
CA CYS A 25 -42.76 -6.99 11.80
C CYS A 25 -42.14 -5.97 12.75
N VAL A 26 -42.90 -5.54 13.76
CA VAL A 26 -42.32 -4.63 14.79
C VAL A 26 -41.33 -5.44 15.64
N ALA A 27 -40.15 -4.89 15.89
CA ALA A 27 -39.12 -5.66 16.61
C ALA A 27 -39.35 -5.62 18.12
N HIS A 28 -38.76 -6.59 18.83
CA HIS A 28 -38.78 -6.53 20.30
C HIS A 28 -38.04 -5.25 20.68
N PRO A 29 -38.57 -4.40 21.57
CA PRO A 29 -37.83 -3.21 21.99
C PRO A 29 -36.40 -3.52 22.45
N HIS A 30 -35.41 -2.85 21.86
CA HIS A 30 -33.99 -3.03 22.28
C HIS A 30 -33.44 -4.38 21.77
N SER A 31 -34.07 -4.98 20.78
CA SER A 31 -33.55 -6.23 20.16
C SER A 31 -32.46 -5.88 19.15
N TRP A 32 -32.39 -4.61 18.74
CA TRP A 32 -31.34 -4.13 17.80
C TRP A 32 -30.66 -2.91 18.43
N PRO A 33 -29.79 -3.08 19.45
CA PRO A 33 -29.23 -1.94 20.19
C PRO A 33 -28.20 -1.07 19.45
N TRP A 34 -27.84 -1.44 18.21
CA TRP A 34 -26.90 -0.64 17.38
C TRP A 34 -27.68 0.26 16.43
N GLN A 35 -29.00 0.07 16.35
CA GLN A 35 -29.84 0.89 15.43
C GLN A 35 -29.83 2.35 15.90
N VAL A 36 -29.44 3.25 15.02
CA VAL A 36 -29.45 4.70 15.37
C VAL A 36 -30.44 5.42 14.47
N SER A 37 -30.98 6.54 14.95
CA SER A 37 -31.86 7.37 14.10
C SER A 37 -31.13 8.69 13.85
N LEU A 38 -30.75 8.98 12.61
CA LEU A 38 -30.12 10.29 12.28
CA LEU A 38 -30.12 10.29 12.28
C LEU A 38 -31.24 11.33 12.17
N ARG A 39 -31.03 12.42 12.89
CA ARG A 39 -32.11 13.41 13.04
C ARG A 39 -31.62 14.84 12.83
N THR A 40 -32.51 15.70 12.37
CA THR A 40 -32.20 17.15 12.25
C THR A 40 -31.94 17.70 13.64
N ARG A 41 -31.30 18.87 13.74
CA ARG A 41 -31.06 19.51 15.05
C ARG A 41 -32.40 19.71 15.75
N PHE A 42 -33.49 19.82 14.99
CA PHE A 42 -34.85 20.01 15.54
C PHE A 42 -35.50 18.66 15.89
N GLY A 43 -34.76 17.56 15.78
CA GLY A 43 -35.26 16.24 16.21
C GLY A 43 -36.17 15.54 15.23
N MET A 44 -35.98 15.76 13.93
CA MET A 44 -36.81 15.04 12.93
C MET A 44 -36.02 13.87 12.34
N HIS A 45 -36.58 12.66 12.35
CA HIS A 45 -35.93 11.46 11.76
C HIS A 45 -35.87 11.58 10.23
N PHE A 46 -34.74 11.23 9.63
CA PHE A 46 -34.62 11.26 8.15
C PHE A 46 -33.63 10.19 7.65
N CYS A 47 -33.14 9.35 8.55
CA CYS A 47 -32.21 8.28 8.11
C CYS A 47 -31.84 7.38 9.27
N GLY A 48 -31.44 6.15 8.96
CA GLY A 48 -30.97 5.24 10.00
C GLY A 48 -29.46 5.24 10.05
N GLY A 49 -28.90 4.46 10.96
CA GLY A 49 -27.44 4.37 11.09
C GLY A 49 -27.10 3.24 12.04
N THR A 50 -25.83 2.88 12.09
CA THR A 50 -25.43 1.73 12.93
C THR A 50 -24.28 2.16 13.85
N LEU A 51 -24.44 1.97 15.16
CA LEU A 51 -23.33 2.25 16.10
C LEU A 51 -22.30 1.12 15.96
N ILE A 52 -21.05 1.46 15.65
CA ILE A 52 -19.98 0.44 15.44
C ILE A 52 -18.91 0.62 16.52
N SER A 53 -18.96 1.74 17.23
CA SER A 53 -18.03 2.01 18.37
CA SER A 53 -18.05 1.97 18.39
C SER A 53 -18.74 3.07 19.24
N PRO A 54 -18.32 3.18 20.51
CA PRO A 54 -18.93 4.17 21.40
C PRO A 54 -18.93 5.59 20.80
N GLU A 55 -17.98 5.89 19.92
CA GLU A 55 -17.87 7.26 19.36
C GLU A 55 -18.11 7.29 17.85
N TRP A 56 -18.53 6.17 17.25
CA TRP A 56 -18.63 6.15 15.77
C TRP A 56 -19.96 5.55 15.27
N VAL A 57 -20.59 6.24 14.32
CA VAL A 57 -21.86 5.73 13.71
C VAL A 57 -21.65 5.64 12.19
N LEU A 58 -22.04 4.52 11.59
CA LEU A 58 -21.93 4.35 10.13
C LEU A 58 -23.30 4.57 9.49
N THR A 59 -23.35 5.32 8.38
CA THR A 59 -24.61 5.59 7.66
C THR A 59 -24.34 5.72 6.16
N ALA A 60 -25.36 6.08 5.39
CA ALA A 60 -25.18 6.30 3.94
C ALA A 60 -24.75 7.74 3.70
N ALA A 61 -23.81 7.96 2.79
CA ALA A 61 -23.36 9.33 2.46
C ALA A 61 -24.54 10.19 2.01
N HIS A 62 -25.50 9.61 1.30
CA HIS A 62 -26.65 10.37 0.74
C HIS A 62 -27.48 10.99 1.88
N CYS A 63 -27.40 10.44 3.08
CA CYS A 63 -28.14 10.98 4.24
C CYS A 63 -27.59 12.36 4.62
N LEU A 64 -26.43 12.76 4.08
CA LEU A 64 -25.79 14.05 4.47
C LEU A 64 -25.87 15.06 3.32
N GLU A 65 -26.67 14.79 2.29
CA GLU A 65 -26.77 15.67 1.09
C GLU A 65 -27.27 17.07 1.44
N LYS A 66 -28.08 17.22 2.49
CA LYS A 66 -28.68 18.55 2.81
C LYS A 66 -27.69 19.47 3.53
N SER A 67 -26.67 18.92 4.18
CA SER A 67 -25.74 19.80 4.95
C SER A 67 -24.37 19.15 5.12
N PRO A 68 -23.26 19.87 4.85
CA PRO A 68 -21.92 19.35 5.11
C PRO A 68 -21.44 19.68 6.54
N ARG A 69 -22.28 20.34 7.33
CA ARG A 69 -21.87 20.76 8.69
C ARG A 69 -22.27 19.69 9.72
N PRO A 70 -21.33 19.13 10.51
CA PRO A 70 -21.67 18.17 11.55
C PRO A 70 -22.73 18.71 12.51
N SER A 71 -22.66 20.00 12.83
CA SER A 71 -23.61 20.66 13.76
C SER A 71 -25.05 20.47 13.29
N SER A 72 -25.25 20.10 12.04
CA SER A 72 -26.63 19.99 11.50
C SER A 72 -27.19 18.59 11.81
N TYR A 73 -26.46 17.76 12.55
CA TYR A 73 -26.92 16.36 12.73
C TYR A 73 -27.01 15.93 14.21
N LYS A 74 -28.07 15.19 14.54
CA LYS A 74 -28.24 14.65 15.91
C LYS A 74 -28.46 13.13 15.81
N VAL A 75 -27.89 12.36 16.73
CA VAL A 75 -28.01 10.87 16.71
C VAL A 75 -28.88 10.40 17.88
N ILE A 76 -29.87 9.55 17.60
CA ILE A 76 -30.76 8.99 18.66
C ILE A 76 -30.39 7.53 18.89
N LEU A 77 -30.13 7.13 20.15
CA LEU A 77 -29.70 5.75 20.47
C LEU A 77 -30.60 5.14 21.54
N GLY A 78 -30.80 3.81 21.51
CA GLY A 78 -31.62 3.11 22.51
C GLY A 78 -33.11 3.31 22.30
N ALA A 79 -33.52 3.69 21.09
CA ALA A 79 -34.94 4.03 20.86
C ALA A 79 -35.74 2.89 20.22
N HIS A 80 -37.06 2.92 20.39
CA HIS A 80 -37.97 1.95 19.72
C HIS A 80 -39.04 2.78 19.00
N GLN A 81 -39.46 3.87 19.62
CA GLN A 81 -40.46 4.78 19.01
C GLN A 81 -39.73 5.79 18.12
N GLU A 82 -40.43 6.36 17.14
CA GLU A 82 -39.83 7.37 16.25
C GLU A 82 -40.14 8.78 16.77
N VAL A 83 -41.30 8.97 17.40
CA VAL A 83 -41.70 10.34 17.82
C VAL A 83 -41.66 10.46 19.35
N ASN A 84 -42.41 9.60 20.05
CA ASN A 84 -42.48 9.70 21.53
C ASN A 84 -41.29 8.94 22.12
N LEU A 85 -40.09 9.52 22.04
CA LEU A 85 -38.87 8.83 22.52
C LEU A 85 -38.98 8.56 24.02
N GLU A 86 -38.62 7.37 24.44
CA GLU A 86 -38.69 6.97 25.87
C GLU A 86 -37.64 7.76 26.66
N PRO A 87 -37.73 7.85 28.00
CA PRO A 87 -36.81 8.67 28.79
C PRO A 87 -35.31 8.31 28.69
N HIS A 88 -34.99 7.00 28.67
CA HIS A 88 -33.56 6.57 28.67
C HIS A 88 -32.90 6.86 27.31
N VAL A 89 -33.67 7.21 26.29
CA VAL A 89 -33.10 7.41 24.92
C VAL A 89 -31.92 8.39 25.01
N GLN A 90 -30.80 8.04 24.39
CA GLN A 90 -29.63 8.95 24.39
C GLN A 90 -29.66 9.82 23.12
N GLU A 91 -29.51 11.13 23.27
CA GLU A 91 -29.42 12.04 22.10
C GLU A 91 -28.02 12.64 22.09
N ILE A 92 -27.27 12.44 21.01
CA ILE A 92 -25.84 12.90 20.99
C ILE A 92 -25.56 13.67 19.70
N GLU A 93 -24.83 14.78 19.81
CA GLU A 93 -24.52 15.62 18.62
C GLU A 93 -23.34 15.03 17.87
N VAL A 94 -23.14 15.46 16.62
CA VAL A 94 -22.04 14.92 15.78
C VAL A 94 -20.92 15.97 15.69
N SER A 95 -19.67 15.53 15.76
CA SER A 95 -18.51 16.46 15.73
C SER A 95 -17.88 16.49 14.33
N ARG A 96 -17.78 15.34 13.67
CA ARG A 96 -17.07 15.30 12.36
C ARG A 96 -17.75 14.32 11.40
N LEU A 97 -17.83 14.70 10.13
CA LEU A 97 -18.41 13.80 9.09
C LEU A 97 -17.27 13.30 8.21
N PHE A 98 -17.25 11.98 7.93
CA PHE A 98 -16.19 11.38 7.09
C PHE A 98 -16.84 10.63 5.92
N LEU A 99 -16.79 11.21 4.73
CA LEU A 99 -17.39 10.56 3.53
C LEU A 99 -16.38 9.59 2.92
N GLU A 100 -16.88 8.46 2.40
CA GLU A 100 -15.98 7.49 1.72
C GLU A 100 -15.30 8.20 0.55
N PRO A 101 -13.96 8.12 0.41
CA PRO A 101 -13.26 8.90 -0.62
C PRO A 101 -13.40 8.46 -2.08
N THR A 102 -13.98 7.28 -2.35
CA THR A 102 -14.19 6.80 -3.74
C THR A 102 -15.64 7.08 -4.18
N ARG A 103 -16.32 8.03 -3.53
CA ARG A 103 -17.70 8.42 -3.90
C ARG A 103 -18.70 7.28 -3.67
N LYS A 104 -18.42 6.40 -2.71
CA LYS A 104 -19.40 5.32 -2.38
C LYS A 104 -20.47 5.85 -1.41
N ASP A 105 -21.61 5.19 -1.32
CA ASP A 105 -22.74 5.69 -0.49
C ASP A 105 -22.57 5.26 0.97
N ILE A 106 -21.44 5.59 1.58
CA ILE A 106 -21.19 5.23 2.99
C ILE A 106 -20.44 6.38 3.66
N ALA A 107 -20.73 6.61 4.95
CA ALA A 107 -20.10 7.72 5.67
C ALA A 107 -20.02 7.40 7.16
N LEU A 108 -19.01 7.93 7.84
CA LEU A 108 -18.86 7.73 9.30
C LEU A 108 -19.12 9.05 10.02
N LEU A 109 -19.80 8.99 11.17
CA LEU A 109 -20.04 10.20 11.99
C LEU A 109 -19.33 10.02 13.33
N LYS A 110 -18.49 10.99 13.71
CA LYS A 110 -17.85 10.94 15.05
C LYS A 110 -18.74 11.70 16.02
N LEU A 111 -19.21 11.04 17.05
CA LEU A 111 -20.12 11.68 18.03
C LEU A 111 -19.34 12.66 18.90
N SER A 112 -19.98 13.77 19.30
CA SER A 112 -19.33 14.78 20.17
CA SER A 112 -19.33 14.78 20.17
C SER A 112 -18.89 14.19 21.53
N SER A 113 -19.73 13.26 22.00
CA SER A 113 -19.37 12.52 23.22
C SER A 113 -19.55 11.02 23.00
N PRO A 114 -18.84 10.14 23.73
CA PRO A 114 -19.03 8.71 23.59
C PRO A 114 -20.43 8.31 24.06
N ALA A 115 -21.09 7.43 23.32
CA ALA A 115 -22.40 6.91 23.77
C ALA A 115 -22.19 6.05 25.02
N VAL A 116 -23.16 6.03 25.93
CA VAL A 116 -23.07 5.13 27.11
C VAL A 116 -23.50 3.73 26.65
N ILE A 117 -22.61 2.75 26.80
CA ILE A 117 -22.95 1.36 26.38
C ILE A 117 -23.81 0.73 27.48
N THR A 118 -25.07 0.43 27.15
CA THR A 118 -26.01 -0.17 28.12
C THR A 118 -26.60 -1.44 27.49
N ASP A 119 -27.53 -2.09 28.19
CA ASP A 119 -28.20 -3.30 27.64
C ASP A 119 -29.09 -2.88 26.46
N LYS A 120 -29.23 -1.58 26.22
CA LYS A 120 -30.13 -1.09 25.14
C LYS A 120 -29.31 -0.32 24.09
N VAL A 121 -28.03 -0.08 24.39
CA VAL A 121 -27.14 0.64 23.42
C VAL A 121 -25.83 -0.15 23.33
N ILE A 122 -25.68 -0.93 22.25
CA ILE A 122 -24.48 -1.80 22.08
C ILE A 122 -24.04 -1.74 20.63
N PRO A 123 -22.73 -1.57 20.33
CA PRO A 123 -22.28 -1.45 18.95
C PRO A 123 -22.45 -2.76 18.18
N ALA A 124 -22.60 -2.66 16.85
CA ALA A 124 -22.66 -3.86 16.00
C ALA A 124 -21.23 -4.34 15.72
N CYS A 125 -21.05 -5.58 15.28
CA CYS A 125 -19.70 -6.10 14.92
C CYS A 125 -19.46 -5.93 13.42
N LEU A 126 -18.22 -5.63 13.04
CA LEU A 126 -17.86 -5.43 11.61
C LEU A 126 -17.45 -6.77 10.99
N PRO A 127 -17.60 -6.96 9.66
CA PRO A 127 -17.19 -8.19 9.02
C PRO A 127 -15.68 -8.18 8.71
N SER A 128 -15.13 -9.34 8.35
CA SER A 128 -13.70 -9.39 7.93
C SER A 128 -13.62 -8.80 6.53
N PRO A 129 -12.54 -8.08 6.16
CA PRO A 129 -12.45 -7.43 4.85
C PRO A 129 -12.67 -8.35 3.64
N ASN A 130 -13.49 -7.92 2.68
CA ASN A 130 -13.69 -8.66 1.41
C ASN A 130 -14.54 -9.93 1.58
N TYR A 131 -15.11 -10.17 2.76
CA TYR A 131 -16.03 -11.32 2.93
C TYR A 131 -17.22 -11.13 1.98
N VAL A 132 -17.63 -12.21 1.30
CA VAL A 132 -18.79 -12.13 0.37
C VAL A 132 -19.95 -12.94 0.97
N VAL A 133 -21.00 -12.25 1.41
CA VAL A 133 -22.19 -12.94 1.98
C VAL A 133 -22.74 -13.88 0.91
N ALA A 134 -22.92 -15.16 1.24
CA ALA A 134 -23.37 -16.16 0.24
C ALA A 134 -24.80 -15.91 -0.22
N ASP A 135 -25.12 -16.38 -1.42
CA ASP A 135 -26.51 -16.24 -1.96
C ASP A 135 -27.49 -16.93 -1.02
N ARG A 136 -28.68 -16.36 -0.85
CA ARG A 136 -29.77 -17.00 -0.04
C ARG A 136 -29.49 -16.87 1.47
N THR A 137 -28.38 -16.26 1.87
CA THR A 137 -28.13 -16.06 3.32
C THR A 137 -29.25 -15.18 3.90
N GLU A 138 -29.89 -15.65 4.98
CA GLU A 138 -30.99 -14.90 5.62
C GLU A 138 -30.38 -13.82 6.52
N CYS A 139 -30.71 -12.57 6.25
CA CYS A 139 -30.17 -11.45 7.07
C CYS A 139 -31.34 -10.53 7.47
N PHE A 140 -31.10 -9.60 8.38
CA PHE A 140 -32.18 -8.72 8.88
C PHE A 140 -31.88 -7.26 8.57
N ILE A 141 -32.91 -6.54 8.11
CA ILE A 141 -32.77 -5.07 7.91
C ILE A 141 -33.68 -4.43 8.95
N THR A 142 -33.31 -3.26 9.46
CA THR A 142 -34.11 -2.62 10.54
C THR A 142 -34.30 -1.14 10.23
N GLY A 143 -35.40 -0.54 10.68
CA GLY A 143 -35.57 0.91 10.49
C GLY A 143 -36.93 1.46 10.86
N TRP A 144 -37.05 2.79 10.86
CA TRP A 144 -38.32 3.48 11.17
C TRP A 144 -38.90 4.04 9.87
N GLY A 145 -38.50 3.48 8.72
CA GLY A 145 -38.94 4.00 7.42
C GLY A 145 -40.39 3.73 7.11
N GLU A 146 -40.84 4.14 5.92
CA GLU A 146 -42.26 3.95 5.49
C GLU A 146 -42.61 2.47 5.50
N THR A 147 -43.90 2.17 5.75
CA THR A 147 -44.37 0.76 5.81
C THR A 147 -45.25 0.48 4.59
N GLN A 148 -45.61 1.51 3.83
CA GLN A 148 -46.50 1.33 2.65
C GLN A 148 -47.73 0.50 3.04
N GLY A 149 -48.40 0.85 4.14
CA GLY A 149 -49.63 0.17 4.57
C GLY A 149 -49.40 -1.23 5.12
N THR A 150 -48.24 -1.51 5.70
CA THR A 150 -47.93 -2.89 6.15
C THR A 150 -47.95 -3.03 7.68
N PHE A 151 -48.17 -1.95 8.42
CA PHE A 151 -48.27 -2.00 9.91
C PHE A 151 -46.90 -1.77 10.56
N GLY A 152 -46.89 -1.16 11.75
CA GLY A 152 -45.64 -0.91 12.48
C GLY A 152 -45.20 0.55 12.37
N ALA A 153 -46.03 1.39 11.75
CA ALA A 153 -45.66 2.81 11.52
C ALA A 153 -45.27 3.48 12.84
N GLY A 154 -44.12 4.16 12.86
CA GLY A 154 -43.70 4.91 14.06
C GLY A 154 -42.92 4.05 15.04
N LEU A 155 -42.68 2.79 14.70
CA LEU A 155 -41.98 1.86 15.62
C LEU A 155 -40.84 1.17 14.88
N LEU A 156 -39.78 0.82 15.61
CA LEU A 156 -38.65 0.11 14.98
C LEU A 156 -39.17 -1.20 14.40
N LYS A 157 -39.02 -1.38 13.10
CA LYS A 157 -39.48 -2.62 12.46
C LYS A 157 -38.27 -3.42 11.95
N GLU A 158 -38.47 -4.70 11.69
CA GLU A 158 -37.40 -5.56 11.16
C GLU A 158 -37.96 -6.43 10.04
N ALA A 159 -37.09 -6.93 9.17
CA ALA A 159 -37.54 -7.87 8.11
C ALA A 159 -36.40 -8.83 7.82
N GLN A 160 -36.67 -10.13 7.86
CA GLN A 160 -35.64 -11.13 7.48
C GLN A 160 -35.70 -11.27 5.95
N LEU A 161 -34.59 -11.03 5.28
CA LEU A 161 -34.57 -11.08 3.79
C LEU A 161 -33.42 -11.95 3.32
N PRO A 162 -33.58 -12.72 2.22
CA PRO A 162 -32.48 -13.50 1.68
C PRO A 162 -31.56 -12.61 0.83
N VAL A 163 -30.25 -12.79 0.98
CA VAL A 163 -29.28 -12.04 0.12
C VAL A 163 -29.34 -12.63 -1.28
N ILE A 164 -29.32 -11.78 -2.31
CA ILE A 164 -29.31 -12.26 -3.71
C ILE A 164 -27.95 -11.92 -4.31
N GLU A 165 -27.21 -12.95 -4.76
CA GLU A 165 -25.86 -12.73 -5.35
C GLU A 165 -25.96 -11.71 -6.48
N ASN A 166 -24.92 -10.90 -6.65
CA ASN A 166 -24.96 -9.81 -7.66
C ASN A 166 -25.24 -10.38 -9.06
N LYS A 167 -24.62 -11.51 -9.40
CA LYS A 167 -24.80 -12.11 -10.75
C LYS A 167 -26.29 -12.25 -11.05
N VAL A 168 -27.06 -12.77 -10.09
CA VAL A 168 -28.54 -12.90 -10.27
C VAL A 168 -29.15 -11.50 -10.21
N CYS A 169 -28.76 -10.70 -9.23
CA CYS A 169 -29.37 -9.35 -9.04
C CYS A 169 -29.15 -8.46 -10.27
N ASN A 170 -28.05 -8.67 -11.00
CA ASN A 170 -27.73 -7.76 -12.14
C ASN A 170 -28.39 -8.24 -13.43
N ARG A 171 -29.27 -9.25 -13.35
CA ARG A 171 -29.95 -9.79 -14.56
C ARG A 171 -30.95 -8.76 -15.10
N TYR A 172 -31.41 -8.95 -16.35
CA TYR A 172 -32.31 -7.96 -17.00
C TYR A 172 -33.67 -7.92 -16.29
N GLU A 173 -34.14 -9.07 -15.81
CA GLU A 173 -35.46 -9.15 -15.13
C GLU A 173 -35.40 -8.48 -13.76
N PHE A 174 -34.21 -8.04 -13.34
CA PHE A 174 -34.06 -7.45 -11.99
C PHE A 174 -33.47 -6.04 -12.08
N LEU A 175 -32.20 -5.88 -11.71
CA LEU A 175 -31.60 -4.51 -11.66
C LEU A 175 -30.77 -4.25 -12.93
N ASN A 176 -30.62 -5.26 -13.79
CA ASN A 176 -29.94 -5.07 -15.10
C ASN A 176 -28.63 -4.28 -14.99
N GLY A 177 -27.59 -4.87 -14.38
CA GLY A 177 -26.25 -4.23 -14.34
C GLY A 177 -26.15 -2.93 -13.58
N ARG A 178 -27.10 -2.60 -12.72
CA ARG A 178 -26.96 -1.36 -11.89
C ARG A 178 -26.18 -1.66 -10.61
N VAL A 179 -26.04 -2.93 -10.24
CA VAL A 179 -25.40 -3.28 -8.94
C VAL A 179 -23.88 -3.40 -9.09
N GLN A 180 -23.13 -2.71 -8.23
CA GLN A 180 -21.65 -2.75 -8.25
C GLN A 180 -21.12 -3.84 -7.32
N SER A 181 -19.83 -4.17 -7.41
CA SER A 181 -19.21 -5.18 -6.52
C SER A 181 -19.13 -4.66 -5.09
N THR A 182 -19.19 -3.35 -4.91
CA THR A 182 -19.12 -2.72 -3.56
C THR A 182 -20.54 -2.68 -2.97
N GLU A 183 -21.49 -3.29 -3.66
CA GLU A 183 -22.91 -3.29 -3.20
C GLU A 183 -23.41 -4.73 -3.11
N LEU A 184 -24.46 -4.97 -2.31
CA LEU A 184 -25.07 -6.33 -2.24
C LEU A 184 -26.59 -6.19 -2.38
N CYS A 185 -27.25 -7.27 -2.79
CA CYS A 185 -28.72 -7.24 -2.98
C CYS A 185 -29.41 -8.14 -1.96
N ALA A 186 -30.58 -7.72 -1.49
CA ALA A 186 -31.36 -8.50 -0.53
C ALA A 186 -32.83 -8.21 -0.74
N GLY A 187 -33.67 -9.25 -0.69
CA GLY A 187 -35.13 -9.05 -0.83
C GLY A 187 -35.85 -10.27 -1.34
N HIS A 188 -37.17 -10.27 -1.23
CA HIS A 188 -37.99 -11.37 -1.80
C HIS A 188 -38.40 -10.94 -3.21
N LEU A 189 -37.90 -11.63 -4.23
CA LEU A 189 -38.16 -11.23 -5.63
C LEU A 189 -39.68 -11.14 -5.88
N ALA A 190 -40.47 -11.86 -5.09
CA ALA A 190 -41.95 -11.80 -5.22
C ALA A 190 -42.47 -10.44 -4.74
N GLY A 191 -41.67 -9.72 -3.95
CA GLY A 191 -42.08 -8.41 -3.43
C GLY A 191 -42.80 -8.49 -2.09
N GLY A 192 -43.12 -7.34 -1.49
CA GLY A 192 -43.86 -7.32 -0.22
C GLY A 192 -42.99 -6.98 0.98
N THR A 193 -41.74 -7.43 0.99
CA THR A 193 -40.87 -7.22 2.18
C THR A 193 -39.61 -6.46 1.75
N ASP A 194 -39.38 -5.27 2.31
CA ASP A 194 -38.24 -4.47 1.81
C ASP A 194 -38.03 -3.21 2.65
N SER A 195 -36.80 -2.67 2.63
CA SER A 195 -36.57 -1.37 3.29
C SER A 195 -37.37 -0.32 2.51
N CYS A 196 -37.54 0.87 3.06
CA CYS A 196 -38.24 1.95 2.30
C CYS A 196 -37.80 3.32 2.82
N GLN A 197 -38.40 4.39 2.29
CA GLN A 197 -37.96 5.78 2.64
C GLN A 197 -37.84 5.96 4.16
N GLY A 198 -36.66 6.38 4.62
CA GLY A 198 -36.40 6.55 6.06
C GLY A 198 -35.49 5.47 6.60
N ASP A 199 -35.31 4.39 5.85
CA ASP A 199 -34.47 3.24 6.29
C ASP A 199 -33.03 3.41 5.77
N SER A 200 -32.82 4.32 4.83
CA SER A 200 -31.48 4.54 4.25
C SER A 200 -30.46 4.86 5.35
N GLY A 201 -29.27 4.26 5.26
CA GLY A 201 -28.21 4.51 6.26
C GLY A 201 -28.30 3.48 7.37
N GLY A 202 -29.42 2.77 7.44
CA GLY A 202 -29.62 1.79 8.51
C GLY A 202 -28.87 0.50 8.27
N PRO A 203 -28.90 -0.48 9.21
CA PRO A 203 -28.11 -1.69 9.07
C PRO A 203 -28.71 -2.92 8.39
N LEU A 204 -27.87 -3.72 7.74
CA LEU A 204 -28.30 -5.03 7.23
C LEU A 204 -27.39 -6.01 7.96
N VAL A 205 -27.93 -6.78 8.90
CA VAL A 205 -27.08 -7.66 9.74
C VAL A 205 -27.36 -9.14 9.47
N CYS A 206 -26.34 -9.98 9.57
CA CYS A 206 -26.52 -11.44 9.40
C CYS A 206 -25.99 -12.15 10.65
N PHE A 207 -26.71 -13.16 11.13
CA PHE A 207 -26.28 -13.92 12.34
C PHE A 207 -25.12 -14.84 11.97
N GLU A 208 -23.98 -14.69 12.66
CA GLU A 208 -22.79 -15.52 12.36
C GLU A 208 -22.28 -16.17 13.66
N LYS A 209 -22.45 -17.49 13.79
CA LYS A 209 -22.01 -18.25 15.00
C LYS A 209 -22.87 -17.90 16.22
N ASP A 210 -22.62 -16.74 16.85
CA ASP A 210 -23.34 -16.40 18.09
C ASP A 210 -23.64 -14.90 18.15
N LYS A 211 -23.48 -14.19 17.03
CA LYS A 211 -23.66 -12.72 17.08
C LYS A 211 -24.06 -12.17 15.71
N TYR A 212 -24.44 -10.89 15.69
CA TYR A 212 -24.86 -10.24 14.42
C TYR A 212 -23.69 -9.43 13.87
N ILE A 213 -23.40 -9.59 12.58
CA ILE A 213 -22.32 -8.81 11.92
CA ILE A 213 -22.32 -8.82 11.91
C ILE A 213 -22.94 -7.85 10.87
N LEU A 214 -22.43 -6.62 10.91
CA LEU A 214 -22.91 -5.61 9.94
C LEU A 214 -22.32 -5.92 8.55
N GLN A 215 -23.17 -6.34 7.61
CA GLN A 215 -22.70 -6.72 6.26
C GLN A 215 -23.22 -5.71 5.22
N GLY A 216 -24.24 -4.93 5.58
CA GLY A 216 -24.82 -4.02 4.58
C GLY A 216 -25.33 -2.71 5.14
N VAL A 217 -25.30 -1.65 4.34
CA VAL A 217 -25.89 -0.35 4.74
C VAL A 217 -26.98 -0.01 3.73
N THR A 218 -28.23 0.12 4.17
CA THR A 218 -29.37 0.44 3.28
C THR A 218 -29.02 1.65 2.41
N SER A 219 -29.07 1.50 1.08
CA SER A 219 -28.64 2.59 0.17
C SER A 219 -29.76 3.03 -0.78
N TRP A 220 -30.16 2.17 -1.71
CA TRP A 220 -31.16 2.59 -2.73
C TRP A 220 -31.94 1.41 -3.30
N GLY A 221 -32.92 1.69 -4.16
CA GLY A 221 -33.70 0.63 -4.83
C GLY A 221 -34.62 1.21 -5.88
N LEU A 222 -35.15 0.37 -6.77
CA LEU A 222 -36.16 0.86 -7.76
C LEU A 222 -37.52 0.73 -7.08
N GLY A 223 -37.92 1.74 -6.32
CA GLY A 223 -39.17 1.64 -5.53
C GLY A 223 -38.94 0.77 -4.31
N CYS A 224 -40.01 0.41 -3.59
CA CYS A 224 -39.91 -0.47 -2.40
C CYS A 224 -40.83 -1.68 -2.55
N ALA A 225 -40.32 -2.88 -2.28
CA ALA A 225 -41.18 -4.09 -2.26
C ALA A 225 -41.83 -4.40 -3.61
N ARG A 226 -41.27 -3.88 -4.71
CA ARG A 226 -41.79 -4.23 -6.06
C ARG A 226 -41.19 -5.56 -6.48
N PRO A 227 -41.97 -6.46 -7.14
CA PRO A 227 -41.44 -7.75 -7.61
C PRO A 227 -40.21 -7.63 -8.52
N ASN A 228 -39.24 -8.53 -8.36
CA ASN A 228 -38.03 -8.54 -9.23
C ASN A 228 -37.21 -7.29 -9.02
N LYS A 229 -37.46 -6.56 -7.94
CA LYS A 229 -36.71 -5.29 -7.66
C LYS A 229 -36.17 -5.34 -6.22
N PRO A 230 -35.13 -6.15 -5.95
CA PRO A 230 -34.54 -6.23 -4.62
C PRO A 230 -33.81 -4.93 -4.23
N GLY A 231 -33.75 -4.63 -2.93
CA GLY A 231 -33.05 -3.42 -2.46
C GLY A 231 -31.55 -3.54 -2.58
N VAL A 232 -30.86 -2.41 -2.72
CA VAL A 232 -29.37 -2.41 -2.88
C VAL A 232 -28.73 -1.89 -1.59
N TYR A 233 -27.65 -2.55 -1.16
CA TYR A 233 -26.98 -2.17 0.10
C TYR A 233 -25.48 -2.05 -0.15
N VAL A 234 -24.82 -1.09 0.49
CA VAL A 234 -23.34 -0.99 0.38
C VAL A 234 -22.74 -2.20 1.09
N ARG A 235 -21.82 -2.90 0.43
CA ARG A 235 -21.16 -4.09 1.04
C ARG A 235 -20.13 -3.61 2.06
N VAL A 236 -20.43 -3.73 3.35
CA VAL A 236 -19.52 -3.23 4.43
C VAL A 236 -18.13 -3.89 4.33
N SER A 237 -18.08 -5.17 3.94
CA SER A 237 -16.81 -5.92 3.84
C SER A 237 -15.78 -5.14 3.00
N ARG A 238 -16.24 -4.45 1.96
CA ARG A 238 -15.32 -3.74 1.04
C ARG A 238 -14.85 -2.41 1.64
N PHE A 239 -15.26 -2.10 2.88
CA PHE A 239 -14.93 -0.76 3.45
C PHE A 239 -14.46 -0.88 4.90
N VAL A 240 -14.25 -2.11 5.38
CA VAL A 240 -13.81 -2.34 6.79
C VAL A 240 -12.43 -1.70 7.01
N THR A 241 -11.51 -1.87 6.06
CA THR A 241 -10.16 -1.26 6.16
CA THR A 241 -10.15 -1.27 6.18
C THR A 241 -10.18 0.28 6.27
N TRP A 242 -11.06 0.85 5.46
CA TRP A 242 -11.25 2.34 5.48
C TRP A 242 -11.87 2.77 6.82
N ILE A 243 -12.92 2.08 7.25
CA ILE A 243 -13.63 2.46 8.52
C ILE A 243 -12.63 2.39 9.69
N GLU A 244 -11.88 1.29 9.79
CA GLU A 244 -10.93 1.12 10.92
C GLU A 244 -9.86 2.22 10.86
N GLY A 245 -9.36 2.53 9.66
CA GLY A 245 -8.38 3.61 9.50
C GLY A 245 -8.90 4.93 10.04
N VAL A 246 -10.11 5.32 9.62
CA VAL A 246 -10.71 6.61 10.08
C VAL A 246 -10.80 6.60 11.61
N MET A 247 -11.30 5.52 12.20
CA MET A 247 -11.49 5.48 13.68
CA MET A 247 -11.49 5.48 13.68
C MET A 247 -10.16 5.50 14.46
N ARG A 248 -9.18 4.79 13.92
CA ARG A 248 -7.82 4.74 14.55
C ARG A 248 -7.13 6.09 14.39
N ASN A 249 -7.36 6.79 13.29
CA ASN A 249 -6.60 8.04 13.01
C ASN A 249 -7.30 9.26 13.60
N ASN A 250 -8.62 9.21 13.80
CA ASN A 250 -9.33 10.44 14.24
C ASN A 250 -10.08 10.20 15.55
N PRO B 3 -27.32 28.83 -39.35
CA PRO B 3 -26.73 29.51 -38.20
C PRO B 3 -26.64 28.59 -36.98
N SER B 4 -26.78 27.28 -37.18
CA SER B 4 -26.72 26.30 -36.06
CA SER B 4 -26.72 26.31 -36.05
C SER B 4 -25.34 25.66 -35.83
N PHE B 5 -25.03 25.51 -34.54
CA PHE B 5 -23.76 24.81 -34.18
C PHE B 5 -24.07 23.38 -33.73
N ASP B 6 -23.66 22.39 -34.53
CA ASP B 6 -23.87 20.97 -34.16
C ASP B 6 -23.04 20.62 -32.93
N CYS B 7 -23.50 19.65 -32.14
CA CYS B 7 -22.79 19.26 -30.89
C CYS B 7 -21.44 18.60 -31.19
N GLY B 8 -20.48 18.71 -30.26
CA GLY B 8 -19.20 18.01 -30.41
C GLY B 8 -18.27 18.58 -31.47
N LYS B 9 -18.68 19.66 -32.13
CA LYS B 9 -17.85 20.20 -33.25
C LYS B 9 -17.36 21.61 -32.88
N PRO B 10 -16.17 21.74 -32.25
CA PRO B 10 -15.63 23.05 -31.89
C PRO B 10 -15.35 23.91 -33.14
N GLN B 11 -15.47 25.23 -33.01
CA GLN B 11 -15.19 26.17 -34.13
C GLN B 11 -13.71 26.53 -34.09
N VAL B 12 -13.04 26.24 -32.97
CA VAL B 12 -11.56 26.45 -32.86
C VAL B 12 -10.97 25.06 -32.64
N GLU B 13 -10.27 24.51 -33.63
CA GLU B 13 -9.78 23.11 -33.50
C GLU B 13 -8.87 23.01 -32.28
N PRO B 14 -9.14 22.08 -31.33
CA PRO B 14 -8.26 21.89 -30.19
C PRO B 14 -6.84 21.48 -30.58
N LYS B 15 -5.85 21.93 -29.81
CA LYS B 15 -4.45 21.47 -30.02
C LYS B 15 -4.38 20.02 -29.55
N LYS B 16 -3.47 19.21 -30.09
CA LYS B 16 -3.47 17.75 -29.78
C LYS B 16 -2.74 17.46 -28.46
N CYS B 17 -1.68 18.19 -28.16
CA CYS B 17 -1.02 18.00 -26.84
C CYS B 17 -0.73 16.51 -26.62
N PRO B 18 0.06 15.84 -27.49
CA PRO B 18 0.42 14.44 -27.29
C PRO B 18 1.61 14.29 -26.33
N VAL B 21 -5.62 20.59 -13.92
CA VAL B 21 -4.99 19.54 -14.76
C VAL B 21 -3.47 19.57 -14.54
N VAL B 22 -2.88 18.40 -14.26
CA VAL B 22 -1.42 18.29 -14.07
C VAL B 22 -0.82 17.80 -15.38
N GLY B 23 0.20 18.49 -15.89
CA GLY B 23 0.77 18.13 -17.21
C GLY B 23 -0.09 18.66 -18.34
N GLY B 24 -0.11 17.97 -19.48
CA GLY B 24 -0.86 18.44 -20.65
C GLY B 24 -0.42 19.84 -21.06
N CYS B 25 -1.36 20.69 -21.47
CA CYS B 25 -1.02 22.05 -21.93
C CYS B 25 -2.24 22.98 -21.90
N VAL B 26 -2.00 24.29 -22.03
CA VAL B 26 -3.13 25.26 -22.10
C VAL B 26 -3.86 25.04 -23.42
N ALA B 27 -5.19 25.00 -23.38
CA ALA B 27 -5.98 24.71 -24.61
C ALA B 27 -6.08 25.96 -25.48
N HIS B 28 -6.34 25.76 -26.78
CA HIS B 28 -6.64 26.94 -27.62
C HIS B 28 -7.90 27.57 -27.04
N PRO B 29 -7.95 28.89 -26.79
CA PRO B 29 -9.19 29.50 -26.31
C PRO B 29 -10.43 29.06 -27.12
N HIS B 30 -11.48 28.59 -26.44
CA HIS B 30 -12.77 28.23 -27.10
C HIS B 30 -12.65 26.93 -27.92
N SER B 31 -11.59 26.13 -27.68
CA SER B 31 -11.41 24.83 -28.37
C SER B 31 -12.30 23.76 -27.71
N TRP B 32 -12.79 24.04 -26.51
CA TRP B 32 -13.69 23.10 -25.79
C TRP B 32 -14.95 23.88 -25.42
N PRO B 33 -15.84 24.21 -26.39
CA PRO B 33 -17.00 25.08 -26.11
C PRO B 33 -18.05 24.55 -25.12
N TRP B 34 -17.96 23.27 -24.74
CA TRP B 34 -18.94 22.66 -23.80
C TRP B 34 -18.42 22.73 -22.36
N GLN B 35 -17.18 23.19 -22.17
CA GLN B 35 -16.56 23.21 -20.81
C GLN B 35 -17.30 24.24 -19.94
N VAL B 36 -17.65 23.84 -18.72
CA VAL B 36 -18.39 24.73 -17.79
C VAL B 36 -17.56 24.97 -16.54
N SER B 37 -17.68 26.14 -15.93
CA SER B 37 -17.03 26.39 -14.61
C SER B 37 -18.16 26.48 -13.59
N LEU B 38 -18.28 25.48 -12.72
CA LEU B 38 -19.33 25.50 -11.66
C LEU B 38 -18.82 26.41 -10.55
N ARG B 39 -19.62 27.40 -10.18
CA ARG B 39 -19.15 28.40 -9.23
C ARG B 39 -20.18 28.75 -8.15
N THR B 40 -19.68 29.30 -7.05
CA THR B 40 -20.57 29.79 -5.97
C THR B 40 -21.30 31.03 -6.44
N ARG B 41 -22.36 31.40 -5.72
CA ARG B 41 -23.08 32.66 -6.03
C ARG B 41 -22.08 33.81 -5.91
N PHE B 42 -20.92 33.54 -5.31
CA PHE B 42 -19.87 34.58 -5.11
C PHE B 42 -18.72 34.38 -6.11
N GLY B 43 -18.96 33.63 -7.19
CA GLY B 43 -17.95 33.47 -8.28
C GLY B 43 -16.68 32.72 -7.93
N MET B 44 -16.76 31.74 -7.03
CA MET B 44 -15.54 30.92 -6.77
C MET B 44 -15.63 29.60 -7.55
N HIS B 45 -14.60 29.27 -8.32
CA HIS B 45 -14.58 27.99 -9.09
C HIS B 45 -14.28 26.82 -8.14
N PHE B 46 -15.12 25.80 -8.16
CA PHE B 46 -14.91 24.61 -7.28
C PHE B 46 -15.01 23.31 -8.10
N CYS B 47 -15.52 23.39 -9.33
CA CYS B 47 -15.70 22.16 -10.14
C CYS B 47 -15.91 22.50 -11.62
N GLY B 48 -15.76 21.50 -12.48
CA GLY B 48 -16.04 21.69 -13.92
C GLY B 48 -17.37 21.06 -14.27
N GLY B 49 -17.80 21.21 -15.52
CA GLY B 49 -19.06 20.63 -15.98
C GLY B 49 -19.11 20.57 -17.49
N THR B 50 -20.11 19.91 -18.05
CA THR B 50 -20.20 19.76 -19.52
C THR B 50 -21.58 20.19 -20.02
N LEU B 51 -21.63 21.15 -20.94
CA LEU B 51 -22.92 21.55 -21.56
C LEU B 51 -23.35 20.45 -22.52
N ILE B 52 -24.52 19.85 -22.31
CA ILE B 52 -25.01 18.74 -23.19
C ILE B 52 -26.24 19.27 -23.94
N SER B 53 -26.80 20.37 -23.47
CA SER B 53 -27.96 21.01 -24.15
CA SER B 53 -27.94 21.01 -24.17
C SER B 53 -27.96 22.48 -23.71
N PRO B 54 -28.69 23.34 -24.47
CA PRO B 54 -28.73 24.76 -24.14
C PRO B 54 -29.09 25.02 -22.67
N GLU B 55 -29.88 24.13 -22.05
CA GLU B 55 -30.34 24.39 -20.66
C GLU B 55 -29.86 23.28 -19.69
N TRP B 56 -28.93 22.43 -20.10
CA TRP B 56 -28.55 21.29 -19.23
C TRP B 56 -27.03 21.13 -19.11
N VAL B 57 -26.53 21.02 -17.88
CA VAL B 57 -25.08 20.80 -17.65
C VAL B 57 -24.89 19.50 -16.85
N LEU B 58 -24.03 18.61 -17.34
CA LEU B 58 -23.73 17.35 -16.62
C LEU B 58 -22.49 17.57 -15.73
N THR B 59 -22.58 17.18 -14.47
CA THR B 59 -21.43 17.32 -13.54
C THR B 59 -21.40 16.13 -12.57
N ALA B 60 -20.42 16.13 -11.66
CA ALA B 60 -20.32 15.08 -10.63
C ALA B 60 -21.20 15.46 -9.43
N ALA B 61 -21.96 14.50 -8.90
CA ALA B 61 -22.84 14.75 -7.73
C ALA B 61 -22.02 15.31 -6.56
N HIS B 62 -20.78 14.83 -6.39
CA HIS B 62 -19.92 15.27 -5.26
C HIS B 62 -19.70 16.79 -5.28
N CYS B 63 -19.77 17.40 -6.46
CA CYS B 63 -19.54 18.87 -6.59
C CYS B 63 -20.67 19.66 -5.92
N LEU B 64 -21.75 18.99 -5.52
CA LEU B 64 -22.91 19.67 -4.90
C LEU B 64 -23.04 19.29 -3.42
N GLU B 65 -21.99 18.74 -2.83
CA GLU B 65 -22.06 18.27 -1.42
C GLU B 65 -22.22 19.43 -0.44
N LYS B 66 -21.83 20.65 -0.83
CA LYS B 66 -21.84 21.79 0.11
C LYS B 66 -23.25 22.40 0.25
N SER B 67 -24.13 22.19 -0.75
CA SER B 67 -25.47 22.83 -0.70
C SER B 67 -26.47 22.10 -1.59
N PRO B 68 -27.69 21.78 -1.11
CA PRO B 68 -28.72 21.17 -1.95
C PRO B 68 -29.58 22.22 -2.66
N ARG B 69 -29.28 23.51 -2.46
CA ARG B 69 -30.11 24.60 -3.03
C ARG B 69 -29.54 25.03 -4.40
N PRO B 70 -30.34 25.00 -5.49
CA PRO B 70 -29.85 25.41 -6.80
C PRO B 70 -29.38 26.87 -6.81
N SER B 71 -29.91 27.69 -5.90
CA SER B 71 -29.57 29.13 -5.86
C SER B 71 -28.11 29.34 -5.41
N SER B 72 -27.49 28.32 -4.84
CA SER B 72 -26.09 28.46 -4.34
C SER B 72 -25.10 28.23 -5.48
N TYR B 73 -25.59 27.96 -6.69
CA TYR B 73 -24.66 27.61 -7.80
C TYR B 73 -24.81 28.50 -9.02
N LYS B 74 -23.69 28.81 -9.68
CA LYS B 74 -23.73 29.56 -10.96
C LYS B 74 -22.83 28.84 -11.96
N VAL B 75 -23.18 28.87 -13.24
CA VAL B 75 -22.34 28.24 -14.30
C VAL B 75 -21.68 29.33 -15.14
N ILE B 76 -20.42 29.12 -15.51
CA ILE B 76 -19.68 30.08 -16.38
C ILE B 76 -19.41 29.38 -17.70
N LEU B 77 -19.80 29.99 -18.82
CA LEU B 77 -19.67 29.34 -20.15
C LEU B 77 -18.87 30.24 -21.10
N GLY B 78 -18.13 29.64 -22.03
CA GLY B 78 -17.34 30.40 -23.02
C GLY B 78 -16.07 30.96 -22.44
N ALA B 79 -15.66 30.46 -21.27
CA ALA B 79 -14.48 31.06 -20.59
C ALA B 79 -13.18 30.32 -20.93
N HIS B 80 -12.06 31.03 -20.82
CA HIS B 80 -10.72 30.40 -20.99
C HIS B 80 -9.94 30.71 -19.72
N GLN B 81 -10.22 31.88 -19.12
CA GLN B 81 -9.55 32.28 -17.86
C GLN B 81 -10.37 31.75 -16.67
N GLU B 82 -9.75 31.70 -15.49
CA GLU B 82 -10.45 31.27 -14.26
C GLU B 82 -10.87 32.52 -13.47
N VAL B 83 -10.02 33.54 -13.43
CA VAL B 83 -10.33 34.74 -12.60
C VAL B 83 -10.70 35.93 -13.50
N ASN B 84 -9.81 36.35 -14.38
CA ASN B 84 -10.07 37.54 -15.24
C ASN B 84 -10.92 37.14 -16.44
N LEU B 85 -12.19 36.84 -16.21
CA LEU B 85 -13.09 36.37 -17.30
C LEU B 85 -13.33 37.49 -18.32
N GLU B 86 -13.40 37.13 -19.60
CA GLU B 86 -13.64 38.14 -20.66
C GLU B 86 -15.10 38.60 -20.60
N PRO B 87 -15.46 39.77 -21.17
CA PRO B 87 -16.83 40.30 -21.05
C PRO B 87 -17.93 39.44 -21.66
N HIS B 88 -17.63 38.67 -22.70
CA HIS B 88 -18.70 37.91 -23.41
C HIS B 88 -18.94 36.55 -22.74
N VAL B 89 -18.18 36.22 -21.70
CA VAL B 89 -18.43 34.96 -20.94
C VAL B 89 -19.86 34.99 -20.39
N GLN B 90 -20.60 33.90 -20.52
CA GLN B 90 -21.99 33.83 -20.03
C GLN B 90 -22.02 33.23 -18.62
N GLU B 91 -22.63 33.94 -17.66
CA GLU B 91 -22.81 33.39 -16.30
C GLU B 91 -24.30 33.15 -16.07
N ILE B 92 -24.70 31.91 -15.81
CA ILE B 92 -26.16 31.59 -15.68
C ILE B 92 -26.41 30.93 -14.32
N GLU B 93 -27.54 31.24 -13.71
CA GLU B 93 -27.86 30.66 -12.37
C GLU B 93 -28.58 29.32 -12.59
N VAL B 94 -28.45 28.40 -11.64
CA VAL B 94 -29.06 27.06 -11.79
C VAL B 94 -30.46 27.08 -11.18
N SER B 95 -31.42 26.41 -11.83
CA SER B 95 -32.83 26.41 -11.36
C SER B 95 -33.15 25.12 -10.61
N ARG B 96 -32.52 24.00 -10.99
CA ARG B 96 -32.84 22.70 -10.34
C ARG B 96 -31.63 21.76 -10.39
N LEU B 97 -31.48 20.91 -9.36
CA LEU B 97 -30.38 19.91 -9.33
C LEU B 97 -30.98 18.51 -9.39
N PHE B 98 -30.49 17.66 -10.28
CA PHE B 98 -30.99 16.27 -10.41
C PHE B 98 -29.84 15.29 -10.19
N LEU B 99 -29.80 14.66 -9.01
CA LEU B 99 -28.71 13.70 -8.69
C LEU B 99 -29.07 12.32 -9.25
N GLU B 100 -28.06 11.54 -9.65
CA GLU B 100 -28.33 10.18 -10.20
C GLU B 100 -28.99 9.35 -9.10
N PRO B 101 -30.09 8.63 -9.41
CA PRO B 101 -30.84 7.92 -8.37
C PRO B 101 -30.24 6.62 -7.79
N THR B 102 -29.18 6.09 -8.41
CA THR B 102 -28.50 4.89 -7.84
C THR B 102 -27.23 5.30 -7.10
N ARG B 103 -27.15 6.56 -6.67
CA ARG B 103 -25.98 7.04 -5.86
C ARG B 103 -24.69 7.06 -6.66
N LYS B 104 -24.78 7.24 -7.98
CA LYS B 104 -23.55 7.36 -8.81
C LYS B 104 -23.04 8.80 -8.77
N ASP B 105 -21.74 9.04 -9.00
CA ASP B 105 -21.15 10.40 -8.87
C ASP B 105 -21.44 11.24 -10.12
N ILE B 106 -22.71 11.36 -10.50
CA ILE B 106 -23.10 12.17 -11.69
C ILE B 106 -24.38 12.91 -11.37
N ALA B 107 -24.56 14.11 -11.94
CA ALA B 107 -25.73 14.94 -11.64
C ALA B 107 -26.03 15.88 -12.80
N LEU B 108 -27.29 16.24 -12.99
CA LEU B 108 -27.66 17.21 -14.05
C LEU B 108 -28.09 18.52 -13.41
N LEU B 109 -27.59 19.64 -13.92
CA LEU B 109 -28.04 20.97 -13.45
C LEU B 109 -28.87 21.60 -14.56
N LYS B 110 -30.09 22.04 -14.25
CA LYS B 110 -30.90 22.75 -15.27
C LYS B 110 -30.65 24.25 -15.09
N LEU B 111 -30.41 24.95 -16.19
CA LEU B 111 -30.07 26.39 -16.08
C LEU B 111 -31.36 27.23 -16.02
N SER B 112 -31.36 28.29 -15.21
CA SER B 112 -32.53 29.20 -15.13
C SER B 112 -32.86 29.71 -16.53
N SER B 113 -31.82 30.01 -17.32
CA SER B 113 -32.01 30.52 -18.69
C SER B 113 -31.21 29.65 -19.66
N PRO B 114 -31.72 29.31 -20.86
CA PRO B 114 -30.94 28.58 -21.84
C PRO B 114 -29.67 29.34 -22.20
N ALA B 115 -28.53 28.65 -22.32
CA ALA B 115 -27.28 29.32 -22.76
C ALA B 115 -27.46 29.82 -24.19
N VAL B 116 -26.75 30.88 -24.54
CA VAL B 116 -26.80 31.35 -25.96
C VAL B 116 -25.75 30.53 -26.74
N ILE B 117 -26.19 29.81 -27.76
CA ILE B 117 -25.26 28.94 -28.54
C ILE B 117 -24.45 29.81 -29.50
N THR B 118 -23.15 29.94 -29.26
CA THR B 118 -22.26 30.77 -30.11
C THR B 118 -21.12 29.88 -30.63
N ASP B 119 -20.16 30.47 -31.34
CA ASP B 119 -18.97 29.70 -31.77
C ASP B 119 -18.08 29.41 -30.56
N LYS B 120 -18.41 29.97 -29.39
CA LYS B 120 -17.59 29.79 -28.16
C LYS B 120 -18.37 29.00 -27.11
N VAL B 121 -19.67 28.79 -27.33
CA VAL B 121 -20.52 28.01 -26.37
C VAL B 121 -21.32 27.01 -27.21
N ILE B 122 -20.91 25.73 -27.18
CA ILE B 122 -21.57 24.68 -27.99
C ILE B 122 -21.64 23.42 -27.14
N PRO B 123 -22.77 22.67 -27.11
CA PRO B 123 -22.89 21.50 -26.27
C PRO B 123 -22.06 20.33 -26.80
N ALA B 124 -21.68 19.41 -25.91
CA ALA B 124 -20.97 18.20 -26.35
C ALA B 124 -22.01 17.17 -26.80
N CYS B 125 -21.60 16.17 -27.59
CA CYS B 125 -22.54 15.09 -27.98
C CYS B 125 -22.51 13.98 -26.93
N LEU B 126 -23.63 13.30 -26.72
CA LEU B 126 -23.69 12.17 -25.75
C LEU B 126 -23.41 10.86 -26.49
N PRO B 127 -22.91 9.81 -25.81
CA PRO B 127 -22.61 8.54 -26.46
C PRO B 127 -23.83 7.62 -26.59
N SER B 128 -23.72 6.57 -27.40
CA SER B 128 -24.81 5.57 -27.52
C SER B 128 -24.87 4.78 -26.22
N PRO B 129 -26.07 4.41 -25.71
CA PRO B 129 -26.17 3.73 -24.42
C PRO B 129 -25.34 2.44 -24.31
N ASN B 130 -24.51 2.33 -23.28
CA ASN B 130 -23.74 1.08 -22.99
C ASN B 130 -22.51 0.96 -23.90
N TYR B 131 -22.19 1.97 -24.70
CA TYR B 131 -20.93 1.92 -25.47
C TYR B 131 -19.77 1.84 -24.48
N VAL B 132 -18.78 1.00 -24.77
CA VAL B 132 -17.58 0.88 -23.89
C VAL B 132 -16.36 1.39 -24.67
N VAL B 133 -15.77 2.50 -24.25
CA VAL B 133 -14.56 3.04 -24.91
C VAL B 133 -13.47 1.96 -24.87
N ALA B 134 -12.88 1.63 -26.02
CA ALA B 134 -11.89 0.53 -26.10
C ALA B 134 -10.62 0.87 -25.31
N ASP B 135 -9.84 -0.16 -24.96
CA ASP B 135 -8.57 0.05 -24.25
C ASP B 135 -7.61 0.85 -25.14
N ARG B 136 -6.83 1.76 -24.55
CA ARG B 136 -5.80 2.53 -25.31
C ARG B 136 -6.45 3.66 -26.13
N THR B 137 -7.77 3.74 -26.18
CA THR B 137 -8.43 4.84 -26.91
C THR B 137 -7.99 6.18 -26.31
N GLU B 138 -7.36 7.03 -27.12
CA GLU B 138 -6.87 8.34 -26.65
C GLU B 138 -8.06 9.28 -26.50
N CYS B 139 -8.20 9.90 -25.34
CA CYS B 139 -9.33 10.82 -25.10
C CYS B 139 -8.79 12.12 -24.49
N PHE B 140 -9.64 13.13 -24.34
CA PHE B 140 -9.17 14.44 -23.83
C PHE B 140 -9.90 14.81 -22.53
N ILE B 141 -9.15 15.19 -21.50
CA ILE B 141 -9.76 15.70 -20.25
C ILE B 141 -9.46 17.20 -20.22
N THR B 142 -10.35 18.00 -19.66
CA THR B 142 -10.16 19.48 -19.66
C THR B 142 -10.60 20.07 -18.33
N GLY B 143 -9.97 21.18 -17.90
CA GLY B 143 -10.39 21.85 -16.65
C GLY B 143 -9.44 22.92 -16.17
N TRP B 144 -9.83 23.65 -15.11
CA TRP B 144 -9.00 24.72 -14.52
C TRP B 144 -8.45 24.26 -13.17
N GLY B 145 -8.24 22.96 -12.98
CA GLY B 145 -7.84 22.45 -11.66
C GLY B 145 -6.39 22.66 -11.29
N GLU B 146 -5.96 22.09 -10.16
CA GLU B 146 -4.55 22.20 -9.69
C GLU B 146 -3.62 21.67 -10.78
N THR B 147 -2.45 22.31 -10.93
CA THR B 147 -1.47 21.89 -11.96
C THR B 147 -0.27 21.23 -11.28
N GLN B 148 -0.21 21.27 -9.95
CA GLN B 148 0.92 20.67 -9.19
C GLN B 148 2.24 21.16 -9.79
N GLY B 149 2.39 22.48 -9.96
CA GLY B 149 3.66 23.04 -10.45
C GLY B 149 3.79 22.96 -11.96
N THR B 150 2.81 22.35 -12.64
CA THR B 150 2.84 22.32 -14.12
C THR B 150 2.34 23.68 -14.63
N PHE B 151 2.78 24.10 -15.80
CA PHE B 151 2.38 25.41 -16.37
C PHE B 151 0.86 25.47 -16.61
N GLY B 152 0.29 26.67 -16.79
CA GLY B 152 -1.12 26.78 -17.18
C GLY B 152 -2.11 27.03 -16.05
N ALA B 153 -1.65 27.25 -14.83
CA ALA B 153 -2.58 27.58 -13.73
C ALA B 153 -3.35 28.86 -14.06
N GLY B 154 -4.66 28.87 -13.82
CA GLY B 154 -5.49 30.04 -14.11
C GLY B 154 -6.09 29.98 -15.51
N LEU B 155 -5.61 29.05 -16.33
CA LEU B 155 -6.08 28.95 -17.74
C LEU B 155 -6.70 27.57 -18.01
N LEU B 156 -7.65 27.50 -18.93
CA LEU B 156 -8.27 26.19 -19.30
C LEU B 156 -7.18 25.28 -19.85
N LYS B 157 -6.95 24.15 -19.17
CA LYS B 157 -5.88 23.23 -19.61
C LYS B 157 -6.50 21.95 -20.16
N GLU B 158 -5.71 21.16 -20.87
CA GLU B 158 -6.21 19.91 -21.47
C GLU B 158 -5.11 18.85 -21.38
N ALA B 159 -5.50 17.59 -21.48
CA ALA B 159 -4.52 16.48 -21.46
C ALA B 159 -5.04 15.33 -22.31
N GLN B 160 -4.22 14.85 -23.25
CA GLN B 160 -4.62 13.66 -24.05
C GLN B 160 -4.21 12.44 -23.26
N LEU B 161 -5.18 11.65 -22.82
CA LEU B 161 -4.88 10.48 -21.97
C LEU B 161 -5.43 9.21 -22.60
N PRO B 162 -4.69 8.08 -22.56
CA PRO B 162 -5.21 6.82 -23.07
C PRO B 162 -6.19 6.20 -22.06
N VAL B 163 -7.30 5.66 -22.56
CA VAL B 163 -8.25 4.94 -21.66
C VAL B 163 -7.65 3.59 -21.30
N ILE B 164 -7.80 3.17 -20.04
CA ILE B 164 -7.31 1.85 -19.60
C ILE B 164 -8.53 0.99 -19.26
N GLU B 165 -8.71 -0.13 -19.96
CA GLU B 165 -9.87 -1.02 -19.69
C GLU B 165 -9.96 -1.30 -18.19
N ASN B 166 -11.18 -1.47 -17.68
CA ASN B 166 -11.39 -1.65 -16.22
C ASN B 166 -10.61 -2.87 -15.70
N LYS B 167 -10.63 -3.98 -16.42
CA LYS B 167 -9.95 -5.22 -15.94
C LYS B 167 -8.46 -4.94 -15.69
N VAL B 168 -7.83 -4.15 -16.56
CA VAL B 168 -6.39 -3.80 -16.37
C VAL B 168 -6.28 -2.75 -15.24
N CYS B 169 -7.22 -1.82 -15.18
CA CYS B 169 -7.21 -0.74 -14.15
C CYS B 169 -7.44 -1.34 -12.77
N ASN B 170 -8.14 -2.47 -12.69
CA ASN B 170 -8.48 -3.08 -11.37
C ASN B 170 -7.40 -4.09 -10.95
N ARG B 171 -6.29 -4.16 -11.69
CA ARG B 171 -5.16 -5.04 -11.28
C ARG B 171 -4.58 -4.50 -9.97
N TYR B 172 -3.97 -5.37 -9.16
CA TYR B 172 -3.43 -4.96 -7.84
C TYR B 172 -2.40 -3.85 -8.00
N GLU B 173 -1.65 -3.85 -9.10
CA GLU B 173 -0.56 -2.85 -9.26
C GLU B 173 -1.15 -1.49 -9.63
N PHE B 174 -2.46 -1.42 -9.88
CA PHE B 174 -3.11 -0.14 -10.26
C PHE B 174 -4.11 0.27 -9.17
N LEU B 175 -5.41 0.09 -9.42
CA LEU B 175 -6.42 0.55 -8.44
C LEU B 175 -6.99 -0.64 -7.64
N ASN B 176 -6.49 -1.85 -7.89
CA ASN B 176 -6.87 -3.04 -7.07
C ASN B 176 -8.37 -3.23 -6.93
N GLY B 177 -9.06 -3.61 -8.01
CA GLY B 177 -10.51 -3.92 -7.95
C GLY B 177 -11.37 -2.81 -7.36
N ARG B 178 -10.93 -1.57 -7.40
CA ARG B 178 -11.75 -0.43 -6.88
C ARG B 178 -12.71 0.09 -7.96
N VAL B 179 -12.34 -0.01 -9.24
CA VAL B 179 -13.18 0.58 -10.33
C VAL B 179 -14.41 -0.27 -10.59
N GLN B 180 -15.55 0.37 -10.80
CA GLN B 180 -16.82 -0.36 -11.07
C GLN B 180 -17.16 -0.31 -12.55
N SER B 181 -18.11 -1.13 -12.99
CA SER B 181 -18.52 -1.18 -14.42
C SER B 181 -19.02 0.20 -14.88
N THR B 182 -19.65 0.96 -13.97
CA THR B 182 -20.23 2.27 -14.32
C THR B 182 -19.15 3.35 -14.31
N GLU B 183 -17.89 2.93 -14.22
CA GLU B 183 -16.75 3.89 -14.23
C GLU B 183 -15.73 3.46 -15.28
N LEU B 184 -14.83 4.36 -15.66
CA LEU B 184 -13.75 4.04 -16.64
C LEU B 184 -12.46 4.69 -16.17
N CYS B 185 -11.31 4.15 -16.59
CA CYS B 185 -10.01 4.69 -16.15
C CYS B 185 -9.28 5.33 -17.34
N ALA B 186 -8.49 6.36 -17.07
CA ALA B 186 -7.67 6.99 -18.12
C ALA B 186 -6.38 7.51 -17.48
N GLY B 187 -5.24 7.33 -18.15
CA GLY B 187 -3.98 7.89 -17.62
C GLY B 187 -2.73 7.22 -18.19
N HIS B 188 -1.57 7.76 -17.85
CA HIS B 188 -0.29 7.14 -18.26
C HIS B 188 0.24 6.29 -17.09
N LEU B 189 0.75 5.10 -17.39
CA LEU B 189 1.31 4.22 -16.34
C LEU B 189 2.36 4.99 -15.54
N ALA B 190 3.24 5.73 -16.22
CA ALA B 190 4.35 6.45 -15.55
C ALA B 190 3.83 7.66 -14.76
N GLY B 191 2.59 8.07 -15.01
CA GLY B 191 2.02 9.24 -14.31
C GLY B 191 2.47 10.55 -14.95
N GLY B 192 2.32 11.65 -14.23
CA GLY B 192 2.78 12.97 -14.74
C GLY B 192 1.65 13.79 -15.32
N THR B 193 0.64 13.15 -15.89
CA THR B 193 -0.47 13.87 -16.56
C THR B 193 -1.79 13.35 -16.01
N ASP B 194 -2.67 14.26 -15.57
CA ASP B 194 -3.90 13.77 -14.91
C ASP B 194 -4.81 14.92 -14.49
N SER B 195 -6.11 14.66 -14.36
CA SER B 195 -7.01 15.68 -13.78
C SER B 195 -6.64 15.81 -12.30
N CYS B 196 -6.93 16.95 -11.68
CA CYS B 196 -6.61 17.15 -10.24
C CYS B 196 -7.67 18.03 -9.59
N GLN B 197 -7.47 18.42 -8.33
CA GLN B 197 -8.48 19.21 -7.58
C GLN B 197 -9.03 20.36 -8.43
N GLY B 198 -10.35 20.49 -8.53
CA GLY B 198 -10.98 21.55 -9.34
C GLY B 198 -11.45 21.05 -10.69
N ASP B 199 -10.99 19.86 -11.11
CA ASP B 199 -11.36 19.32 -12.44
C ASP B 199 -12.59 18.40 -12.32
N SER B 200 -12.95 18.00 -11.09
CA SER B 200 -14.10 17.10 -10.87
C SER B 200 -15.36 17.64 -11.54
N GLY B 201 -16.17 16.74 -12.13
CA GLY B 201 -17.41 17.15 -12.82
C GLY B 201 -17.13 17.53 -14.26
N GLY B 202 -15.86 17.72 -14.59
CA GLY B 202 -15.47 18.13 -15.95
C GLY B 202 -15.59 17.03 -16.98
N PRO B 203 -15.44 17.34 -18.28
CA PRO B 203 -15.63 16.36 -19.34
C PRO B 203 -14.44 15.50 -19.75
N LEU B 204 -14.70 14.23 -20.06
CA LEU B 204 -13.66 13.38 -20.68
C LEU B 204 -14.25 13.06 -22.04
N VAL B 205 -13.68 13.61 -23.11
CA VAL B 205 -14.29 13.43 -24.46
C VAL B 205 -13.37 12.59 -25.35
N CYS B 206 -13.96 11.91 -26.32
CA CYS B 206 -13.17 11.09 -27.27
C CYS B 206 -13.63 11.42 -28.70
N PHE B 207 -12.67 11.65 -29.59
CA PHE B 207 -12.99 11.97 -31.00
C PHE B 207 -13.57 10.75 -31.71
N GLU B 208 -14.71 10.93 -32.32
CA GLU B 208 -15.36 9.82 -33.06
C GLU B 208 -15.77 10.30 -34.45
N LYS B 209 -15.06 9.85 -35.48
CA LYS B 209 -15.33 10.20 -36.90
C LYS B 209 -15.09 11.69 -37.20
N ASP B 210 -15.94 12.59 -36.74
CA ASP B 210 -15.79 14.04 -37.07
C ASP B 210 -16.16 14.95 -35.90
N LYS B 211 -16.44 14.37 -34.73
CA LYS B 211 -16.91 15.17 -33.58
C LYS B 211 -16.42 14.58 -32.25
N TYR B 212 -16.49 15.36 -31.19
CA TYR B 212 -16.10 14.87 -29.85
C TYR B 212 -17.35 14.37 -29.12
N ILE B 213 -17.24 13.20 -28.50
CA ILE B 213 -18.38 12.62 -27.72
CA ILE B 213 -18.38 12.64 -27.72
C ILE B 213 -18.04 12.53 -26.22
N LEU B 214 -19.01 12.95 -25.41
CA LEU B 214 -18.82 12.89 -23.94
C LEU B 214 -18.84 11.42 -23.49
N GLN B 215 -17.69 10.92 -23.03
CA GLN B 215 -17.60 9.49 -22.60
C GLN B 215 -17.42 9.41 -21.09
N GLY B 216 -16.79 10.42 -20.47
CA GLY B 216 -16.50 10.35 -19.03
C GLY B 216 -16.74 11.62 -18.26
N VAL B 217 -17.05 11.51 -16.96
CA VAL B 217 -17.18 12.70 -16.08
C VAL B 217 -16.14 12.55 -14.96
N THR B 218 -15.14 13.45 -14.92
CA THR B 218 -14.07 13.40 -13.90
C THR B 218 -14.70 13.18 -12.51
N SER B 219 -14.29 12.12 -11.80
CA SER B 219 -14.91 11.78 -10.50
C SER B 219 -13.88 11.73 -9.36
N TRP B 220 -12.96 10.77 -9.39
CA TRP B 220 -12.02 10.61 -8.25
C TRP B 220 -10.76 9.87 -8.66
N GLY B 221 -9.75 9.86 -7.79
CA GLY B 221 -8.52 9.10 -8.04
C GLY B 221 -7.69 8.93 -6.78
N LEU B 222 -6.68 8.07 -6.83
CA LEU B 222 -5.75 7.93 -5.67
C LEU B 222 -4.65 8.96 -5.89
N GLY B 223 -4.87 10.21 -5.46
CA GLY B 223 -3.91 11.28 -5.76
C GLY B 223 -4.06 11.77 -7.20
N CYS B 224 -3.12 12.58 -7.68
CA CYS B 224 -3.15 13.05 -9.09
C CYS B 224 -1.83 12.73 -9.79
N ALA B 225 -1.88 12.21 -11.02
CA ALA B 225 -0.66 12.00 -11.83
C ALA B 225 0.37 11.13 -11.12
N ARG B 226 -0.07 10.24 -10.23
CA ARG B 226 0.88 9.31 -9.58
C ARG B 226 1.11 8.12 -10.52
N PRO B 227 2.31 7.52 -10.58
CA PRO B 227 2.55 6.33 -11.40
C PRO B 227 1.61 5.17 -11.02
N ASN B 228 1.15 4.41 -12.02
CA ASN B 228 0.24 3.25 -11.76
CA ASN B 228 0.24 3.25 -11.76
C ASN B 228 -1.09 3.62 -11.05
N LYS B 229 -1.39 4.91 -11.16
CA LYS B 229 -2.58 5.45 -10.45
C LYS B 229 -3.45 6.25 -11.42
N PRO B 230 -4.13 5.60 -12.39
CA PRO B 230 -4.97 6.29 -13.37
C PRO B 230 -6.21 6.95 -12.75
N GLY B 231 -6.65 8.06 -13.33
CA GLY B 231 -7.86 8.74 -12.85
C GLY B 231 -9.12 7.97 -13.16
N VAL B 232 -10.13 8.08 -12.29
CA VAL B 232 -11.41 7.35 -12.50
C VAL B 232 -12.49 8.33 -12.95
N TYR B 233 -13.37 7.90 -13.86
CA TYR B 233 -14.42 8.78 -14.41
C TYR B 233 -15.74 8.01 -14.47
N VAL B 234 -16.86 8.71 -14.31
CA VAL B 234 -18.18 8.03 -14.46
C VAL B 234 -18.37 7.71 -15.94
N ARG B 235 -18.72 6.46 -16.27
CA ARG B 235 -18.95 6.05 -17.68
C ARG B 235 -20.28 6.64 -18.13
N VAL B 236 -20.25 7.71 -18.93
CA VAL B 236 -21.49 8.43 -19.36
C VAL B 236 -22.42 7.50 -20.15
N SER B 237 -21.88 6.55 -20.91
CA SER B 237 -22.71 5.62 -21.73
C SER B 237 -23.76 4.91 -20.87
N ARG B 238 -23.45 4.69 -19.59
CA ARG B 238 -24.36 3.93 -18.68
C ARG B 238 -25.49 4.84 -18.16
N PHE B 239 -25.43 6.14 -18.42
CA PHE B 239 -26.43 7.06 -17.81
C PHE B 239 -27.14 7.91 -18.87
N VAL B 240 -26.89 7.61 -20.15
CA VAL B 240 -27.51 8.41 -21.25
C VAL B 240 -29.04 8.27 -21.19
N THR B 241 -29.53 7.06 -20.95
CA THR B 241 -31.00 6.82 -20.85
C THR B 241 -31.58 7.71 -19.74
N TRP B 242 -30.94 7.75 -18.57
CA TRP B 242 -31.42 8.57 -17.43
C TRP B 242 -31.34 10.06 -17.79
N ILE B 243 -30.22 10.50 -18.35
CA ILE B 243 -30.03 11.93 -18.73
C ILE B 243 -31.17 12.36 -19.65
N GLU B 244 -31.46 11.57 -20.68
CA GLU B 244 -32.52 11.93 -21.66
C GLU B 244 -33.87 12.00 -20.94
N GLY B 245 -34.15 11.03 -20.06
CA GLY B 245 -35.41 11.05 -19.28
C GLY B 245 -35.54 12.32 -18.46
N VAL B 246 -34.48 12.71 -17.76
CA VAL B 246 -34.52 13.92 -16.90
C VAL B 246 -34.85 15.14 -17.77
N MET B 247 -34.13 15.31 -18.89
CA MET B 247 -34.34 16.48 -19.77
C MET B 247 -35.75 16.41 -20.39
N ARG B 248 -36.17 15.23 -20.83
CA ARG B 248 -37.48 15.05 -21.48
C ARG B 248 -38.62 15.30 -20.48
N ASN B 249 -38.46 14.87 -19.22
CA ASN B 249 -39.58 14.96 -18.25
C ASN B 249 -39.46 16.22 -17.39
N ASN B 250 -38.52 17.11 -17.73
CA ASN B 250 -38.32 18.36 -16.95
C ASN B 250 -37.98 19.50 -17.91
N SER C 4 26.24 -21.03 -14.88
CA SER C 4 25.79 -20.80 -13.48
CA SER C 4 25.79 -20.82 -13.48
C SER C 4 24.45 -20.06 -13.35
N PHE C 5 23.49 -20.77 -12.76
CA PHE C 5 22.13 -20.19 -12.58
C PHE C 5 21.82 -19.99 -11.09
N ASP C 6 21.75 -18.74 -10.64
CA ASP C 6 21.44 -18.43 -9.22
C ASP C 6 20.02 -18.88 -8.88
N CYS C 7 19.73 -19.08 -7.58
CA CYS C 7 18.38 -19.54 -7.16
C CYS C 7 17.35 -18.42 -7.32
N GLY C 8 16.08 -18.78 -7.58
CA GLY C 8 14.99 -17.79 -7.63
C GLY C 8 14.98 -16.90 -8.86
N LYS C 9 15.92 -17.08 -9.78
CA LYS C 9 16.01 -16.16 -10.94
C LYS C 9 15.78 -16.94 -12.24
N PRO C 10 14.55 -16.96 -12.79
CA PRO C 10 14.28 -17.73 -14.01
C PRO C 10 14.93 -17.10 -15.24
N GLN C 11 15.30 -17.90 -16.24
CA GLN C 11 15.88 -17.37 -17.50
C GLN C 11 14.73 -16.95 -18.41
N VAL C 12 13.62 -17.70 -18.41
CA VAL C 12 12.42 -17.28 -19.18
C VAL C 12 11.58 -16.43 -18.23
N GLU C 13 11.55 -15.11 -18.46
CA GLU C 13 10.85 -14.21 -17.50
C GLU C 13 9.41 -14.66 -17.31
N PRO C 14 8.92 -14.84 -16.06
CA PRO C 14 7.52 -15.17 -15.83
C PRO C 14 6.71 -13.94 -16.26
N LYS C 15 5.56 -14.16 -16.88
CA LYS C 15 4.67 -13.01 -17.24
C LYS C 15 3.30 -13.25 -16.60
N LYS C 16 2.75 -12.24 -15.93
CA LYS C 16 1.47 -12.39 -15.21
C LYS C 16 0.32 -12.64 -16.19
N CYS C 17 -0.79 -13.19 -15.70
CA CYS C 17 -1.99 -13.38 -16.55
C CYS C 17 -2.63 -12.01 -16.79
N VAL C 21 -4.61 -25.98 -11.00
CA VAL C 21 -4.81 -24.54 -10.68
C VAL C 21 -6.15 -24.09 -11.27
N VAL C 22 -7.08 -23.68 -10.41
CA VAL C 22 -8.40 -23.16 -10.88
C VAL C 22 -8.20 -21.67 -11.18
N GLY C 23 -8.72 -21.20 -12.31
CA GLY C 23 -8.48 -19.80 -12.69
C GLY C 23 -7.02 -19.61 -13.05
N GLY C 24 -6.51 -18.38 -12.94
CA GLY C 24 -5.13 -18.10 -13.35
C GLY C 24 -4.96 -18.33 -14.84
N CYS C 25 -3.76 -18.70 -15.27
CA CYS C 25 -3.50 -18.87 -16.71
C CYS C 25 -2.38 -19.91 -16.94
N VAL C 26 -2.18 -20.34 -18.18
CA VAL C 26 -1.03 -21.23 -18.46
C VAL C 26 0.24 -20.39 -18.37
N ALA C 27 1.29 -20.92 -17.75
CA ALA C 27 2.54 -20.16 -17.57
C ALA C 27 3.37 -20.20 -18.85
N HIS C 28 4.32 -19.28 -18.98
CA HIS C 28 5.26 -19.35 -20.11
C HIS C 28 6.20 -20.51 -19.85
N PRO C 29 6.41 -21.45 -20.81
CA PRO C 29 7.24 -22.62 -20.57
C PRO C 29 8.58 -22.31 -19.89
N HIS C 30 8.86 -22.94 -18.75
CA HIS C 30 10.17 -22.79 -18.05
C HIS C 30 10.26 -21.44 -17.33
N SER C 31 9.15 -20.72 -17.20
CA SER C 31 9.14 -19.45 -16.41
C SER C 31 9.29 -19.80 -14.93
N TRP C 32 8.96 -21.03 -14.55
CA TRP C 32 9.10 -21.50 -13.15
C TRP C 32 10.04 -22.70 -13.16
N PRO C 33 11.37 -22.50 -13.31
CA PRO C 33 12.30 -23.63 -13.46
C PRO C 33 12.44 -24.54 -12.24
N TRP C 34 11.91 -24.12 -11.08
CA TRP C 34 12.01 -24.92 -9.84
C TRP C 34 10.81 -25.87 -9.70
N GLN C 35 9.81 -25.74 -10.58
CA GLN C 35 8.59 -26.57 -10.47
C GLN C 35 8.96 -28.02 -10.79
N VAL C 36 8.63 -28.95 -9.90
CA VAL C 36 8.93 -30.39 -10.14
C VAL C 36 7.60 -31.16 -10.15
N SER C 37 7.57 -32.26 -10.90
CA SER C 37 6.37 -33.13 -10.88
C SER C 37 6.73 -34.44 -10.16
N LEU C 38 6.00 -34.79 -9.12
CA LEU C 38 6.23 -36.09 -8.44
C LEU C 38 5.36 -37.13 -9.13
N ARG C 39 5.95 -38.24 -9.55
CA ARG C 39 5.16 -39.23 -10.33
C ARG C 39 5.30 -40.65 -9.77
N THR C 40 4.32 -41.49 -10.10
CA THR C 40 4.37 -42.92 -9.68
C THR C 40 5.51 -43.61 -10.42
N ARG C 41 5.84 -44.85 -10.02
CA ARG C 41 6.89 -45.62 -10.72
C ARG C 41 6.45 -45.79 -12.18
N PHE C 42 5.17 -45.55 -12.46
CA PHE C 42 4.64 -45.69 -13.83
C PHE C 42 4.61 -44.33 -14.53
N GLY C 43 5.20 -43.30 -13.90
CA GLY C 43 5.32 -41.96 -14.52
C GLY C 43 4.03 -41.14 -14.55
N MET C 44 3.12 -41.37 -13.61
CA MET C 44 1.89 -40.55 -13.53
C MET C 44 2.05 -39.44 -12.48
N HIS C 45 1.69 -38.20 -12.84
CA HIS C 45 1.79 -37.05 -11.90
C HIS C 45 0.79 -37.21 -10.75
N PHE C 46 1.22 -36.98 -9.51
CA PHE C 46 0.30 -37.05 -8.35
C PHE C 46 0.65 -35.98 -7.30
N CYS C 47 1.53 -35.04 -7.65
CA CYS C 47 1.87 -33.95 -6.70
C CYS C 47 2.94 -33.04 -7.29
N GLY C 48 2.98 -31.80 -6.83
CA GLY C 48 4.06 -30.89 -7.27
C GLY C 48 5.20 -30.93 -6.29
N GLY C 49 6.27 -30.23 -6.60
CA GLY C 49 7.43 -30.15 -5.70
C GLY C 49 8.30 -28.98 -6.10
N THR C 50 9.26 -28.61 -5.27
CA THR C 50 10.12 -27.45 -5.57
C THR C 50 11.58 -27.86 -5.44
N LEU C 51 12.37 -27.63 -6.47
CA LEU C 51 13.84 -27.89 -6.37
C LEU C 51 14.48 -26.76 -5.57
N ILE C 52 15.25 -27.11 -4.53
CA ILE C 52 15.90 -26.11 -3.65
C ILE C 52 17.41 -26.29 -3.76
N SER C 53 17.84 -27.43 -4.30
CA SER C 53 19.28 -27.74 -4.46
CA SER C 53 19.28 -27.72 -4.49
C SER C 53 19.38 -28.89 -5.49
N PRO C 54 20.48 -28.91 -6.26
CA PRO C 54 20.62 -29.91 -7.32
C PRO C 54 20.13 -31.31 -6.90
N GLU C 55 20.36 -31.70 -5.65
CA GLU C 55 19.99 -33.08 -5.20
C GLU C 55 18.82 -33.07 -4.21
N TRP C 56 18.12 -31.95 -4.04
CA TRP C 56 17.05 -31.89 -3.00
C TRP C 56 15.77 -31.26 -3.52
N VAL C 57 14.63 -31.94 -3.31
CA VAL C 57 13.30 -31.40 -3.71
C VAL C 57 12.41 -31.31 -2.47
N LEU C 58 11.74 -30.18 -2.28
CA LEU C 58 10.81 -30.00 -1.13
C LEU C 58 9.38 -30.25 -1.61
N THR C 59 8.60 -30.99 -0.83
CA THR C 59 7.19 -31.26 -1.18
C THR C 59 6.37 -31.40 0.11
N ALA C 60 5.11 -31.82 -0.02
CA ALA C 60 4.25 -32.03 1.17
C ALA C 60 4.36 -33.48 1.63
N ALA C 61 4.47 -33.70 2.94
CA ALA C 61 4.57 -35.07 3.49
C ALA C 61 3.39 -35.92 3.02
N HIS C 62 2.19 -35.32 2.92
CA HIS C 62 0.97 -36.09 2.51
C HIS C 62 1.14 -36.72 1.12
N CYS C 63 2.03 -36.18 0.28
CA CYS C 63 2.23 -36.72 -1.08
C CYS C 63 2.95 -38.07 -0.98
N LEU C 64 3.43 -38.43 0.20
CA LEU C 64 4.20 -39.69 0.40
C LEU C 64 3.39 -40.66 1.25
N GLU C 65 2.09 -40.41 1.41
CA GLU C 65 1.22 -41.27 2.26
C GLU C 65 1.05 -42.66 1.63
N LYS C 66 1.20 -42.77 0.31
CA LYS C 66 0.93 -44.06 -0.37
C LYS C 66 2.09 -45.04 -0.16
N SER C 67 3.31 -44.55 0.02
CA SER C 67 4.47 -45.48 0.12
C SER C 67 5.65 -44.84 0.85
N PRO C 68 6.34 -45.57 1.76
CA PRO C 68 7.54 -45.05 2.41
C PRO C 68 8.76 -45.45 1.58
N ARG C 69 8.55 -46.09 0.43
CA ARG C 69 9.69 -46.58 -0.39
C ARG C 69 10.09 -45.54 -1.44
N PRO C 70 11.34 -45.01 -1.41
CA PRO C 70 11.80 -44.08 -2.44
C PRO C 70 11.61 -44.63 -3.87
N SER C 71 11.66 -45.95 -4.04
CA SER C 71 11.55 -46.58 -5.37
C SER C 71 10.15 -46.35 -5.97
N SER C 72 9.19 -45.96 -5.14
CA SER C 72 7.79 -45.77 -5.63
C SER C 72 7.65 -44.37 -6.25
N TYR C 73 8.74 -43.61 -6.29
CA TYR C 73 8.60 -42.20 -6.74
C TYR C 73 9.63 -41.80 -7.81
N LYS C 74 9.23 -40.90 -8.71
CA LYS C 74 10.17 -40.35 -9.72
C LYS C 74 9.92 -38.84 -9.80
N VAL C 75 10.98 -38.05 -10.02
CA VAL C 75 10.83 -36.57 -10.14
C VAL C 75 11.06 -36.14 -11.59
N ILE C 76 10.14 -35.35 -12.14
CA ILE C 76 10.31 -34.80 -13.52
C ILE C 76 10.65 -33.31 -13.40
N LEU C 77 11.81 -32.89 -13.91
CA LEU C 77 12.24 -31.47 -13.83
C LEU C 77 12.28 -30.85 -15.22
N GLY C 78 12.00 -29.54 -15.33
CA GLY C 78 12.06 -28.82 -16.61
C GLY C 78 10.84 -29.08 -17.49
N ALA C 79 9.69 -29.34 -16.88
CA ALA C 79 8.51 -29.73 -17.68
C ALA C 79 7.50 -28.59 -17.84
N HIS C 80 6.66 -28.67 -18.86
CA HIS C 80 5.55 -27.70 -19.04
C HIS C 80 4.27 -28.50 -19.22
N GLN C 81 4.38 -29.65 -19.90
CA GLN C 81 3.21 -30.53 -20.10
C GLN C 81 3.07 -31.43 -18.88
N GLU C 82 1.93 -32.12 -18.76
CA GLU C 82 1.69 -33.02 -17.61
C GLU C 82 1.75 -34.48 -18.08
N VAL C 83 1.27 -34.76 -19.29
CA VAL C 83 1.23 -36.15 -19.81
C VAL C 83 2.07 -36.23 -21.09
N ASN C 84 1.75 -35.39 -22.08
CA ASN C 84 2.53 -35.37 -23.35
C ASN C 84 3.83 -34.61 -23.10
N LEU C 85 4.72 -35.17 -22.27
CA LEU C 85 5.95 -34.44 -21.89
C LEU C 85 6.90 -34.29 -23.07
N GLU C 86 7.69 -33.23 -23.07
CA GLU C 86 8.68 -32.97 -24.15
C GLU C 86 9.76 -34.06 -24.09
N PRO C 87 10.80 -34.04 -24.97
CA PRO C 87 11.89 -35.02 -24.88
C PRO C 87 13.06 -34.64 -23.97
N HIS C 88 13.27 -33.35 -23.71
CA HIS C 88 14.46 -32.92 -22.92
C HIS C 88 14.16 -32.80 -21.42
N VAL C 89 13.00 -33.26 -20.97
CA VAL C 89 12.70 -33.24 -19.49
C VAL C 89 13.64 -34.20 -18.78
N GLN C 90 14.17 -33.79 -17.62
CA GLN C 90 15.05 -34.69 -16.82
C GLN C 90 14.17 -35.52 -15.87
N GLU C 91 14.33 -36.85 -15.87
CA GLU C 91 13.59 -37.72 -14.92
C GLU C 91 14.60 -38.36 -13.97
N ILE C 92 14.54 -38.03 -12.68
CA ILE C 92 15.54 -38.55 -11.69
C ILE C 92 14.81 -39.35 -10.61
N GLU C 93 15.39 -40.45 -10.15
CA GLU C 93 14.72 -41.32 -9.16
C GLU C 93 15.02 -40.82 -7.75
N VAL C 94 14.15 -41.13 -6.79
CA VAL C 94 14.34 -40.67 -5.39
C VAL C 94 15.17 -41.70 -4.63
N SER C 95 16.19 -41.25 -3.90
CA SER C 95 17.03 -42.17 -3.10
C SER C 95 16.53 -42.23 -1.65
N ARG C 96 16.10 -41.09 -1.09
CA ARG C 96 15.71 -41.06 0.33
C ARG C 96 14.56 -40.09 0.60
N LEU C 97 13.63 -40.46 1.50
CA LEU C 97 12.52 -39.57 1.87
C LEU C 97 12.78 -39.05 3.29
N PHE C 98 12.46 -37.78 3.56
CA PHE C 98 12.69 -37.19 4.90
C PHE C 98 11.44 -36.40 5.32
N LEU C 99 10.56 -37.02 6.09
CA LEU C 99 9.34 -36.33 6.60
C LEU C 99 9.73 -35.43 7.77
N GLU C 100 9.09 -34.26 7.87
CA GLU C 100 9.37 -33.33 8.98
C GLU C 100 9.06 -34.04 10.31
N PRO C 101 9.89 -33.93 11.36
CA PRO C 101 9.71 -34.71 12.60
C PRO C 101 8.53 -34.29 13.50
N THR C 102 8.09 -33.04 13.41
CA THR C 102 6.99 -32.55 14.28
C THR C 102 5.62 -32.82 13.62
N ARG C 103 5.59 -33.67 12.59
CA ARG C 103 4.32 -34.09 11.94
C ARG C 103 3.72 -32.96 11.07
N LYS C 104 4.55 -32.00 10.65
CA LYS C 104 4.08 -30.92 9.75
C LYS C 104 4.02 -31.46 8.31
N ASP C 105 3.20 -30.85 7.45
CA ASP C 105 2.98 -31.37 6.08
C ASP C 105 4.10 -30.95 5.11
N ILE C 106 5.36 -31.22 5.48
CA ILE C 106 6.51 -30.87 4.60
C ILE C 106 7.49 -32.04 4.59
N ALA C 107 8.16 -32.25 3.45
CA ALA C 107 9.08 -33.40 3.32
C ALA C 107 10.18 -33.10 2.29
N LEU C 108 11.38 -33.63 2.51
CA LEU C 108 12.50 -33.45 1.55
C LEU C 108 12.77 -34.78 0.84
N LEU C 109 12.95 -34.75 -0.47
CA LEU C 109 13.31 -35.96 -1.24
C LEU C 109 14.74 -35.80 -1.75
N LYS C 110 15.64 -36.72 -1.38
CA LYS C 110 17.02 -36.65 -1.95
C LYS C 110 17.03 -37.41 -3.26
N LEU C 111 17.57 -36.81 -4.32
CA LEU C 111 17.53 -37.43 -5.66
C LEU C 111 18.67 -38.44 -5.83
N SER C 112 18.44 -39.49 -6.61
CA SER C 112 19.49 -40.52 -6.86
CA SER C 112 19.49 -40.52 -6.86
C SER C 112 20.72 -39.95 -7.59
N SER C 113 20.44 -38.86 -8.31
CA SER C 113 21.52 -38.15 -9.05
C SER C 113 21.30 -36.64 -8.98
N PRO C 114 22.36 -35.81 -8.87
CA PRO C 114 22.19 -34.36 -8.91
C PRO C 114 21.52 -33.95 -10.23
N ALA C 115 20.52 -33.07 -10.14
CA ALA C 115 19.85 -32.58 -11.37
C ALA C 115 20.81 -31.68 -12.14
N VAL C 116 20.60 -31.57 -13.45
CA VAL C 116 21.44 -30.65 -14.27
C VAL C 116 20.82 -29.25 -14.20
N ILE C 117 21.57 -28.27 -13.69
CA ILE C 117 21.06 -26.86 -13.65
C ILE C 117 21.10 -26.31 -15.07
N THR C 118 19.92 -26.11 -15.68
CA THR C 118 19.85 -25.62 -17.07
C THR C 118 18.98 -24.37 -17.13
N ASP C 119 18.80 -23.81 -18.33
CA ASP C 119 17.92 -22.64 -18.50
C ASP C 119 16.48 -23.05 -18.15
N LYS C 120 16.24 -24.35 -17.98
CA LYS C 120 14.85 -24.82 -17.72
C LYS C 120 14.76 -25.45 -16.33
N VAL C 121 15.90 -25.61 -15.64
CA VAL C 121 15.92 -26.27 -14.32
C VAL C 121 16.83 -25.47 -13.38
N ILE C 122 16.22 -24.69 -12.48
CA ILE C 122 16.98 -23.83 -11.53
C ILE C 122 16.28 -23.90 -10.17
N PRO C 123 17.01 -24.04 -9.04
CA PRO C 123 16.37 -24.17 -7.74
C PRO C 123 15.74 -22.85 -7.25
N ALA C 124 14.76 -22.94 -6.37
CA ALA C 124 14.15 -21.73 -5.78
C ALA C 124 15.00 -21.28 -4.59
N CYS C 125 14.90 -20.00 -4.21
CA CYS C 125 15.65 -19.52 -3.02
C CYS C 125 14.81 -19.78 -1.76
N LEU C 126 15.46 -20.12 -0.66
CA LEU C 126 14.75 -20.36 0.62
C LEU C 126 14.68 -19.03 1.39
N PRO C 127 13.60 -18.79 2.18
CA PRO C 127 13.46 -17.53 2.89
C PRO C 127 14.34 -17.47 4.14
N SER C 128 14.44 -16.29 4.76
CA SER C 128 15.18 -16.18 6.04
C SER C 128 14.36 -16.89 7.12
N PRO C 129 15.00 -17.55 8.12
CA PRO C 129 14.25 -18.32 9.12
C PRO C 129 13.17 -17.55 9.89
N ASN C 130 11.95 -18.09 9.96
CA ASN C 130 10.85 -17.47 10.75
C ASN C 130 10.36 -16.18 10.11
N TYR C 131 10.77 -15.89 8.87
CA TYR C 131 10.22 -14.70 8.16
C TYR C 131 8.70 -14.86 8.05
N VAL C 132 7.96 -13.78 8.24
CA VAL C 132 6.48 -13.83 8.09
C VAL C 132 6.07 -12.97 6.89
N VAL C 133 5.53 -13.60 5.84
CA VAL C 133 5.08 -12.85 4.65
C VAL C 133 3.96 -11.89 5.06
N ALA C 134 4.14 -10.60 4.80
CA ALA C 134 3.14 -9.59 5.24
C ALA C 134 1.80 -9.80 4.53
N ASP C 135 0.72 -9.36 5.17
CA ASP C 135 -0.64 -9.49 4.60
C ASP C 135 -0.70 -8.76 3.26
N ARG C 136 -1.47 -9.29 2.30
CA ARG C 136 -1.68 -8.63 0.98
C ARG C 136 -0.44 -8.77 0.09
N THR C 137 0.64 -9.38 0.58
CA THR C 137 1.81 -9.61 -0.29
C THR C 137 1.37 -10.48 -1.47
N GLU C 138 1.62 -10.01 -2.70
CA GLU C 138 1.17 -10.76 -3.90
C GLU C 138 2.20 -11.86 -4.16
N CYS C 139 1.73 -13.10 -4.24
CA CYS C 139 2.66 -14.24 -4.44
C CYS C 139 2.11 -15.11 -5.57
N PHE C 140 2.90 -16.09 -6.02
CA PHE C 140 2.48 -16.92 -7.18
C PHE C 140 2.40 -18.40 -6.81
N ILE C 141 1.33 -19.06 -7.22
CA ILE C 141 1.20 -20.53 -7.01
C ILE C 141 1.29 -21.18 -8.39
N THR C 142 1.95 -22.34 -8.49
CA THR C 142 2.09 -23.05 -9.80
C THR C 142 1.75 -24.52 -9.63
N GLY C 143 1.23 -25.15 -10.69
CA GLY C 143 0.97 -26.61 -10.63
C GLY C 143 0.27 -27.17 -11.85
N TRP C 144 0.19 -28.50 -11.92
CA TRP C 144 -0.52 -29.18 -13.04
C TRP C 144 -1.82 -29.76 -12.51
N GLY C 145 -2.37 -29.16 -11.45
CA GLY C 145 -3.59 -29.70 -10.81
C GLY C 145 -4.87 -29.48 -11.59
N GLU C 146 -6.00 -29.95 -11.05
CA GLU C 146 -7.33 -29.79 -11.70
C GLU C 146 -7.62 -28.31 -11.96
N THR C 147 -8.57 -28.03 -12.86
CA THR C 147 -8.87 -26.62 -13.24
C THR C 147 -10.34 -26.31 -13.01
N GLN C 148 -11.16 -27.33 -12.75
CA GLN C 148 -12.62 -27.12 -12.57
C GLN C 148 -13.15 -26.23 -13.71
N GLY C 149 -12.84 -26.60 -14.95
CA GLY C 149 -13.31 -25.83 -16.12
C GLY C 149 -12.82 -24.40 -16.14
N THR C 150 -11.50 -24.19 -16.01
CA THR C 150 -10.93 -22.82 -16.10
C THR C 150 -9.90 -22.74 -17.23
N PHE C 151 -9.64 -23.86 -17.91
CA PHE C 151 -8.72 -23.87 -19.08
C PHE C 151 -7.27 -24.07 -18.62
N GLY C 152 -6.48 -24.78 -19.44
CA GLY C 152 -5.05 -24.98 -19.11
C GLY C 152 -4.79 -26.39 -18.60
N ALA C 153 -5.83 -27.22 -18.58
CA ALA C 153 -5.69 -28.62 -18.10
C ALA C 153 -4.57 -29.33 -18.86
N GLY C 154 -3.61 -29.91 -18.14
CA GLY C 154 -2.51 -30.66 -18.78
C GLY C 154 -1.28 -29.79 -19.00
N LEU C 155 -1.34 -28.52 -18.61
CA LEU C 155 -0.20 -27.60 -18.79
C LEU C 155 0.13 -26.93 -17.46
N LEU C 156 1.39 -26.53 -17.27
CA LEU C 156 1.78 -25.83 -16.02
C LEU C 156 1.01 -24.52 -15.94
N LYS C 157 0.03 -24.45 -15.03
CA LYS C 157 -0.74 -23.20 -14.85
C LYS C 157 -0.14 -22.37 -13.71
N GLU C 158 -0.47 -21.08 -13.66
CA GLU C 158 0.04 -20.19 -12.59
C GLU C 158 -1.11 -19.30 -12.13
N ALA C 159 -0.99 -18.73 -10.94
CA ALA C 159 -2.01 -17.78 -10.44
C ALA C 159 -1.38 -16.81 -9.44
N GLN C 160 -1.63 -15.52 -9.59
CA GLN C 160 -1.14 -14.53 -8.60
C GLN C 160 -2.18 -14.44 -7.49
N LEU C 161 -1.75 -14.57 -6.23
CA LEU C 161 -2.73 -14.58 -5.11
C LEU C 161 -2.23 -13.70 -3.97
N PRO C 162 -3.11 -12.96 -3.27
CA PRO C 162 -2.69 -12.19 -2.12
C PRO C 162 -2.55 -13.06 -0.87
N VAL C 163 -1.48 -12.86 -0.09
CA VAL C 163 -1.34 -13.59 1.19
C VAL C 163 -2.36 -13.01 2.18
N ILE C 164 -3.10 -13.88 2.87
CA ILE C 164 -4.05 -13.41 3.92
C ILE C 164 -3.42 -13.70 5.28
N GLU C 165 -3.18 -12.66 6.08
CA GLU C 165 -2.53 -12.84 7.41
C GLU C 165 -3.33 -13.87 8.21
N ASN C 166 -2.65 -14.65 9.04
CA ASN C 166 -3.32 -15.74 9.81
C ASN C 166 -4.48 -15.21 10.66
N LYS C 167 -4.28 -14.11 11.38
CA LYS C 167 -5.35 -13.50 12.21
C LYS C 167 -6.64 -13.39 11.39
N VAL C 168 -6.53 -12.92 10.14
CA VAL C 168 -7.74 -12.74 9.28
C VAL C 168 -8.22 -14.11 8.78
N CYS C 169 -7.30 -14.94 8.31
CA CYS C 169 -7.68 -16.26 7.74
C CYS C 169 -8.35 -17.13 8.80
N ASN C 170 -7.97 -16.98 10.07
CA ASN C 170 -8.51 -17.83 11.16
C ASN C 170 -9.86 -17.29 11.69
N ARG C 171 -10.40 -16.26 11.05
CA ARG C 171 -11.71 -15.68 11.47
C ARG C 171 -12.83 -16.66 11.11
N TYR C 172 -13.96 -16.59 11.81
CA TYR C 172 -15.10 -17.52 11.59
C TYR C 172 -15.64 -17.38 10.16
N GLU C 173 -15.58 -16.19 9.59
CA GLU C 173 -16.07 -15.95 8.21
C GLU C 173 -15.20 -16.73 7.21
N PHE C 174 -13.99 -17.12 7.61
CA PHE C 174 -13.07 -17.81 6.65
C PHE C 174 -12.78 -19.25 7.10
N LEU C 175 -11.62 -19.50 7.71
CA LEU C 175 -11.22 -20.90 8.04
C LEU C 175 -11.43 -21.20 9.54
N ASN C 176 -11.96 -20.25 10.31
CA ASN C 176 -12.37 -20.49 11.72
C ASN C 176 -11.36 -21.29 12.55
N GLY C 177 -10.19 -20.71 12.86
CA GLY C 177 -9.24 -21.36 13.77
C GLY C 177 -8.47 -22.56 13.23
N ARG C 178 -8.70 -22.97 11.98
CA ARG C 178 -8.04 -24.19 11.48
C ARG C 178 -6.57 -23.91 11.11
N VAL C 179 -6.23 -22.64 10.84
CA VAL C 179 -4.85 -22.33 10.35
C VAL C 179 -3.88 -22.22 11.53
N GLN C 180 -2.71 -22.84 11.40
CA GLN C 180 -1.70 -22.84 12.49
C GLN C 180 -0.55 -21.87 12.15
N SER C 181 0.32 -21.59 13.12
CA SER C 181 1.44 -20.64 12.92
C SER C 181 2.42 -21.15 11.86
N THR C 182 2.61 -22.48 11.79
CA THR C 182 3.53 -23.09 10.80
C THR C 182 2.86 -23.15 9.43
N GLU C 183 1.70 -22.49 9.29
CA GLU C 183 0.97 -22.45 7.99
C GLU C 183 0.71 -21.01 7.58
N LEU C 184 0.47 -20.77 6.30
CA LEU C 184 0.11 -19.40 5.82
C LEU C 184 -1.09 -19.54 4.89
N CYS C 185 -1.88 -18.48 4.75
CA CYS C 185 -3.08 -18.51 3.89
C CYS C 185 -2.87 -17.58 2.69
N ALA C 186 -3.40 -17.97 1.53
CA ALA C 186 -3.30 -17.12 0.33
C ALA C 186 -4.48 -17.42 -0.60
N GLY C 187 -5.09 -16.38 -1.17
CA GLY C 187 -6.18 -16.58 -2.13
C GLY C 187 -7.07 -15.36 -2.27
N HIS C 188 -7.87 -15.32 -3.34
CA HIS C 188 -8.86 -14.23 -3.53
C HIS C 188 -10.12 -14.61 -2.75
N LEU C 189 -10.48 -13.82 -1.75
CA LEU C 189 -11.63 -14.17 -0.86
C LEU C 189 -12.93 -14.27 -1.66
N ALA C 190 -13.01 -13.64 -2.83
CA ALA C 190 -14.21 -13.74 -3.68
C ALA C 190 -14.29 -15.12 -4.35
N GLY C 191 -13.16 -15.84 -4.40
CA GLY C 191 -13.14 -17.18 -5.01
C GLY C 191 -12.79 -17.15 -6.49
N GLY C 192 -12.71 -18.32 -7.12
CA GLY C 192 -12.42 -18.39 -8.56
C GLY C 192 -10.99 -18.74 -8.86
N THR C 193 -10.05 -18.33 -7.99
CA THR C 193 -8.61 -18.57 -8.27
C THR C 193 -7.97 -19.27 -7.06
N ASP C 194 -7.48 -20.50 -7.29
CA ASP C 194 -6.90 -21.28 -6.17
C ASP C 194 -6.20 -22.54 -6.69
N SER C 195 -5.24 -23.07 -5.94
CA SER C 195 -4.64 -24.36 -6.33
C SER C 195 -5.74 -25.41 -6.21
N CYS C 196 -5.56 -26.59 -6.79
CA CYS C 196 -6.59 -27.64 -6.60
C CYS C 196 -5.94 -29.03 -6.65
N GLN C 197 -6.75 -30.09 -6.68
CA GLN C 197 -6.22 -31.49 -6.62
C GLN C 197 -5.09 -31.66 -7.62
N GLY C 198 -3.88 -32.00 -7.14
CA GLY C 198 -2.73 -32.18 -8.03
C GLY C 198 -1.68 -31.10 -7.85
N ASP C 199 -2.01 -30.04 -7.12
CA ASP C 199 -1.07 -28.91 -6.92
C ASP C 199 -0.33 -29.09 -5.59
N SER C 200 -0.85 -29.96 -4.72
CA SER C 200 -0.25 -30.16 -3.38
C SER C 200 1.24 -30.52 -3.50
N GLY C 201 2.07 -29.92 -2.65
CA GLY C 201 3.52 -30.18 -2.67
C GLY C 201 4.23 -29.16 -3.52
N GLY C 202 3.49 -28.47 -4.38
CA GLY C 202 4.07 -27.44 -5.26
C GLY C 202 4.41 -26.16 -4.53
N PRO C 203 5.07 -25.18 -5.18
CA PRO C 203 5.54 -23.99 -4.48
C PRO C 203 4.63 -22.76 -4.43
N LEU C 204 4.84 -21.90 -3.45
CA LEU C 204 4.15 -20.59 -3.38
C LEU C 204 5.32 -19.60 -3.31
N VAL C 205 5.57 -18.88 -4.39
CA VAL C 205 6.78 -18.01 -4.43
C VAL C 205 6.37 -16.53 -4.30
N CYS C 206 7.21 -15.74 -3.65
CA CYS C 206 6.96 -14.29 -3.52
C CYS C 206 8.19 -13.55 -4.04
N PHE C 207 8.00 -12.62 -4.97
CA PHE C 207 9.13 -11.87 -5.57
C PHE C 207 9.66 -10.84 -4.58
N GLU C 208 10.95 -10.94 -4.24
CA GLU C 208 11.57 -9.98 -3.29
C GLU C 208 12.83 -9.38 -3.90
N LYS C 209 12.75 -8.14 -4.39
CA LYS C 209 13.93 -7.42 -4.95
C LYS C 209 14.25 -7.92 -6.36
N ASP C 210 15.03 -8.99 -6.49
CA ASP C 210 15.47 -9.44 -7.84
C ASP C 210 15.24 -10.93 -8.02
N LYS C 211 14.67 -11.61 -7.03
CA LYS C 211 14.54 -13.10 -7.13
C LYS C 211 13.23 -13.57 -6.49
N TYR C 212 12.82 -14.80 -6.81
CA TYR C 212 11.60 -15.39 -6.21
C TYR C 212 12.00 -16.18 -4.96
N ILE C 213 11.29 -15.97 -3.85
CA ILE C 213 11.56 -16.75 -2.60
CA ILE C 213 11.56 -16.75 -2.60
C ILE C 213 10.44 -17.77 -2.32
N LEU C 214 10.87 -18.99 -2.00
CA LEU C 214 9.89 -20.06 -1.69
C LEU C 214 9.32 -19.82 -0.29
N GLN C 215 8.07 -19.39 -0.19
CA GLN C 215 7.48 -19.04 1.13
C GLN C 215 6.47 -20.09 1.57
N GLY C 216 5.90 -20.85 0.63
CA GLY C 216 4.84 -21.80 1.01
C GLY C 216 4.84 -23.10 0.22
N VAL C 217 4.24 -24.15 0.79
CA VAL C 217 4.09 -25.45 0.08
C VAL C 217 2.60 -25.78 0.05
N THR C 218 2.01 -25.87 -1.14
CA THR C 218 0.56 -26.15 -1.26
C THR C 218 0.24 -27.37 -0.38
N SER C 219 -0.72 -27.22 0.54
CA SER C 219 -1.02 -28.31 1.50
C SER C 219 -2.50 -28.73 1.41
N TRP C 220 -3.40 -27.93 1.96
CA TRP C 220 -4.83 -28.34 2.00
C TRP C 220 -5.75 -27.13 1.87
N GLY C 221 -7.05 -27.39 1.81
CA GLY C 221 -8.05 -26.31 1.75
C GLY C 221 -9.44 -26.86 1.91
N LEU C 222 -10.41 -26.00 2.25
CA LEU C 222 -11.81 -26.46 2.30
C LEU C 222 -12.34 -26.36 0.87
N GLY C 223 -12.01 -27.34 0.03
CA GLY C 223 -12.39 -27.27 -1.39
C GLY C 223 -11.42 -26.40 -2.16
N CYS C 224 -11.77 -26.00 -3.38
CA CYS C 224 -10.87 -25.17 -4.21
C CYS C 224 -11.61 -23.93 -4.73
N ALA C 225 -10.98 -22.75 -4.69
CA ALA C 225 -11.56 -21.54 -5.32
C ALA C 225 -12.96 -21.21 -4.79
N ARG C 226 -13.30 -21.70 -3.60
CA ARG C 226 -14.60 -21.34 -2.99
C ARG C 226 -14.49 -19.95 -2.34
N PRO C 227 -15.56 -19.12 -2.38
CA PRO C 227 -15.52 -17.81 -1.71
C PRO C 227 -15.32 -17.92 -0.19
N ASN C 228 -14.53 -17.01 0.39
CA ASN C 228 -14.35 -16.96 1.87
C ASN C 228 -13.57 -18.19 2.35
N LYS C 229 -12.97 -18.94 1.43
CA LYS C 229 -12.24 -20.18 1.80
C LYS C 229 -10.87 -20.17 1.11
N PRO C 230 -9.89 -19.39 1.61
CA PRO C 230 -8.56 -19.34 1.01
C PRO C 230 -7.78 -20.64 1.23
N GLY C 231 -6.82 -20.92 0.35
CA GLY C 231 -6.00 -22.14 0.47
C GLY C 231 -4.96 -22.03 1.57
N VAL C 232 -4.51 -23.17 2.10
CA VAL C 232 -3.52 -23.18 3.21
C VAL C 232 -2.18 -23.73 2.70
N TYR C 233 -1.08 -23.12 3.14
CA TYR C 233 0.26 -23.53 2.68
C TYR C 233 1.18 -23.64 3.91
N VAL C 234 2.10 -24.60 3.89
CA VAL C 234 3.08 -24.70 5.01
C VAL C 234 4.00 -23.48 4.93
N ARG C 235 4.19 -22.79 6.05
CA ARG C 235 5.10 -21.61 6.09
C ARG C 235 6.54 -22.12 6.04
N VAL C 236 7.19 -22.06 4.87
CA VAL C 236 8.56 -22.61 4.69
C VAL C 236 9.54 -21.99 5.68
N SER C 237 9.39 -20.68 5.96
CA SER C 237 10.32 -19.96 6.86
C SER C 237 10.51 -20.70 8.19
N ARG C 238 9.49 -21.43 8.62
CA ARG C 238 9.55 -22.12 9.94
C ARG C 238 10.28 -23.45 9.82
N PHE C 239 10.70 -23.85 8.62
CA PHE C 239 11.33 -25.18 8.44
C PHE C 239 12.67 -25.05 7.71
N VAL C 240 13.13 -23.82 7.50
CA VAL C 240 14.43 -23.59 6.80
C VAL C 240 15.55 -24.27 7.59
N THR C 241 15.59 -24.07 8.92
CA THR C 241 16.66 -24.66 9.76
C THR C 241 16.65 -26.19 9.67
N TRP C 242 15.46 -26.81 9.71
CA TRP C 242 15.37 -28.29 9.54
C TRP C 242 15.86 -28.69 8.14
N ILE C 243 15.40 -27.99 7.10
CA ILE C 243 15.77 -28.34 5.70
C ILE C 243 17.29 -28.27 5.55
N GLU C 244 17.91 -27.19 6.02
CA GLU C 244 19.37 -27.00 5.85
C GLU C 244 20.11 -28.09 6.63
N GLY C 245 19.50 -28.61 7.70
CA GLY C 245 20.12 -29.67 8.50
C GLY C 245 20.13 -31.00 7.76
N VAL C 246 19.00 -31.38 7.18
CA VAL C 246 18.92 -32.64 6.38
C VAL C 246 19.91 -32.54 5.23
N MET C 247 19.98 -31.40 4.55
CA MET C 247 20.88 -31.24 3.38
C MET C 247 22.35 -31.33 3.79
N ARG C 248 22.74 -30.67 4.88
CA ARG C 248 24.18 -30.63 5.26
C ARG C 248 24.59 -31.92 5.98
N ASN C 249 23.66 -32.85 6.19
CA ASN C 249 23.98 -34.07 6.98
C ASN C 249 23.57 -35.34 6.21
N ASN C 250 22.91 -35.19 5.07
CA ASN C 250 22.42 -36.39 4.33
C ASN C 250 22.75 -36.25 2.84
N PHE D 5 3.76 -14.23 -29.93
CA PHE D 5 4.92 -13.44 -29.44
C PHE D 5 4.91 -12.05 -30.07
N ASP D 6 4.91 -11.00 -29.25
CA ASP D 6 4.91 -9.61 -29.78
C ASP D 6 6.33 -9.16 -30.11
N CYS D 7 6.49 -8.09 -30.89
CA CYS D 7 7.84 -7.65 -31.33
C CYS D 7 8.60 -6.94 -30.20
N GLY D 8 9.92 -7.05 -30.18
CA GLY D 8 10.74 -6.32 -29.19
C GLY D 8 10.70 -6.94 -27.81
N LYS D 9 9.89 -7.99 -27.62
CA LYS D 9 9.75 -8.61 -26.28
C LYS D 9 10.40 -10.00 -26.28
N PRO D 10 11.69 -10.14 -25.88
CA PRO D 10 12.32 -11.46 -25.81
C PRO D 10 11.72 -12.33 -24.69
N GLN D 11 11.63 -13.64 -24.92
CA GLN D 11 11.15 -14.57 -23.88
C GLN D 11 12.29 -14.83 -22.90
N VAL D 12 13.51 -15.05 -23.42
CA VAL D 12 14.69 -15.19 -22.53
C VAL D 12 15.13 -13.77 -22.16
N GLU D 13 14.85 -13.32 -20.94
CA GLU D 13 15.17 -11.94 -20.52
C GLU D 13 16.65 -11.64 -20.82
N PRO D 14 16.97 -10.52 -21.49
CA PRO D 14 18.38 -10.16 -21.73
C PRO D 14 19.10 -9.85 -20.41
N LYS D 15 20.31 -10.38 -20.25
CA LYS D 15 21.10 -10.17 -19.01
C LYS D 15 22.24 -9.19 -19.31
N LYS D 16 22.30 -8.08 -18.57
CA LYS D 16 23.36 -7.07 -18.79
C LYS D 16 24.71 -7.66 -18.37
N CYS D 17 25.80 -7.19 -18.99
CA CYS D 17 27.15 -7.72 -18.68
C CYS D 17 27.57 -7.30 -17.27
N PRO D 18 28.53 -8.00 -16.63
CA PRO D 18 29.02 -7.62 -15.32
C PRO D 18 30.31 -6.79 -15.44
N VAL D 21 31.84 -8.38 -31.65
CA VAL D 21 31.68 -7.33 -30.61
C VAL D 21 32.93 -7.30 -29.72
N VAL D 22 33.59 -6.14 -29.65
CA VAL D 22 34.77 -5.98 -28.74
C VAL D 22 34.24 -5.52 -27.39
N GLY D 23 34.63 -6.20 -26.31
CA GLY D 23 34.09 -5.87 -24.97
C GLY D 23 32.77 -6.57 -24.75
N GLY D 24 31.95 -6.05 -23.83
CA GLY D 24 30.63 -6.65 -23.53
C GLY D 24 30.76 -8.07 -23.03
N CYS D 25 29.78 -8.92 -23.36
CA CYS D 25 29.78 -10.32 -22.84
C CYS D 25 28.97 -11.26 -23.74
N VAL D 26 29.17 -12.57 -23.60
CA VAL D 26 28.35 -13.55 -24.35
C VAL D 26 26.92 -13.40 -23.87
N ALA D 27 25.95 -13.34 -24.78
CA ALA D 27 24.56 -13.08 -24.37
C ALA D 27 23.89 -14.34 -23.85
N HIS D 28 22.83 -14.17 -23.05
CA HIS D 28 22.05 -15.35 -22.59
C HIS D 28 21.45 -16.01 -23.84
N PRO D 29 21.75 -17.29 -24.13
CA PRO D 29 21.26 -17.93 -25.35
C PRO D 29 19.80 -17.58 -25.68
N HIS D 30 19.56 -17.02 -26.87
CA HIS D 30 18.18 -16.70 -27.33
C HIS D 30 17.63 -15.46 -26.61
N SER D 31 18.50 -14.65 -26.01
CA SER D 31 18.07 -13.38 -25.36
C SER D 31 17.77 -12.34 -26.43
N TRP D 32 18.35 -12.52 -27.61
CA TRP D 32 18.10 -11.58 -28.74
C TRP D 32 17.46 -12.38 -29.88
N PRO D 33 16.14 -12.65 -29.84
CA PRO D 33 15.49 -13.53 -30.82
C PRO D 33 15.30 -12.92 -32.22
N TRP D 34 15.77 -11.69 -32.44
CA TRP D 34 15.67 -11.02 -33.77
C TRP D 34 17.03 -11.05 -34.47
N GLN D 35 18.09 -11.46 -33.77
CA GLN D 35 19.45 -11.52 -34.36
C GLN D 35 19.48 -12.59 -35.45
N VAL D 36 20.00 -12.24 -36.63
CA VAL D 36 20.12 -13.25 -37.72
C VAL D 36 21.58 -13.30 -38.17
N SER D 37 22.04 -14.45 -38.66
CA SER D 37 23.40 -14.56 -39.23
C SER D 37 23.29 -14.74 -40.74
N LEU D 38 23.65 -13.72 -41.51
CA LEU D 38 23.61 -13.81 -43.00
C LEU D 38 24.81 -14.66 -43.46
N ARG D 39 24.54 -15.68 -44.28
CA ARG D 39 25.62 -16.58 -44.77
C ARG D 39 25.43 -16.93 -46.25
N THR D 40 26.39 -17.65 -46.83
CA THR D 40 26.24 -18.14 -48.23
C THR D 40 25.48 -19.47 -48.21
N ARG D 41 25.01 -19.92 -49.38
CA ARG D 41 24.23 -21.18 -49.48
C ARG D 41 24.99 -22.29 -48.74
N PHE D 42 26.30 -22.36 -48.93
CA PHE D 42 27.12 -23.38 -48.23
C PHE D 42 28.24 -22.67 -47.48
N GLY D 43 28.12 -21.35 -47.32
CA GLY D 43 29.22 -20.58 -46.71
C GLY D 43 29.09 -20.42 -45.22
N MET D 44 29.98 -19.63 -44.64
CA MET D 44 29.93 -19.39 -43.19
C MET D 44 29.39 -17.99 -42.91
N HIS D 45 29.41 -17.58 -41.65
CA HIS D 45 28.87 -16.25 -41.24
C HIS D 45 29.71 -15.13 -41.84
N PHE D 46 29.07 -14.05 -42.29
CA PHE D 46 29.81 -12.89 -42.84
C PHE D 46 29.07 -11.60 -42.51
N CYS D 47 28.02 -11.67 -41.69
CA CYS D 47 27.21 -10.45 -41.43
C CYS D 47 26.01 -10.75 -40.55
N GLY D 48 25.55 -9.75 -39.81
CA GLY D 48 24.35 -9.92 -38.99
C GLY D 48 23.15 -9.32 -39.67
N GLY D 49 21.98 -9.49 -39.08
CA GLY D 49 20.74 -8.91 -39.61
C GLY D 49 19.71 -8.88 -38.51
N THR D 50 18.61 -8.17 -38.73
CA THR D 50 17.54 -8.11 -37.71
C THR D 50 16.20 -8.54 -38.33
N LEU D 51 15.59 -9.59 -37.79
CA LEU D 51 14.24 -9.99 -38.26
C LEU D 51 13.26 -8.90 -37.83
N ILE D 52 12.56 -8.30 -38.79
CA ILE D 52 11.59 -7.22 -38.49
C ILE D 52 10.18 -7.74 -38.75
N SER D 53 10.07 -8.88 -39.43
CA SER D 53 8.76 -9.50 -39.73
CA SER D 53 8.76 -9.51 -39.72
C SER D 53 9.01 -10.99 -40.10
N PRO D 54 7.94 -11.79 -40.13
CA PRO D 54 8.08 -13.22 -40.37
C PRO D 54 8.92 -13.53 -41.62
N GLU D 55 8.80 -12.73 -42.68
CA GLU D 55 9.51 -13.06 -43.95
C GLU D 55 10.45 -11.93 -44.39
N TRP D 56 10.79 -11.00 -43.48
CA TRP D 56 11.63 -9.84 -43.85
C TRP D 56 12.80 -9.67 -42.89
N VAL D 57 14.01 -9.49 -43.43
CA VAL D 57 15.23 -9.27 -42.60
C VAL D 57 15.89 -7.97 -43.04
N LEU D 58 16.26 -7.11 -42.08
CA LEU D 58 16.96 -5.83 -42.40
C LEU D 58 18.46 -6.01 -42.15
N THR D 59 19.28 -5.55 -43.10
CA THR D 59 20.75 -5.69 -42.96
C THR D 59 21.46 -4.49 -43.61
N ALA D 60 22.79 -4.55 -43.69
CA ALA D 60 23.56 -3.47 -44.35
C ALA D 60 23.69 -3.78 -45.84
N ALA D 61 23.48 -2.77 -46.69
CA ALA D 61 23.62 -2.95 -48.15
C ALA D 61 25.01 -3.50 -48.48
N HIS D 62 26.04 -3.08 -47.74
CA HIS D 62 27.44 -3.50 -48.03
C HIS D 62 27.62 -5.01 -47.81
N CYS D 63 26.76 -5.62 -46.98
CA CYS D 63 26.85 -7.09 -46.71
C CYS D 63 26.52 -7.87 -47.98
N LEU D 64 25.94 -7.20 -48.98
CA LEU D 64 25.52 -7.88 -50.23
C LEU D 64 26.47 -7.47 -51.37
N GLU D 65 27.62 -6.91 -51.04
CA GLU D 65 28.57 -6.40 -52.07
C GLU D 65 29.09 -7.54 -52.96
N LYS D 66 29.02 -8.79 -52.52
CA LYS D 66 29.61 -9.92 -53.29
C LYS D 66 28.66 -10.44 -54.37
N SER D 67 27.35 -10.34 -54.18
CA SER D 67 26.40 -10.93 -55.17
C SER D 67 25.08 -10.17 -55.18
N PRO D 68 24.55 -9.77 -56.35
CA PRO D 68 23.23 -9.16 -56.42
C PRO D 68 22.20 -10.30 -56.49
N ARG D 69 22.67 -11.54 -56.38
CA ARG D 69 21.76 -12.71 -56.52
C ARG D 69 21.21 -13.12 -55.15
N PRO D 70 19.90 -12.95 -54.89
CA PRO D 70 19.31 -13.29 -53.58
C PRO D 70 19.50 -14.77 -53.23
N SER D 71 19.55 -15.63 -54.26
CA SER D 71 19.68 -17.10 -54.04
C SER D 71 21.07 -17.44 -53.54
N SER D 72 21.95 -16.43 -53.46
CA SER D 72 23.33 -16.66 -52.94
C SER D 72 23.33 -16.46 -51.43
N TYR D 73 22.17 -16.20 -50.82
CA TYR D 73 22.18 -15.88 -49.36
C TYR D 73 21.20 -16.75 -48.56
N LYS D 74 21.62 -17.17 -47.36
CA LYS D 74 20.71 -17.91 -46.45
C LYS D 74 20.74 -17.21 -45.09
N VAL D 75 19.57 -16.98 -44.50
CA VAL D 75 19.48 -16.31 -43.17
C VAL D 75 19.44 -17.40 -42.08
N ILE D 76 20.29 -17.27 -41.07
CA ILE D 76 20.29 -18.24 -39.93
C ILE D 76 19.54 -17.58 -38.77
N LEU D 77 18.49 -18.24 -38.26
CA LEU D 77 17.66 -17.62 -37.19
C LEU D 77 17.67 -18.49 -35.93
N GLY D 78 17.58 -17.86 -34.75
CA GLY D 78 17.53 -18.60 -33.47
C GLY D 78 18.86 -19.19 -33.08
N ALA D 79 19.97 -18.59 -33.52
CA ALA D 79 21.29 -19.21 -33.26
C ALA D 79 22.05 -18.52 -32.12
N HIS D 80 23.04 -19.23 -31.54
CA HIS D 80 23.91 -18.65 -30.50
C HIS D 80 25.36 -18.95 -30.87
N GLN D 81 25.60 -20.13 -31.43
CA GLN D 81 26.96 -20.51 -31.89
C GLN D 81 27.17 -19.96 -33.30
N GLU D 82 28.42 -19.65 -33.67
CA GLU D 82 28.71 -19.09 -35.02
C GLU D 82 28.90 -20.24 -36.02
N VAL D 83 29.38 -21.40 -35.55
CA VAL D 83 29.61 -22.56 -36.45
C VAL D 83 28.68 -23.72 -36.05
N ASN D 84 28.95 -24.37 -34.92
CA ASN D 84 28.13 -25.53 -34.49
C ASN D 84 26.71 -25.07 -34.17
N LEU D 85 25.87 -24.93 -35.19
CA LEU D 85 24.49 -24.44 -34.99
C LEU D 85 23.70 -25.45 -34.16
N GLU D 86 22.83 -24.96 -33.28
CA GLU D 86 21.97 -25.87 -32.47
C GLU D 86 21.05 -26.64 -33.43
N PRO D 87 20.39 -27.75 -33.01
CA PRO D 87 19.59 -28.56 -33.92
C PRO D 87 18.33 -27.86 -34.45
N HIS D 88 17.75 -26.95 -33.67
CA HIS D 88 16.47 -26.32 -34.07
C HIS D 88 16.71 -24.91 -34.62
N VAL D 89 17.89 -24.65 -35.18
CA VAL D 89 18.17 -23.33 -35.81
C VAL D 89 17.45 -23.27 -37.15
N GLN D 90 16.62 -22.24 -37.36
CA GLN D 90 15.89 -22.08 -38.64
C GLN D 90 16.86 -21.56 -39.71
N GLU D 91 17.03 -22.32 -40.80
CA GLU D 91 17.92 -21.90 -41.91
C GLU D 91 17.05 -21.64 -43.13
N ILE D 92 16.93 -20.39 -43.56
CA ILE D 92 15.99 -20.07 -44.68
C ILE D 92 16.76 -19.39 -45.82
N GLU D 93 16.32 -19.63 -47.06
CA GLU D 93 16.99 -19.04 -48.25
C GLU D 93 16.31 -17.71 -48.58
N VAL D 94 17.09 -16.74 -49.09
CA VAL D 94 16.51 -15.43 -49.46
C VAL D 94 15.89 -15.52 -50.86
N SER D 95 14.81 -14.78 -51.09
CA SER D 95 14.13 -14.77 -52.41
CA SER D 95 14.13 -14.77 -52.41
C SER D 95 14.28 -13.45 -53.20
N ARG D 96 14.39 -12.37 -52.41
CA ARG D 96 14.40 -11.02 -53.04
C ARG D 96 15.27 -10.05 -52.24
N LEU D 97 16.10 -9.26 -52.92
CA LEU D 97 16.95 -8.24 -52.25
C LEU D 97 16.45 -6.84 -52.62
N PHE D 98 16.34 -5.94 -51.63
CA PHE D 98 15.90 -4.55 -51.91
C PHE D 98 16.93 -3.57 -51.31
N LEU D 99 17.70 -2.90 -52.17
CA LEU D 99 18.69 -1.90 -51.70
C LEU D 99 17.99 -0.54 -51.54
N GLU D 100 18.38 0.22 -50.52
CA GLU D 100 17.78 1.57 -50.29
C GLU D 100 18.08 2.44 -51.50
N PRO D 101 17.10 3.20 -52.04
CA PRO D 101 17.30 3.95 -53.29
C PRO D 101 18.10 5.27 -53.21
N THR D 102 18.40 5.73 -52.00
CA THR D 102 19.23 6.96 -51.85
C THR D 102 20.70 6.54 -51.64
N ARG D 103 21.00 5.26 -51.83
CA ARG D 103 22.40 4.75 -51.73
C ARG D 103 22.87 4.67 -50.27
N LYS D 104 21.94 4.56 -49.31
CA LYS D 104 22.32 4.43 -47.88
C LYS D 104 22.70 2.97 -47.59
N ASP D 105 23.49 2.73 -46.53
CA ASP D 105 23.98 1.36 -46.24
C ASP D 105 22.90 0.54 -45.52
N ILE D 106 21.73 0.38 -46.17
CA ILE D 106 20.61 -0.38 -45.56
C ILE D 106 19.93 -1.19 -46.66
N ALA D 107 19.52 -2.42 -46.34
CA ALA D 107 18.90 -3.31 -47.34
C ALA D 107 17.86 -4.21 -46.68
N LEU D 108 16.86 -4.65 -47.44
CA LEU D 108 15.83 -5.59 -46.92
C LEU D 108 15.94 -6.91 -47.66
N LEU D 109 15.92 -8.03 -46.93
CA LEU D 109 15.95 -9.35 -47.58
C LEU D 109 14.59 -10.01 -47.37
N LYS D 110 13.92 -10.43 -48.46
CA LYS D 110 12.64 -11.16 -48.31
C LYS D 110 12.96 -12.66 -48.26
N LEU D 111 12.50 -13.33 -47.22
CA LEU D 111 12.78 -14.78 -47.05
C LEU D 111 11.83 -15.59 -47.96
N SER D 112 12.32 -16.69 -48.52
CA SER D 112 11.45 -17.57 -49.32
C SER D 112 10.29 -18.00 -48.43
N SER D 113 10.58 -18.79 -47.39
CA SER D 113 9.54 -19.22 -46.43
C SER D 113 9.46 -18.20 -45.29
N PRO D 114 8.27 -17.86 -44.75
CA PRO D 114 8.20 -16.99 -43.59
C PRO D 114 8.80 -17.74 -42.39
N ALA D 115 9.45 -17.02 -41.48
CA ALA D 115 10.09 -17.67 -40.32
C ALA D 115 9.02 -18.14 -39.34
N VAL D 116 9.30 -19.21 -38.60
CA VAL D 116 8.36 -19.70 -37.55
C VAL D 116 8.63 -18.90 -36.27
N ILE D 117 7.66 -18.09 -35.84
CA ILE D 117 7.88 -17.23 -34.64
C ILE D 117 7.85 -18.10 -33.38
N THR D 118 9.03 -18.38 -32.82
CA THR D 118 9.12 -19.25 -31.62
C THR D 118 9.61 -18.41 -30.43
N ASP D 119 10.01 -19.07 -29.35
CA ASP D 119 10.57 -18.36 -28.17
C ASP D 119 12.01 -17.96 -28.49
N LYS D 120 12.61 -18.61 -29.50
CA LYS D 120 14.01 -18.32 -29.89
C LYS D 120 14.05 -17.44 -31.14
N VAL D 121 12.92 -17.29 -31.82
CA VAL D 121 12.87 -16.50 -33.09
C VAL D 121 11.71 -15.50 -32.99
N ILE D 122 12.01 -14.24 -32.74
CA ILE D 122 10.96 -13.20 -32.55
C ILE D 122 11.43 -11.90 -33.23
N PRO D 123 10.57 -11.21 -34.02
CA PRO D 123 10.98 -9.99 -34.71
C PRO D 123 11.13 -8.79 -33.76
N ALA D 124 12.13 -7.95 -34.00
CA ALA D 124 12.29 -6.71 -33.20
C ALA D 124 11.30 -5.66 -33.71
N CYS D 125 11.06 -4.61 -32.92
CA CYS D 125 10.10 -3.55 -33.31
C CYS D 125 10.84 -2.42 -34.02
N LEU D 126 10.15 -1.74 -34.95
CA LEU D 126 10.75 -0.61 -35.69
C LEU D 126 10.38 0.69 -34.96
N PRO D 127 11.14 1.79 -35.12
CA PRO D 127 10.85 3.03 -34.42
C PRO D 127 9.85 3.92 -35.18
N SER D 128 9.37 4.98 -34.51
CA SER D 128 8.48 5.94 -35.19
C SER D 128 9.31 6.70 -36.23
N PRO D 129 8.78 6.99 -37.44
CA PRO D 129 9.56 7.62 -38.49
C PRO D 129 10.28 8.91 -38.05
N ASN D 130 11.57 9.04 -38.38
CA ASN D 130 12.33 10.30 -38.10
C ASN D 130 12.62 10.49 -36.60
N TYR D 131 12.33 9.49 -35.76
CA TYR D 131 12.67 9.58 -34.32
C TYR D 131 14.17 9.82 -34.14
N VAL D 132 14.55 10.64 -33.16
CA VAL D 132 15.99 10.88 -32.86
C VAL D 132 16.30 10.35 -31.46
N VAL D 133 17.12 9.30 -31.36
CA VAL D 133 17.48 8.73 -30.03
C VAL D 133 18.27 9.78 -29.25
N ALA D 134 17.86 10.06 -28.02
CA ALA D 134 18.52 11.11 -27.20
C ALA D 134 20.00 10.78 -26.96
N ASP D 135 20.81 11.82 -26.73
CA ASP D 135 22.25 11.62 -26.43
C ASP D 135 22.39 10.82 -25.14
N ARG D 136 23.44 10.00 -25.03
CA ARG D 136 23.72 9.21 -23.79
C ARG D 136 22.64 8.14 -23.59
N THR D 137 21.63 8.08 -24.45
CA THR D 137 20.62 6.99 -24.34
C THR D 137 21.37 5.65 -24.43
N GLU D 138 21.11 4.74 -23.50
CA GLU D 138 21.83 3.44 -23.48
C GLU D 138 21.11 2.45 -24.38
N CYS D 139 21.86 1.77 -25.24
CA CYS D 139 21.26 0.78 -26.18
C CYS D 139 22.17 -0.44 -26.23
N PHE D 140 21.79 -1.47 -26.99
CA PHE D 140 22.60 -2.72 -27.04
C PHE D 140 22.95 -3.08 -28.47
N ILE D 141 24.18 -3.55 -28.70
CA ILE D 141 24.60 -4.03 -30.03
C ILE D 141 24.90 -5.52 -29.88
N THR D 142 24.66 -6.32 -30.90
CA THR D 142 24.86 -7.80 -30.78
C THR D 142 25.50 -8.35 -32.05
N GLY D 143 26.24 -9.46 -31.94
CA GLY D 143 26.81 -10.09 -33.15
C GLY D 143 27.86 -11.14 -32.88
N TRP D 144 28.37 -11.77 -33.94
CA TRP D 144 29.44 -12.79 -33.83
C TRP D 144 30.74 -12.18 -34.39
N GLY D 145 30.86 -10.86 -34.34
CA GLY D 145 32.04 -10.20 -34.93
C GLY D 145 33.32 -10.44 -34.15
N GLU D 146 34.42 -9.83 -34.60
CA GLU D 146 35.74 -9.97 -33.92
C GLU D 146 35.64 -9.46 -32.48
N THR D 147 36.46 -10.01 -31.59
CA THR D 147 36.42 -9.63 -30.14
C THR D 147 37.68 -8.86 -29.77
N GLN D 148 38.74 -8.98 -30.57
CA GLN D 148 40.01 -8.25 -30.30
C GLN D 148 40.51 -8.58 -28.89
N GLY D 149 40.60 -9.87 -28.55
CA GLY D 149 41.14 -10.29 -27.24
C GLY D 149 40.14 -10.13 -26.09
N THR D 150 38.88 -9.79 -26.38
CA THR D 150 37.89 -9.56 -25.30
C THR D 150 37.17 -10.87 -24.97
N PHE D 151 37.54 -11.97 -25.62
CA PHE D 151 36.95 -13.30 -25.29
C PHE D 151 35.50 -13.36 -25.76
N GLY D 152 34.96 -14.56 -25.91
CA GLY D 152 33.56 -14.74 -26.35
C GLY D 152 33.47 -15.11 -27.82
N ALA D 153 34.61 -15.36 -28.46
CA ALA D 153 34.63 -15.69 -29.89
C ALA D 153 33.80 -16.94 -30.16
N GLY D 154 33.03 -16.96 -31.25
CA GLY D 154 32.23 -18.13 -31.61
C GLY D 154 30.86 -18.09 -30.98
N LEU D 155 30.62 -17.11 -30.11
CA LEU D 155 29.32 -17.04 -29.40
C LEU D 155 28.70 -15.66 -29.61
N LEU D 156 27.36 -15.60 -29.67
CA LEU D 156 26.66 -14.31 -29.84
C LEU D 156 26.99 -13.41 -28.65
N LYS D 157 27.60 -12.26 -28.90
CA LYS D 157 27.99 -11.35 -27.80
C LYS D 157 27.07 -10.13 -27.80
N GLU D 158 26.98 -9.44 -26.67
CA GLU D 158 26.14 -8.23 -26.57
C GLU D 158 27.00 -7.11 -25.96
N ALA D 159 26.57 -5.86 -26.11
CA ALA D 159 27.30 -4.74 -25.46
C ALA D 159 26.36 -3.56 -25.27
N GLN D 160 26.24 -3.05 -24.04
CA GLN D 160 25.43 -1.84 -23.80
C GLN D 160 26.32 -0.63 -24.04
N LEU D 161 26.03 0.13 -25.10
CA LEU D 161 26.84 1.34 -25.39
C LEU D 161 25.92 2.57 -25.38
N PRO D 162 26.41 3.77 -25.00
CA PRO D 162 25.59 4.97 -25.05
C PRO D 162 25.60 5.61 -26.44
N VAL D 163 24.45 6.14 -26.86
CA VAL D 163 24.39 6.86 -28.16
C VAL D 163 25.09 8.21 -28.01
N ILE D 164 26.01 8.53 -28.92
CA ILE D 164 26.67 9.87 -28.91
C ILE D 164 25.98 10.70 -30.00
N GLU D 165 25.30 11.78 -29.62
CA GLU D 165 24.58 12.63 -30.60
C GLU D 165 25.52 12.97 -31.77
N ASN D 166 24.97 13.12 -32.97
CA ASN D 166 25.80 13.39 -34.18
C ASN D 166 26.67 14.64 -33.99
N LYS D 167 26.12 15.68 -33.36
CA LYS D 167 26.88 16.96 -33.19
C LYS D 167 28.24 16.67 -32.54
N VAL D 168 28.25 15.87 -31.48
CA VAL D 168 29.52 15.54 -30.76
C VAL D 168 30.37 14.62 -31.65
N CYS D 169 29.75 13.56 -32.18
CA CYS D 169 30.49 12.55 -32.99
C CYS D 169 31.20 13.22 -34.18
N ASN D 170 30.60 14.26 -34.76
CA ASN D 170 31.18 14.88 -35.98
C ASN D 170 32.25 15.91 -35.60
N ARG D 171 32.42 16.19 -34.32
CA ARG D 171 33.49 17.12 -33.86
C ARG D 171 34.84 16.62 -34.38
N TYR D 172 35.79 17.53 -34.58
CA TYR D 172 37.10 17.15 -35.18
C TYR D 172 37.80 16.08 -34.33
N GLU D 173 37.64 16.13 -33.02
CA GLU D 173 38.33 15.18 -32.11
C GLU D 173 37.74 13.78 -32.27
N PHE D 174 36.69 13.64 -33.07
CA PHE D 174 36.02 12.31 -33.20
C PHE D 174 35.98 11.91 -34.69
N LEU D 175 34.83 12.06 -35.34
CA LEU D 175 34.72 11.57 -36.74
C LEU D 175 34.80 12.75 -37.73
N ASN D 176 34.95 13.98 -37.22
CA ASN D 176 35.21 15.16 -38.10
C ASN D 176 34.20 15.27 -39.24
N GLY D 177 32.92 15.49 -38.93
CA GLY D 177 31.89 15.71 -39.99
C GLY D 177 31.71 14.57 -40.97
N ARG D 178 32.11 13.35 -40.60
CA ARG D 178 31.91 12.18 -41.48
C ARG D 178 30.51 11.58 -41.27
N VAL D 179 29.86 11.89 -40.14
CA VAL D 179 28.55 11.24 -39.82
C VAL D 179 27.40 12.05 -40.42
N GLN D 180 26.44 11.36 -41.03
CA GLN D 180 25.29 12.06 -41.67
C GLN D 180 24.04 11.92 -40.81
N SER D 181 23.02 12.75 -41.08
CA SER D 181 21.75 12.70 -40.33
C SER D 181 21.10 11.33 -40.44
N THR D 182 21.35 10.61 -41.52
CA THR D 182 20.76 9.26 -41.74
C THR D 182 21.58 8.23 -40.97
N GLU D 183 22.51 8.69 -40.12
CA GLU D 183 23.37 7.78 -39.34
C GLU D 183 23.36 8.20 -37.87
N LEU D 184 23.78 7.31 -36.97
CA LEU D 184 23.88 7.65 -35.53
C LEU D 184 25.19 7.09 -34.99
N CYS D 185 25.69 7.69 -33.90
CA CYS D 185 26.96 7.23 -33.29
C CYS D 185 26.68 6.61 -31.92
N ALA D 186 27.38 5.51 -31.60
CA ALA D 186 27.23 4.86 -30.29
C ALA D 186 28.57 4.26 -29.87
N GLY D 187 28.86 4.31 -28.56
CA GLY D 187 30.11 3.76 -28.04
C GLY D 187 30.65 4.58 -26.89
N HIS D 188 31.83 4.22 -26.39
CA HIS D 188 32.48 5.02 -25.32
C HIS D 188 33.63 5.80 -25.94
N LEU D 189 33.60 7.13 -25.84
CA LEU D 189 34.68 7.97 -26.42
C LEU D 189 36.02 7.49 -25.86
N ALA D 190 36.01 6.83 -24.70
CA ALA D 190 37.25 6.26 -24.12
C ALA D 190 37.68 5.02 -24.90
N GLY D 191 36.72 4.24 -25.41
CA GLY D 191 37.04 3.05 -26.21
C GLY D 191 36.77 1.76 -25.47
N GLY D 192 37.13 0.62 -26.05
CA GLY D 192 36.98 -0.68 -25.35
C GLY D 192 35.71 -1.42 -25.72
N THR D 193 34.64 -0.69 -26.06
CA THR D 193 33.34 -1.35 -26.35
C THR D 193 32.86 -0.93 -27.75
N ASP D 194 32.69 -1.89 -28.66
CA ASP D 194 32.32 -1.50 -30.04
C ASP D 194 32.01 -2.72 -30.91
N SER D 195 31.32 -2.51 -32.03
CA SER D 195 31.09 -3.61 -33.00
C SER D 195 32.39 -3.80 -33.80
N CYS D 196 32.60 -4.98 -34.38
CA CYS D 196 33.87 -5.24 -35.13
C CYS D 196 33.59 -6.16 -36.32
N GLN D 197 34.58 -6.37 -37.18
CA GLN D 197 34.38 -7.16 -38.43
C GLN D 197 33.46 -8.36 -38.15
N GLY D 198 32.31 -8.41 -38.83
CA GLY D 198 31.34 -9.50 -38.63
C GLY D 198 30.05 -9.00 -38.03
N ASP D 199 30.07 -7.84 -37.37
CA ASP D 199 28.86 -7.31 -36.70
C ASP D 199 28.01 -6.49 -37.68
N SER D 200 28.59 -6.10 -38.82
CA SER D 200 27.87 -5.24 -39.79
C SER D 200 26.53 -5.88 -40.20
N GLY D 201 25.47 -5.07 -40.27
CA GLY D 201 24.14 -5.58 -40.64
C GLY D 201 23.36 -5.95 -39.39
N GLY D 202 24.08 -6.16 -38.29
CA GLY D 202 23.45 -6.53 -37.01
C GLY D 202 22.65 -5.38 -36.43
N PRO D 203 21.91 -5.59 -35.32
CA PRO D 203 21.05 -4.55 -34.80
C PRO D 203 21.59 -3.65 -33.68
N LEU D 204 21.05 -2.44 -33.59
CA LEU D 204 21.36 -1.56 -32.43
C LEU D 204 19.99 -1.28 -31.82
N VAL D 205 19.68 -1.93 -30.70
CA VAL D 205 18.30 -1.80 -30.11
C VAL D 205 18.33 -0.97 -28.83
N CYS D 206 17.25 -0.25 -28.55
CA CYS D 206 17.15 0.56 -27.33
C CYS D 206 15.84 0.19 -26.61
N PHE D 207 15.91 -0.07 -25.31
CA PHE D 207 14.71 -0.46 -24.54
C PHE D 207 13.84 0.78 -24.29
N GLU D 208 12.62 0.77 -24.81
CA GLU D 208 11.70 1.92 -24.61
C GLU D 208 10.35 1.40 -24.09
N LYS D 209 9.93 1.86 -22.90
CA LYS D 209 8.65 1.42 -22.28
C LYS D 209 8.77 -0.04 -21.83
N ASP D 210 8.41 -0.99 -22.69
CA ASP D 210 8.43 -2.42 -22.28
C ASP D 210 8.98 -3.29 -23.41
N LYS D 211 9.83 -2.74 -24.27
CA LYS D 211 10.30 -3.53 -25.44
C LYS D 211 11.55 -2.92 -26.06
N TYR D 212 12.28 -3.72 -26.85
CA TYR D 212 13.53 -3.26 -27.51
C TYR D 212 13.21 -2.79 -28.93
N ILE D 213 13.52 -1.53 -29.23
CA ILE D 213 13.28 -0.98 -30.60
CA ILE D 213 13.28 -0.98 -30.60
C ILE D 213 14.57 -0.88 -31.45
N LEU D 214 14.46 -1.48 -32.64
CA LEU D 214 15.60 -1.38 -33.60
C LEU D 214 15.81 0.10 -33.95
N GLN D 215 16.91 0.68 -33.49
CA GLN D 215 17.18 2.12 -33.73
C GLN D 215 18.35 2.27 -34.71
N GLY D 216 19.19 1.25 -34.83
CA GLY D 216 20.37 1.38 -35.70
C GLY D 216 20.78 0.08 -36.40
N VAL D 217 21.56 0.21 -37.45
CA VAL D 217 22.11 -1.00 -38.16
C VAL D 217 23.63 -0.82 -38.21
N THR D 218 24.36 -1.74 -37.58
CA THR D 218 25.86 -1.69 -37.61
C THR D 218 26.31 -1.46 -39.06
N SER D 219 27.07 -0.39 -39.30
CA SER D 219 27.47 -0.03 -40.68
C SER D 219 28.99 0.05 -40.83
N TRP D 220 29.61 1.06 -40.20
CA TRP D 220 31.06 1.25 -40.39
C TRP D 220 31.69 1.98 -39.22
N GLY D 221 33.01 2.14 -39.24
CA GLY D 221 33.70 2.89 -38.19
C GLY D 221 35.19 3.01 -38.47
N LEU D 222 35.88 3.90 -37.77
CA LEU D 222 37.35 3.99 -37.90
C LEU D 222 37.96 2.95 -36.97
N GLY D 223 38.21 1.74 -37.47
CA GLY D 223 38.71 0.65 -36.60
C GLY D 223 37.63 0.21 -35.63
N CYS D 224 38.01 -0.55 -34.60
CA CYS D 224 37.04 -1.05 -33.60
C CYS D 224 37.50 -0.66 -32.19
N ALA D 225 36.62 -0.06 -31.39
CA ALA D 225 36.94 0.23 -29.97
C ALA D 225 38.16 1.15 -29.83
N ARG D 226 38.46 1.95 -30.86
CA ARG D 226 39.58 2.93 -30.72
C ARG D 226 39.06 4.15 -29.97
N PRO D 227 39.87 4.79 -29.09
CA PRO D 227 39.46 6.01 -28.40
C PRO D 227 39.09 7.13 -29.39
N ASN D 228 38.05 7.90 -29.10
CA ASN D 228 37.66 9.05 -29.96
C ASN D 228 37.15 8.55 -31.33
N LYS D 229 36.87 7.25 -31.46
CA LYS D 229 36.37 6.69 -32.75
C LYS D 229 35.15 5.81 -32.47
N PRO D 230 33.97 6.41 -32.19
CA PRO D 230 32.76 5.63 -31.90
C PRO D 230 32.21 4.95 -33.16
N GLY D 231 31.49 3.83 -32.99
CA GLY D 231 30.90 3.11 -34.13
C GLY D 231 29.78 3.87 -34.80
N VAL D 232 29.62 3.70 -36.11
CA VAL D 232 28.55 4.44 -36.87
C VAL D 232 27.45 3.46 -37.27
N TYR D 233 26.20 3.88 -37.14
CA TYR D 233 25.06 2.99 -37.43
C TYR D 233 24.04 3.74 -38.29
N VAL D 234 23.32 3.01 -39.14
CA VAL D 234 22.24 3.65 -39.95
C VAL D 234 21.07 3.97 -39.03
N ARG D 235 20.60 5.22 -39.04
CA ARG D 235 19.41 5.59 -38.24
C ARG D 235 18.18 4.97 -38.89
N VAL D 236 17.68 3.86 -38.33
CA VAL D 236 16.52 3.13 -38.93
C VAL D 236 15.30 4.06 -39.02
N SER D 237 15.15 4.97 -38.06
CA SER D 237 13.98 5.90 -38.04
C SER D 237 13.81 6.58 -39.39
N ARG D 238 14.90 6.89 -40.07
CA ARG D 238 14.82 7.66 -41.35
C ARG D 238 14.48 6.74 -42.52
N PHE D 239 14.20 5.46 -42.26
CA PHE D 239 13.95 4.48 -43.35
C PHE D 239 12.69 3.66 -43.05
N VAL D 240 12.00 3.97 -41.96
CA VAL D 240 10.77 3.21 -41.57
C VAL D 240 9.76 3.28 -42.72
N THR D 241 9.48 4.48 -43.21
CA THR D 241 8.54 4.65 -44.36
CA THR D 241 8.54 4.65 -44.36
C THR D 241 8.91 3.81 -45.60
N TRP D 242 10.22 3.84 -45.90
CA TRP D 242 10.70 3.02 -47.05
C TRP D 242 10.49 1.53 -46.76
N ILE D 243 10.86 1.09 -45.56
CA ILE D 243 10.75 -0.35 -45.21
C ILE D 243 9.28 -0.81 -45.32
N GLU D 244 8.37 -0.01 -44.77
CA GLU D 244 6.93 -0.37 -44.81
C GLU D 244 6.45 -0.40 -46.27
N GLY D 245 6.78 0.63 -47.04
CA GLY D 245 6.42 0.65 -48.47
C GLY D 245 6.89 -0.59 -49.19
N VAL D 246 8.14 -0.98 -48.96
CA VAL D 246 8.72 -2.18 -49.63
C VAL D 246 7.95 -3.43 -49.20
N MET D 247 7.67 -3.57 -47.90
CA MET D 247 7.04 -4.82 -47.40
C MET D 247 5.63 -4.98 -47.97
N ARG D 248 4.88 -3.88 -48.08
CA ARG D 248 3.46 -3.97 -48.53
C ARG D 248 3.43 -4.15 -50.05
N ASN D 249 4.20 -3.36 -50.80
CA ASN D 249 4.20 -3.44 -52.29
C ASN D 249 4.90 -4.72 -52.75
N ASN D 250 5.43 -5.49 -51.80
CA ASN D 250 6.17 -6.73 -52.17
C ASN D 250 5.75 -7.86 -51.22
N SER E 4 26.90 9.84 -8.43
CA SER E 4 26.72 9.53 -6.97
CA SER E 4 26.73 9.53 -6.97
C SER E 4 26.39 10.75 -6.09
N PHE E 5 25.39 10.52 -5.24
CA PHE E 5 24.97 11.58 -4.30
C PHE E 5 25.40 11.21 -2.87
N ASP E 6 26.45 11.86 -2.37
CA ASP E 6 26.97 11.57 -1.01
C ASP E 6 26.00 12.09 0.06
N CYS E 7 25.96 11.44 1.22
CA CYS E 7 25.01 11.83 2.29
C CYS E 7 25.38 13.20 2.86
N GLY E 8 24.40 13.93 3.41
CA GLY E 8 24.68 15.22 4.08
C GLY E 8 25.02 16.35 3.12
N LYS E 9 25.08 16.08 1.82
CA LYS E 9 25.51 17.14 0.86
C LYS E 9 24.36 17.48 -0.10
N PRO E 10 23.55 18.53 0.19
CA PRO E 10 22.45 18.92 -0.69
C PRO E 10 22.97 19.42 -2.05
N GLN E 11 22.16 19.29 -3.10
CA GLN E 11 22.53 19.79 -4.45
C GLN E 11 22.01 21.22 -4.58
N VAL E 12 21.09 21.62 -3.69
CA VAL E 12 20.62 23.04 -3.66
C VAL E 12 21.06 23.60 -2.31
N GLU E 13 22.09 24.47 -2.30
CA GLU E 13 22.64 25.02 -1.03
C GLU E 13 21.50 25.60 -0.17
N PRO E 14 21.39 25.22 1.13
CA PRO E 14 20.38 25.80 2.01
C PRO E 14 20.38 27.33 2.10
N LYS E 15 19.19 27.93 2.20
CA LYS E 15 19.04 29.42 2.24
C LYS E 15 19.70 30.02 3.48
N LYS E 16 19.76 29.27 4.58
CA LYS E 16 20.36 29.78 5.85
C LYS E 16 19.79 31.14 6.23
N CYS E 17 18.75 31.16 7.06
CA CYS E 17 18.21 32.47 7.54
C CYS E 17 18.66 32.67 8.99
N PRO E 18 19.64 33.55 9.27
CA PRO E 18 20.08 33.83 10.63
C PRO E 18 18.92 34.33 11.50
N VAL E 21 6.94 24.68 11.79
CA VAL E 21 8.13 25.49 12.21
C VAL E 21 7.68 26.93 12.44
N VAL E 22 7.77 27.40 13.68
CA VAL E 22 7.37 28.80 14.00
C VAL E 22 8.59 29.69 13.80
N GLY E 23 8.48 30.70 12.96
CA GLY E 23 9.63 31.57 12.65
C GLY E 23 10.49 30.96 11.56
N GLY E 24 11.80 31.25 11.60
CA GLY E 24 12.69 30.75 10.55
C GLY E 24 12.31 31.30 9.19
N CYS E 25 12.38 30.47 8.15
CA CYS E 25 12.09 30.95 6.78
C CYS E 25 11.69 29.78 5.87
N VAL E 26 11.12 30.08 4.69
CA VAL E 26 10.79 29.02 3.70
C VAL E 26 12.11 28.58 3.07
N ALA E 27 12.38 27.27 3.05
CA ALA E 27 13.67 26.77 2.55
C ALA E 27 13.73 26.79 1.02
N HIS E 28 14.94 26.80 0.47
CA HIS E 28 15.09 26.67 -1.00
C HIS E 28 14.60 25.27 -1.37
N PRO E 29 13.73 25.09 -2.39
CA PRO E 29 13.21 23.76 -2.70
C PRO E 29 14.34 22.76 -2.88
N HIS E 30 14.25 21.59 -2.23
CA HIS E 30 15.26 20.51 -2.39
C HIS E 30 16.59 20.90 -1.72
N SER E 31 16.55 21.86 -0.79
CA SER E 31 17.77 22.26 -0.04
C SER E 31 18.03 21.26 1.08
N TRP E 32 17.00 20.52 1.48
CA TRP E 32 17.13 19.46 2.52
C TRP E 32 16.63 18.16 1.90
N PRO E 33 17.41 17.49 1.02
CA PRO E 33 16.93 16.31 0.28
C PRO E 33 16.67 15.05 1.12
N TRP E 34 16.90 15.10 2.44
CA TRP E 34 16.63 13.93 3.34
C TRP E 34 15.30 14.12 4.06
N GLN E 35 14.74 15.34 4.04
CA GLN E 35 13.46 15.62 4.71
C GLN E 35 12.36 14.75 4.09
N VAL E 36 11.61 14.03 4.92
CA VAL E 36 10.51 13.16 4.41
C VAL E 36 9.22 13.54 5.13
N SER E 37 8.07 13.28 4.49
CA SER E 37 6.77 13.50 5.17
C SER E 37 6.13 12.13 5.42
N LEU E 38 5.78 11.86 6.68
CA LEU E 38 5.11 10.59 7.04
C LEU E 38 3.59 10.80 6.94
N ARG E 39 2.92 9.95 6.16
CA ARG E 39 1.46 10.12 5.94
C ARG E 39 0.74 8.77 6.00
N THR E 40 -0.59 8.80 6.10
CA THR E 40 -1.37 7.55 6.04
C THR E 40 -1.50 7.14 4.58
N ARG E 41 -1.90 5.90 4.30
CA ARG E 41 -2.13 5.49 2.89
C ARG E 41 -3.03 6.53 2.22
N PHE E 42 -4.02 7.05 2.94
CA PHE E 42 -4.93 8.10 2.40
C PHE E 42 -4.09 9.24 1.81
N GLY E 43 -3.33 9.95 2.63
CA GLY E 43 -2.43 10.98 2.08
C GLY E 43 -2.27 12.21 2.95
N MET E 44 -2.54 12.11 4.24
CA MET E 44 -2.46 13.29 5.14
C MET E 44 -1.10 13.33 5.86
N HIS E 45 -0.36 14.43 5.75
CA HIS E 45 0.91 14.58 6.50
C HIS E 45 0.61 14.67 8.00
N PHE E 46 1.32 13.89 8.82
CA PHE E 46 1.13 13.98 10.29
C PHE E 46 2.49 14.09 10.99
N CYS E 47 3.57 13.74 10.29
CA CYS E 47 4.89 13.74 10.96
C CYS E 47 6.03 13.89 9.96
N GLY E 48 7.16 14.42 10.42
CA GLY E 48 8.35 14.50 9.55
C GLY E 48 9.22 13.28 9.77
N GLY E 49 10.31 13.17 9.01
CA GLY E 49 11.24 12.06 9.17
C GLY E 49 12.52 12.33 8.41
N THR E 50 13.52 11.46 8.57
CA THR E 50 14.82 11.72 7.92
C THR E 50 15.29 10.48 7.15
N LEU E 51 15.55 10.64 5.85
CA LEU E 51 16.11 9.52 5.07
C LEU E 51 17.57 9.35 5.49
N ILE E 52 17.94 8.15 5.96
CA ILE E 52 19.33 7.89 6.43
C ILE E 52 19.96 6.89 5.45
N SER E 53 19.14 6.11 4.76
CA SER E 53 19.65 5.17 3.72
CA SER E 53 19.64 5.15 3.73
C SER E 53 18.56 5.03 2.64
N PRO E 54 18.95 4.46 1.48
CA PRO E 54 17.99 4.24 0.40
C PRO E 54 16.72 3.52 0.87
N GLU E 55 16.83 2.64 1.88
CA GLU E 55 15.65 1.85 2.33
C GLU E 55 15.27 2.17 3.78
N TRP E 56 15.90 3.16 4.41
CA TRP E 56 15.61 3.38 5.85
C TRP E 56 15.29 4.85 6.16
N VAL E 57 14.21 5.08 6.91
CA VAL E 57 13.83 6.45 7.36
C VAL E 57 13.79 6.46 8.88
N LEU E 58 14.35 7.50 9.50
CA LEU E 58 14.33 7.63 10.98
C LEU E 58 13.26 8.65 11.37
N THR E 59 12.46 8.33 12.40
CA THR E 59 11.38 9.24 12.85
C THR E 59 11.21 9.13 14.37
N ALA E 60 10.19 9.79 14.92
CA ALA E 60 9.90 9.66 16.36
C ALA E 60 8.89 8.53 16.57
N ALA E 61 9.11 7.69 17.58
CA ALA E 61 8.20 6.56 17.87
C ALA E 61 6.76 7.04 18.07
N HIS E 62 6.56 8.15 18.79
CA HIS E 62 5.21 8.70 19.06
C HIS E 62 4.45 8.95 17.75
N CYS E 63 5.18 9.21 16.67
CA CYS E 63 4.55 9.41 15.34
C CYS E 63 3.80 8.15 14.90
N LEU E 64 4.00 7.03 15.60
CA LEU E 64 3.39 5.73 15.19
C LEU E 64 2.34 5.29 16.21
N GLU E 65 1.88 6.20 17.07
CA GLU E 65 0.92 5.85 18.16
C GLU E 65 -0.40 5.32 17.61
N LYS E 66 -0.76 5.68 16.38
CA LYS E 66 -2.10 5.30 15.83
C LYS E 66 -2.10 3.85 15.31
N SER E 67 -0.98 3.36 14.78
CA SER E 67 -0.98 1.99 14.19
C SER E 67 0.41 1.34 14.26
N PRO E 68 0.52 0.08 14.71
CA PRO E 68 1.81 -0.63 14.69
C PRO E 68 1.93 -1.38 13.36
N ARG E 69 0.98 -1.16 12.44
CA ARG E 69 0.99 -1.86 11.13
C ARG E 69 1.75 -1.02 10.10
N PRO E 70 2.89 -1.51 9.56
CA PRO E 70 3.67 -0.74 8.59
C PRO E 70 2.86 -0.29 7.37
N SER E 71 1.97 -1.15 6.88
CA SER E 71 1.17 -0.85 5.65
C SER E 71 0.30 0.40 5.86
N SER E 72 0.11 0.80 7.10
CA SER E 72 -0.74 1.98 7.40
C SER E 72 0.04 3.27 7.14
N TYR E 73 1.27 3.15 6.63
CA TYR E 73 2.12 4.37 6.50
C TYR E 73 2.80 4.46 5.14
N LYS E 74 2.94 5.69 4.62
CA LYS E 74 3.70 5.91 3.35
C LYS E 74 4.63 7.12 3.55
N VAL E 75 5.82 7.06 2.95
CA VAL E 75 6.81 8.15 3.13
C VAL E 75 6.88 8.97 1.84
N ILE E 76 6.86 10.30 1.96
CA ILE E 76 6.96 11.20 0.77
C ILE E 76 8.38 11.77 0.71
N LEU E 77 9.05 11.63 -0.44
CA LEU E 77 10.47 12.05 -0.55
C LEU E 77 10.63 13.07 -1.69
N GLY E 78 11.56 14.03 -1.53
CA GLY E 78 11.82 15.03 -2.58
C GLY E 78 10.75 16.09 -2.66
N ALA E 79 9.97 16.26 -1.59
CA ALA E 79 8.83 17.20 -1.63
C ALA E 79 9.20 18.58 -1.09
N HIS E 80 8.46 19.60 -1.51
CA HIS E 80 8.63 20.96 -0.95
C HIS E 80 7.24 21.39 -0.49
N GLN E 81 6.21 20.95 -1.22
CA GLN E 81 4.81 21.25 -0.83
C GLN E 81 4.34 20.23 0.21
N GLU E 82 3.27 20.55 0.95
CA GLU E 82 2.71 19.63 1.98
C GLU E 82 1.47 18.95 1.42
N VAL E 83 0.76 19.62 0.49
CA VAL E 83 -0.52 19.06 -0.03
C VAL E 83 -0.42 18.83 -1.54
N ASN E 84 -0.11 19.88 -2.30
CA ASN E 84 -0.07 19.76 -3.78
C ASN E 84 1.29 19.20 -4.21
N LEU E 85 1.50 17.91 -3.98
CA LEU E 85 2.83 17.28 -4.28
C LEU E 85 3.09 17.31 -5.79
N GLU E 86 4.29 17.76 -6.17
CA GLU E 86 4.67 17.77 -7.60
C GLU E 86 4.87 16.32 -8.08
N PRO E 87 4.63 16.00 -9.37
CA PRO E 87 4.72 14.61 -9.86
C PRO E 87 6.06 13.92 -9.59
N HIS E 88 7.16 14.69 -9.58
CA HIS E 88 8.52 14.11 -9.38
C HIS E 88 8.63 13.48 -7.98
N VAL E 89 7.82 13.94 -7.03
CA VAL E 89 7.89 13.43 -5.62
C VAL E 89 7.80 11.90 -5.62
N GLN E 90 8.58 11.24 -4.75
CA GLN E 90 8.50 9.77 -4.63
C GLN E 90 7.63 9.43 -3.41
N GLU E 91 6.66 8.53 -3.59
CA GLU E 91 5.82 8.07 -2.46
C GLU E 91 6.07 6.58 -2.26
N ILE E 92 6.55 6.18 -1.08
CA ILE E 92 6.92 4.76 -0.85
C ILE E 92 6.21 4.25 0.41
N GLU E 93 5.64 3.05 0.32
CA GLU E 93 4.95 2.43 1.49
C GLU E 93 5.98 1.88 2.47
N VAL E 94 5.60 1.74 3.72
CA VAL E 94 6.52 1.17 4.75
C VAL E 94 6.30 -0.34 4.84
N SER E 95 7.39 -1.11 4.89
CA SER E 95 7.30 -2.59 5.03
CA SER E 95 7.30 -2.59 5.03
C SER E 95 7.40 -3.09 6.48
N ARG E 96 8.23 -2.37 7.23
CA ARG E 96 8.48 -2.79 8.65
C ARG E 96 8.74 -1.58 9.56
N LEU E 97 8.32 -1.69 10.83
CA LEU E 97 8.55 -0.61 11.83
C LEU E 97 9.45 -1.19 12.92
N PHE E 98 10.43 -0.40 13.38
CA PHE E 98 11.36 -0.86 14.44
C PHE E 98 11.43 0.20 15.53
N LEU E 99 10.76 -0.06 16.66
CA LEU E 99 10.77 0.92 17.78
C LEU E 99 12.04 0.71 18.62
N GLU E 100 12.61 1.80 19.12
CA GLU E 100 13.84 1.72 19.96
C GLU E 100 13.52 0.86 21.18
N PRO E 101 14.39 -0.11 21.57
CA PRO E 101 14.07 -1.04 22.67
C PRO E 101 13.95 -0.43 24.06
N THR E 102 14.66 0.67 24.34
CA THR E 102 14.64 1.28 25.71
C THR E 102 13.49 2.28 25.82
N ARG E 103 12.50 2.20 24.92
CA ARG E 103 11.29 3.08 25.01
C ARG E 103 11.65 4.54 24.75
N LYS E 104 12.69 4.79 23.96
CA LYS E 104 13.04 6.19 23.58
C LYS E 104 12.15 6.65 22.42
N ASP E 105 12.01 7.97 22.23
CA ASP E 105 11.09 8.50 21.19
C ASP E 105 11.79 8.46 19.82
N ILE E 106 12.30 7.30 19.42
CA ILE E 106 12.95 7.17 18.07
C ILE E 106 12.52 5.83 17.46
N ALA E 107 12.31 5.82 16.15
CA ALA E 107 11.86 4.59 15.45
C ALA E 107 12.46 4.53 14.05
N LEU E 108 12.71 3.32 13.56
CA LEU E 108 13.22 3.16 12.17
C LEU E 108 12.09 2.63 11.28
N LEU E 109 12.03 3.10 10.05
CA LEU E 109 11.02 2.61 9.08
C LEU E 109 11.75 2.02 7.89
N LYS E 110 11.46 0.76 7.56
CA LYS E 110 12.05 0.15 6.34
C LYS E 110 11.07 0.35 5.19
N LEU E 111 11.55 0.89 4.07
CA LEU E 111 10.67 1.15 2.90
C LEU E 111 10.42 -0.15 2.13
N SER E 112 9.21 -0.32 1.59
CA SER E 112 8.89 -1.51 0.77
CA SER E 112 8.89 -1.50 0.76
C SER E 112 9.86 -1.65 -0.43
N SER E 113 10.28 -0.48 -0.91
CA SER E 113 11.26 -0.45 -2.02
C SER E 113 12.29 0.66 -1.80
N PRO E 114 13.56 0.47 -2.18
CA PRO E 114 14.59 1.48 -1.99
C PRO E 114 14.18 2.80 -2.65
N ALA E 115 14.56 3.93 -2.05
CA ALA E 115 14.30 5.24 -2.68
C ALA E 115 15.33 5.47 -3.78
N VAL E 116 14.91 6.07 -4.89
CA VAL E 116 15.89 6.42 -5.96
C VAL E 116 16.64 7.67 -5.50
N ILE E 117 17.95 7.57 -5.36
CA ILE E 117 18.76 8.73 -4.86
C ILE E 117 18.97 9.69 -6.05
N THR E 118 18.42 10.89 -5.92
CA THR E 118 18.55 11.91 -6.99
C THR E 118 19.16 13.17 -6.38
N ASP E 119 19.15 14.29 -7.11
CA ASP E 119 19.66 15.58 -6.58
C ASP E 119 18.61 16.16 -5.65
N LYS E 120 17.41 15.56 -5.61
CA LYS E 120 16.31 16.08 -4.76
C LYS E 120 16.07 15.10 -3.60
N VAL E 121 16.58 13.87 -3.74
CA VAL E 121 16.39 12.84 -2.67
C VAL E 121 17.75 12.28 -2.28
N ILE E 122 18.31 12.74 -1.16
CA ILE E 122 19.67 12.30 -0.71
C ILE E 122 19.62 12.02 0.80
N PRO E 123 20.18 10.89 1.28
CA PRO E 123 20.18 10.58 2.70
C PRO E 123 21.03 11.53 3.54
N ALA E 124 20.66 11.75 4.79
CA ALA E 124 21.51 12.55 5.70
C ALA E 124 22.59 11.64 6.26
N CYS E 125 23.71 12.19 6.71
CA CYS E 125 24.78 11.36 7.33
C CYS E 125 24.49 11.17 8.82
N LEU E 126 24.76 9.98 9.35
CA LEU E 126 24.54 9.72 10.80
C LEU E 126 25.76 10.20 11.59
N PRO E 127 25.61 10.56 12.88
CA PRO E 127 26.73 11.08 13.66
C PRO E 127 27.60 9.94 14.19
N SER E 128 28.76 10.29 14.75
CA SER E 128 29.61 9.24 15.39
C SER E 128 28.96 8.82 16.70
N PRO E 129 29.02 7.53 17.09
CA PRO E 129 28.35 7.06 18.30
C PRO E 129 28.65 7.89 19.55
N ASN E 130 27.61 8.27 20.30
CA ASN E 130 27.80 8.99 21.59
C ASN E 130 28.41 10.37 21.39
N TYR E 131 28.53 10.83 20.14
CA TYR E 131 29.04 12.21 19.90
C TYR E 131 28.14 13.22 20.62
N VAL E 132 28.73 14.27 21.17
CA VAL E 132 27.95 15.31 21.91
C VAL E 132 28.09 16.63 21.17
N VAL E 133 26.98 17.17 20.66
CA VAL E 133 27.01 18.50 19.97
C VAL E 133 27.35 19.57 21.00
N ALA E 134 28.36 20.40 20.72
CA ALA E 134 28.81 21.45 21.67
C ALA E 134 27.73 22.50 21.90
N ASP E 135 27.74 23.14 23.07
CA ASP E 135 26.77 24.24 23.33
C ASP E 135 27.02 25.36 22.32
N ARG E 136 25.97 26.10 21.95
CA ARG E 136 26.11 27.26 21.02
C ARG E 136 26.21 26.77 19.57
N THR E 137 26.42 25.47 19.35
CA THR E 137 26.55 24.93 17.98
C THR E 137 25.28 25.26 17.19
N GLU E 138 25.44 25.87 16.02
CA GLU E 138 24.27 26.28 15.19
C GLU E 138 23.79 25.07 14.37
N CYS E 139 22.50 24.74 14.48
CA CYS E 139 21.94 23.58 13.75
C CYS E 139 20.63 24.02 13.08
N PHE E 140 20.14 23.24 12.12
CA PHE E 140 18.88 23.58 11.42
C PHE E 140 17.80 22.53 11.67
N ILE E 141 16.58 22.97 11.95
CA ILE E 141 15.43 22.03 12.11
CA ILE E 141 15.44 22.02 12.09
C ILE E 141 14.46 22.36 10.95
N THR E 142 13.95 21.31 10.33
CA THR E 142 13.09 21.53 9.14
C THR E 142 11.76 20.79 9.31
N GLY E 143 10.71 21.26 8.63
CA GLY E 143 9.42 20.54 8.68
C GLY E 143 8.26 21.29 8.05
N TRP E 144 7.10 20.63 7.94
CA TRP E 144 5.88 21.26 7.37
C TRP E 144 4.88 21.48 8.51
N GLY E 145 5.36 21.70 9.72
CA GLY E 145 4.47 21.84 10.89
C GLY E 145 3.83 23.22 10.99
N GLU E 146 3.07 23.45 12.07
CA GLU E 146 2.38 24.75 12.30
C GLU E 146 3.38 25.90 12.37
N THR E 147 2.94 27.10 11.98
CA THR E 147 3.84 28.28 11.95
C THR E 147 3.42 29.27 13.05
N GLN E 148 2.30 28.98 13.74
CA GLN E 148 1.79 29.88 14.80
C GLN E 148 1.65 31.31 14.26
N GLY E 149 1.13 31.46 13.03
CA GLY E 149 0.90 32.79 12.46
C GLY E 149 2.06 33.28 11.62
N THR E 150 3.22 32.64 11.73
CA THR E 150 4.38 33.03 10.89
C THR E 150 4.12 32.58 9.44
N PHE E 151 4.91 33.09 8.49
CA PHE E 151 4.71 32.73 7.06
C PHE E 151 5.33 31.36 6.77
N GLY E 152 4.95 30.73 5.65
CA GLY E 152 5.57 29.45 5.25
C GLY E 152 4.59 28.28 5.27
N ALA E 153 3.40 28.47 5.82
CA ALA E 153 2.42 27.36 5.94
C ALA E 153 2.23 26.68 4.58
N GLY E 154 2.19 25.35 4.57
CA GLY E 154 2.02 24.58 3.32
C GLY E 154 3.34 24.36 2.60
N LEU E 155 4.42 24.95 3.12
CA LEU E 155 5.75 24.85 2.46
C LEU E 155 6.77 24.28 3.45
N LEU E 156 7.86 23.69 2.93
CA LEU E 156 8.93 23.18 3.82
C LEU E 156 9.67 24.38 4.42
N LYS E 157 9.63 24.52 5.74
CA LYS E 157 10.29 25.67 6.41
C LYS E 157 11.55 25.20 7.13
N GLU E 158 12.48 26.13 7.37
CA GLU E 158 13.74 25.80 8.09
C GLU E 158 13.94 26.84 9.20
N ALA E 159 14.78 26.53 10.18
CA ALA E 159 15.12 27.51 11.24
C ALA E 159 16.51 27.19 11.77
N GLN E 160 17.35 28.21 11.91
CA GLN E 160 18.70 28.00 12.48
C GLN E 160 18.59 28.21 13.99
N LEU E 161 18.82 27.17 14.77
CA LEU E 161 18.67 27.28 16.24
C LEU E 161 19.98 26.88 16.91
N PRO E 162 20.39 27.53 18.02
CA PRO E 162 21.58 27.11 18.74
C PRO E 162 21.26 25.97 19.74
N VAL E 163 22.15 24.98 19.81
CA VAL E 163 21.97 23.87 20.78
C VAL E 163 22.22 24.41 22.20
N ILE E 164 21.35 24.06 23.15
CA ILE E 164 21.56 24.47 24.57
C ILE E 164 22.01 23.23 25.35
N GLU E 165 23.10 23.35 26.10
CA GLU E 165 23.64 22.19 26.85
C GLU E 165 22.58 21.71 27.86
N ASN E 166 22.43 20.40 28.01
CA ASN E 166 21.38 19.82 28.90
C ASN E 166 21.42 20.45 30.30
N LYS E 167 22.61 20.69 30.87
CA LYS E 167 22.72 21.22 32.26
C LYS E 167 21.99 22.56 32.37
N VAL E 168 22.14 23.45 31.38
CA VAL E 168 21.44 24.77 31.38
C VAL E 168 19.96 24.53 31.09
N CYS E 169 19.66 23.68 30.13
CA CYS E 169 18.25 23.41 29.72
C CYS E 169 17.49 22.77 30.89
N ASN E 170 18.19 22.06 31.77
CA ASN E 170 17.52 21.36 32.91
C ASN E 170 17.42 22.27 34.14
N ARG E 171 17.80 23.54 34.02
CA ARG E 171 17.66 24.49 35.16
C ARG E 171 16.18 24.75 35.44
N TYR E 172 15.84 25.09 36.69
CA TYR E 172 14.43 25.31 37.09
C TYR E 172 13.78 26.37 36.20
N GLU E 173 14.53 27.41 35.84
CA GLU E 173 13.96 28.53 35.05
C GLU E 173 13.61 28.04 33.64
N PHE E 174 14.03 26.83 33.28
CA PHE E 174 13.80 26.33 31.89
C PHE E 174 12.98 25.03 31.91
N LEU E 175 13.62 23.88 31.71
CA LEU E 175 12.86 22.60 31.59
C LEU E 175 12.86 21.83 32.92
N ASN E 176 13.49 22.38 33.96
CA ASN E 176 13.43 21.78 35.32
C ASN E 176 13.71 20.27 35.31
N GLY E 177 14.89 19.84 34.85
CA GLY E 177 15.30 18.42 34.92
C GLY E 177 14.53 17.46 34.02
N ARG E 178 13.73 17.96 33.08
CA ARG E 178 12.91 17.03 32.26
C ARG E 178 13.75 16.40 31.15
N VAL E 179 14.91 16.99 30.82
CA VAL E 179 15.71 16.50 29.66
C VAL E 179 16.68 15.40 30.07
N GLN E 180 16.72 14.30 29.30
CA GLN E 180 17.59 13.14 29.63
C GLN E 180 18.90 13.23 28.83
N SER E 181 19.88 12.39 29.18
CA SER E 181 21.18 12.36 28.46
C SER E 181 20.95 11.96 27.00
N THR E 182 19.93 11.15 26.72
CA THR E 182 19.65 10.65 25.36
C THR E 182 18.90 11.71 24.56
N GLU E 183 18.79 12.93 25.11
CA GLU E 183 18.07 14.03 24.42
C GLU E 183 18.98 15.27 24.37
N LEU E 184 18.69 16.20 23.45
CA LEU E 184 19.45 17.47 23.38
C LEU E 184 18.45 18.63 23.29
N CYS E 185 18.84 19.81 23.77
CA CYS E 185 17.94 20.99 23.69
C CYS E 185 18.44 21.94 22.60
N ALA E 186 17.52 22.58 21.88
CA ALA E 186 17.92 23.55 20.84
C ALA E 186 16.88 24.67 20.79
N GLY E 187 17.32 25.90 20.51
CA GLY E 187 16.39 27.02 20.38
C GLY E 187 16.90 28.26 21.10
N HIS E 188 16.13 29.35 21.03
CA HIS E 188 16.50 30.59 21.74
C HIS E 188 15.68 30.68 23.03
N LEU E 189 16.33 30.98 24.16
CA LEU E 189 15.63 31.08 25.47
C LEU E 189 14.65 32.25 25.44
N ALA E 190 14.84 33.19 24.51
CA ALA E 190 13.92 34.34 24.37
C ALA E 190 12.65 33.91 23.62
N GLY E 191 12.69 32.77 22.92
CA GLY E 191 11.51 32.26 22.20
C GLY E 191 11.40 32.84 20.79
N GLY E 192 10.34 32.48 20.05
CA GLY E 192 10.11 33.04 18.71
C GLY E 192 10.34 32.03 17.59
N THR E 193 11.40 31.23 17.68
CA THR E 193 11.73 30.27 16.59
C THR E 193 11.81 28.85 17.18
N ASP E 194 11.13 27.89 16.55
CA ASP E 194 11.08 26.55 17.16
C ASP E 194 10.30 25.56 16.30
N SER E 195 10.52 24.26 16.49
CA SER E 195 9.69 23.25 15.80
C SER E 195 8.27 23.36 16.37
N CYS E 196 7.25 22.91 15.64
CA CYS E 196 5.89 22.93 16.21
C CYS E 196 5.10 21.70 15.76
N GLN E 197 3.81 21.64 16.06
CA GLN E 197 2.97 20.45 15.74
C GLN E 197 3.15 20.05 14.26
N GLY E 198 3.41 18.77 14.02
CA GLY E 198 3.64 18.28 12.63
C GLY E 198 5.12 18.22 12.29
N ASP E 199 5.97 18.84 13.11
CA ASP E 199 7.44 18.82 12.88
C ASP E 199 8.07 17.61 13.58
N SER E 200 7.32 16.94 14.45
CA SER E 200 7.84 15.77 15.21
C SER E 200 8.30 14.65 14.26
N GLY E 201 9.39 13.97 14.61
CA GLY E 201 9.93 12.89 13.77
C GLY E 201 10.93 13.44 12.77
N GLY E 202 10.88 14.75 12.52
CA GLY E 202 11.77 15.37 11.54
C GLY E 202 13.19 15.54 12.01
N PRO E 203 14.10 16.09 11.18
CA PRO E 203 15.51 16.16 11.52
C PRO E 203 16.07 17.43 12.18
N LEU E 204 17.14 17.26 12.96
CA LEU E 204 17.88 18.43 13.51
C LEU E 204 19.30 18.23 12.98
N VAL E 205 19.70 19.00 11.98
CA VAL E 205 21.02 18.76 11.34
C VAL E 205 22.00 19.85 11.75
N CYS E 206 23.28 19.49 11.86
CA CYS E 206 24.32 20.49 12.19
C CYS E 206 25.45 20.34 11.15
N PHE E 207 25.85 21.44 10.52
CA PHE E 207 26.90 21.36 9.47
C PHE E 207 28.26 21.06 10.11
N GLU E 208 28.98 20.10 9.55
CA GLU E 208 30.33 19.77 10.06
C GLU E 208 31.28 19.63 8.87
N LYS E 209 32.20 20.57 8.70
CA LYS E 209 33.21 20.50 7.60
C LYS E 209 32.57 20.86 6.26
N ASP E 210 31.97 19.88 5.58
CA ASP E 210 31.40 20.13 4.24
C ASP E 210 30.05 19.42 4.08
N LYS E 211 29.47 18.94 5.17
CA LYS E 211 28.22 18.15 5.04
C LYS E 211 27.35 18.31 6.29
N TYR E 212 26.04 18.04 6.15
CA TYR E 212 25.12 18.15 7.30
C TYR E 212 25.01 16.79 8.00
N ILE E 213 25.18 16.78 9.31
CA ILE E 213 25.03 15.51 10.09
CA ILE E 213 25.06 15.52 10.11
C ILE E 213 23.75 15.51 10.95
N LEU E 214 23.08 14.36 10.88
CA LEU E 214 21.84 14.21 11.67
C LEU E 214 22.19 14.04 13.15
N GLN E 215 21.87 15.04 13.97
CA GLN E 215 22.24 14.99 15.42
C GLN E 215 20.99 14.82 16.28
N GLY E 216 19.82 15.18 15.76
CA GLY E 216 18.60 15.11 16.59
C GLY E 216 17.33 14.80 15.83
N VAL E 217 16.33 14.25 16.52
CA VAL E 217 14.99 14.01 15.91
C VAL E 217 13.97 14.81 16.73
N THR E 218 13.18 15.66 16.07
CA THR E 218 12.18 16.50 16.78
C THR E 218 11.30 15.58 17.63
N SER E 219 11.22 15.86 18.94
CA SER E 219 10.47 14.95 19.86
C SER E 219 9.36 15.70 20.60
N TRP E 220 9.70 16.66 21.45
CA TRP E 220 8.66 17.32 22.27
C TRP E 220 9.13 18.66 22.82
N GLY E 221 8.25 19.35 23.56
CA GLY E 221 8.60 20.64 24.17
C GLY E 221 7.44 21.18 24.98
N LEU E 222 7.69 22.20 25.81
CA LEU E 222 6.58 22.85 26.56
C LEU E 222 6.02 23.96 25.66
N GLY E 223 5.09 23.61 24.77
CA GLY E 223 4.58 24.60 23.80
C GLY E 223 5.56 24.76 22.63
N CYS E 224 5.34 25.76 21.79
CA CYS E 224 6.26 26.04 20.64
C CYS E 224 6.77 27.48 20.72
N ALA E 225 8.08 27.68 20.60
CA ALA E 225 8.66 29.05 20.51
C ALA E 225 8.32 29.92 21.73
N ARG E 226 7.96 29.31 22.85
CA ARG E 226 7.71 30.10 24.09
C ARG E 226 9.05 30.46 24.73
N PRO E 227 9.18 31.64 25.41
CA PRO E 227 10.41 31.99 26.10
C PRO E 227 10.74 31.00 27.22
N ASN E 228 12.01 30.76 27.50
CA ASN E 228 12.43 29.83 28.59
CA ASN E 228 12.43 29.83 28.59
C ASN E 228 12.08 28.35 28.33
N LYS E 229 11.62 28.07 27.11
CA LYS E 229 11.14 26.70 26.79
C LYS E 229 11.74 26.24 25.46
N PRO E 230 13.03 25.84 25.43
CA PRO E 230 13.66 25.34 24.22
C PRO E 230 13.13 23.96 23.84
N GLY E 231 13.08 23.67 22.53
CA GLY E 231 12.58 22.37 22.06
C GLY E 231 13.50 21.22 22.45
N VAL E 232 12.94 20.02 22.59
CA VAL E 232 13.74 18.83 22.99
C VAL E 232 13.81 17.85 21.82
N TYR E 233 14.99 17.29 21.57
CA TYR E 233 15.19 16.37 20.43
C TYR E 233 15.95 15.13 20.90
N VAL E 234 15.63 13.97 20.33
CA VAL E 234 16.37 12.73 20.67
C VAL E 234 17.80 12.86 20.13
N ARG E 235 18.80 12.59 20.96
CA ARG E 235 20.22 12.66 20.52
C ARG E 235 20.53 11.42 19.68
N VAL E 236 20.55 11.56 18.35
CA VAL E 236 20.77 10.41 17.43
C VAL E 236 22.06 9.67 17.78
N SER E 237 23.11 10.40 18.17
CA SER E 237 24.44 9.78 18.47
C SER E 237 24.30 8.61 19.45
N ARG E 238 23.36 8.71 20.40
CA ARG E 238 23.19 7.66 21.43
C ARG E 238 22.46 6.45 20.85
N PHE E 239 22.16 6.45 19.54
CA PHE E 239 21.35 5.36 18.97
C PHE E 239 21.94 4.86 17.64
N VAL E 240 23.09 5.41 17.24
CA VAL E 240 23.71 5.02 15.94
C VAL E 240 23.93 3.50 15.92
N THR E 241 24.49 2.96 17.00
CA THR E 241 24.73 1.49 17.08
CA THR E 241 24.73 1.49 17.08
C THR E 241 23.46 0.64 16.91
N TRP E 242 22.43 1.07 17.64
CA TRP E 242 21.09 0.41 17.50
C TRP E 242 20.63 0.46 16.04
N ILE E 243 20.75 1.64 15.40
CA ILE E 243 20.27 1.81 14.01
C ILE E 243 21.06 0.91 13.06
N GLU E 244 22.38 0.89 13.18
CA GLU E 244 23.23 0.09 12.28
C GLU E 244 22.85 -1.40 12.37
N GLY E 245 22.61 -1.89 13.58
CA GLY E 245 22.24 -3.31 13.77
C GLY E 245 20.91 -3.64 13.11
N VAL E 246 19.91 -2.78 13.31
CA VAL E 246 18.56 -3.02 12.74
C VAL E 246 18.70 -3.15 11.21
N MET E 247 19.35 -2.17 10.59
CA MET E 247 19.54 -2.18 9.11
CA MET E 247 19.54 -2.18 9.11
C MET E 247 20.36 -3.38 8.60
N ARG E 248 21.33 -3.73 9.45
CA ARG E 248 22.24 -4.86 9.13
C ARG E 248 21.49 -6.19 9.26
N ASN E 249 20.47 -6.27 10.11
CA ASN E 249 19.79 -7.56 10.37
C ASN E 249 18.34 -7.56 9.90
N ASN E 250 17.91 -6.54 9.16
CA ASN E 250 16.52 -6.55 8.63
C ASN E 250 16.51 -5.94 7.22
N PHE F 5 -11.80 1.77 52.25
CA PHE F 5 -10.50 1.05 52.30
C PHE F 5 -9.35 2.03 51.98
N ASP F 6 -8.50 2.30 52.97
CA ASP F 6 -7.34 3.21 52.77
C ASP F 6 -6.42 2.64 51.69
N CYS F 7 -5.83 3.51 50.85
CA CYS F 7 -4.95 3.06 49.75
C CYS F 7 -3.69 2.42 50.34
N GLY F 8 -3.07 1.48 49.63
CA GLY F 8 -1.81 0.87 50.09
C GLY F 8 -2.00 -0.08 51.26
N LYS F 9 -3.26 -0.32 51.65
CA LYS F 9 -3.54 -1.19 52.83
C LYS F 9 -4.22 -2.47 52.37
N PRO F 10 -3.45 -3.52 51.97
CA PRO F 10 -4.04 -4.80 51.54
C PRO F 10 -4.76 -5.48 52.71
N GLN F 11 -5.95 -6.02 52.45
CA GLN F 11 -6.74 -6.71 53.51
C GLN F 11 -6.24 -8.14 53.62
N VAL F 12 -5.34 -8.55 52.72
CA VAL F 12 -4.71 -9.90 52.80
C VAL F 12 -3.20 -9.66 52.79
N GLU F 13 -2.55 -9.82 53.95
CA GLU F 13 -1.10 -9.51 54.04
C GLU F 13 -0.33 -10.24 52.94
N PRO F 14 0.53 -9.55 52.16
CA PRO F 14 1.36 -10.21 51.16
C PRO F 14 2.11 -11.42 51.72
N LYS F 15 2.34 -12.44 50.90
CA LYS F 15 3.01 -13.69 51.34
C LYS F 15 4.44 -13.40 51.81
N LYS F 16 5.07 -12.35 51.27
CA LYS F 16 6.48 -12.03 51.61
C LYS F 16 7.36 -13.23 51.25
N CYS F 17 8.16 -13.09 50.20
CA CYS F 17 9.00 -14.23 49.75
C CYS F 17 10.44 -13.74 49.57
N PRO F 18 11.18 -13.46 50.67
CA PRO F 18 12.57 -13.03 50.58
C PRO F 18 13.46 -14.18 50.09
N VAL F 21 6.53 -13.13 35.85
CA VAL F 21 7.53 -12.88 36.93
C VAL F 21 8.43 -14.11 37.06
N VAL F 22 9.73 -13.95 36.81
CA VAL F 22 10.70 -15.07 36.97
C VAL F 22 11.15 -15.10 38.42
N GLY F 23 11.12 -16.28 39.06
CA GLY F 23 11.46 -16.38 40.49
C GLY F 23 10.30 -15.95 41.37
N GLY F 24 10.57 -15.48 42.58
CA GLY F 24 9.52 -15.01 43.49
C GLY F 24 8.57 -16.14 43.91
N CYS F 25 7.28 -15.84 44.04
CA CYS F 25 6.32 -16.86 44.53
C CYS F 25 4.88 -16.47 44.17
N VAL F 26 3.98 -17.45 44.03
CA VAL F 26 2.56 -17.11 43.80
C VAL F 26 2.08 -16.31 45.01
N ALA F 27 1.37 -15.21 44.79
CA ALA F 27 0.97 -14.34 45.92
C ALA F 27 -0.33 -14.82 46.56
N HIS F 28 -0.51 -14.51 47.85
CA HIS F 28 -1.81 -14.82 48.49
C HIS F 28 -2.90 -14.08 47.72
N PRO F 29 -4.01 -14.74 47.31
CA PRO F 29 -5.03 -14.07 46.51
C PRO F 29 -5.52 -12.77 47.18
N HIS F 30 -5.54 -11.66 46.42
CA HIS F 30 -6.06 -10.37 46.94
C HIS F 30 -5.06 -9.71 47.89
N SER F 31 -3.80 -10.16 47.88
CA SER F 31 -2.75 -9.52 48.71
C SER F 31 -2.29 -8.23 48.04
N TRP F 32 -2.60 -8.08 46.74
CA TRP F 32 -2.24 -6.86 45.98
C TRP F 32 -3.50 -6.35 45.28
N PRO F 33 -4.46 -5.71 46.00
CA PRO F 33 -5.75 -5.33 45.40
C PRO F 33 -5.65 -4.20 44.35
N TRP F 34 -4.46 -3.63 44.17
CA TRP F 34 -4.27 -2.51 43.19
C TRP F 34 -3.73 -3.05 41.86
N GLN F 35 -3.35 -4.32 41.83
CA GLN F 35 -2.84 -4.93 40.58
C GLN F 35 -3.96 -4.95 39.54
N VAL F 36 -3.68 -4.47 38.33
CA VAL F 36 -4.70 -4.51 37.24
C VAL F 36 -4.19 -5.38 36.11
N SER F 37 -5.10 -6.01 35.36
CA SER F 37 -4.69 -6.80 34.16
C SER F 37 -5.24 -6.10 32.92
N LEU F 38 -4.35 -5.49 32.12
CA LEU F 38 -4.78 -4.85 30.85
C LEU F 38 -4.98 -5.96 29.84
N ARG F 39 -6.17 -6.08 29.25
CA ARG F 39 -6.44 -7.21 28.33
C ARG F 39 -7.05 -6.72 27.02
N THR F 40 -6.99 -7.56 25.98
CA THR F 40 -7.58 -7.20 24.66
C THR F 40 -9.10 -7.21 24.74
N ARG F 41 -9.77 -6.66 23.72
CA ARG F 41 -11.26 -6.69 23.68
C ARG F 41 -11.74 -8.14 23.68
N PHE F 42 -10.85 -9.09 23.36
CA PHE F 42 -11.19 -10.53 23.37
C PHE F 42 -10.93 -11.14 24.74
N GLY F 43 -10.05 -10.54 25.55
CA GLY F 43 -9.82 -11.02 26.92
C GLY F 43 -8.45 -11.66 27.12
N MET F 44 -7.49 -11.35 26.25
CA MET F 44 -6.11 -11.85 26.44
C MET F 44 -5.29 -10.83 27.21
N HIS F 45 -4.64 -11.24 28.30
CA HIS F 45 -3.76 -10.32 29.07
C HIS F 45 -2.52 -10.00 28.26
N PHE F 46 -2.13 -8.72 28.21
CA PHE F 46 -0.91 -8.31 27.46
C PHE F 46 -0.10 -7.29 28.27
N CYS F 47 -0.47 -7.04 29.53
CA CYS F 47 0.23 -6.00 30.32
C CYS F 47 -0.37 -5.86 31.71
N GLY F 48 0.45 -5.44 32.68
CA GLY F 48 -0.06 -5.18 34.03
C GLY F 48 -0.39 -3.71 34.22
N GLY F 49 -0.92 -3.35 35.38
CA GLY F 49 -1.26 -1.94 35.67
C GLY F 49 -1.52 -1.76 37.16
N THR F 50 -1.74 -0.52 37.59
CA THR F 50 -1.94 -0.25 39.04
C THR F 50 -3.12 0.69 39.24
N LEU F 51 -4.13 0.25 40.00
CA LEU F 51 -5.28 1.13 40.33
C LEU F 51 -4.80 2.18 41.33
N ILE F 52 -4.88 3.46 40.96
CA ILE F 52 -4.38 4.55 41.84
C ILE F 52 -5.58 5.37 42.29
N SER F 53 -6.74 5.11 41.69
CA SER F 53 -7.99 5.83 42.05
CA SER F 53 -7.98 5.84 42.04
C SER F 53 -9.20 5.10 41.44
N PRO F 54 -10.37 5.30 42.08
CA PRO F 54 -11.60 4.64 41.65
C PRO F 54 -11.73 4.59 40.13
N GLU F 55 -11.49 5.71 39.44
CA GLU F 55 -11.70 5.75 37.97
C GLU F 55 -10.35 5.98 37.26
N TRP F 56 -9.23 5.62 37.88
CA TRP F 56 -7.91 5.93 37.26
C TRP F 56 -6.94 4.74 37.38
N VAL F 57 -6.37 4.31 36.24
CA VAL F 57 -5.38 3.20 36.24
C VAL F 57 -4.08 3.71 35.62
N LEU F 58 -2.94 3.46 36.29
CA LEU F 58 -1.62 3.90 35.77
C LEU F 58 -0.92 2.68 35.17
N THR F 59 -0.41 2.82 33.95
CA THR F 59 0.28 1.70 33.27
C THR F 59 1.48 2.24 32.48
N ALA F 60 2.17 1.38 31.74
CA ALA F 60 3.30 1.81 30.90
C ALA F 60 2.75 2.29 29.55
N ALA F 61 3.36 3.33 28.97
CA ALA F 61 2.91 3.89 27.68
C ALA F 61 3.06 2.85 26.58
N HIS F 62 4.12 2.04 26.63
CA HIS F 62 4.41 1.03 25.58
C HIS F 62 3.29 -0.04 25.51
N CYS F 63 2.51 -0.19 26.57
CA CYS F 63 1.39 -1.18 26.60
C CYS F 63 0.26 -0.71 25.67
N LEU F 64 0.31 0.54 25.22
CA LEU F 64 -0.75 1.10 24.33
C LEU F 64 -0.23 1.24 22.91
N GLU F 65 0.90 0.60 22.60
CA GLU F 65 1.54 0.73 21.25
C GLU F 65 0.62 0.18 20.15
N LYS F 66 -0.24 -0.79 20.46
CA LYS F 66 -1.06 -1.45 19.39
C LYS F 66 -2.30 -0.62 19.01
N SER F 67 -2.76 0.29 19.87
CA SER F 67 -4.03 1.01 19.55
C SER F 67 -4.17 2.32 20.32
N PRO F 68 -4.56 3.45 19.68
CA PRO F 68 -4.82 4.69 20.39
C PRO F 68 -6.31 4.76 20.75
N ARG F 69 -7.06 3.69 20.42
CA ARG F 69 -8.53 3.70 20.64
C ARG F 69 -8.84 3.02 21.98
N PRO F 70 -9.44 3.75 22.96
CA PRO F 70 -9.77 3.17 24.29
C PRO F 70 -10.63 1.91 24.22
N SER F 71 -11.60 1.86 23.30
CA SER F 71 -12.51 0.69 23.18
C SER F 71 -11.71 -0.59 22.94
N SER F 72 -10.42 -0.45 22.63
CA SER F 72 -9.56 -1.62 22.36
C SER F 72 -8.96 -2.13 23.67
N TYR F 73 -9.28 -1.49 24.79
CA TYR F 73 -8.64 -1.88 26.08
C TYR F 73 -9.67 -2.25 27.15
N LYS F 74 -9.44 -3.37 27.86
CA LYS F 74 -10.35 -3.74 28.98
C LYS F 74 -9.51 -3.96 30.25
N VAL F 75 -9.93 -3.39 31.39
CA VAL F 75 -9.18 -3.53 32.67
C VAL F 75 -9.83 -4.61 33.53
N ILE F 76 -9.02 -5.50 34.10
CA ILE F 76 -9.54 -6.57 35.01
C ILE F 76 -9.00 -6.30 36.41
N LEU F 77 -9.88 -6.21 37.41
CA LEU F 77 -9.46 -5.88 38.79
C LEU F 77 -9.91 -6.97 39.77
N GLY F 78 -9.24 -7.10 40.91
CA GLY F 78 -9.60 -8.11 41.92
C GLY F 78 -9.35 -9.53 41.44
N ALA F 79 -8.30 -9.75 40.64
CA ALA F 79 -8.08 -11.09 40.05
C ALA F 79 -6.87 -11.79 40.65
N HIS F 80 -6.83 -13.12 40.56
CA HIS F 80 -5.66 -13.91 41.03
C HIS F 80 -5.18 -14.79 39.87
N GLN F 81 -6.13 -15.30 39.07
CA GLN F 81 -5.77 -16.14 37.90
C GLN F 81 -5.69 -15.26 36.66
N GLU F 82 -4.89 -15.66 35.67
CA GLU F 82 -4.73 -14.88 34.42
C GLU F 82 -5.83 -15.27 33.42
N HIS F 88 -16.08 -12.78 41.31
CA HIS F 88 -16.39 -11.36 41.61
C HIS F 88 -15.42 -10.44 40.88
N VAL F 89 -14.61 -11.01 39.97
CA VAL F 89 -13.61 -10.20 39.20
C VAL F 89 -14.35 -9.07 38.48
N GLN F 90 -13.92 -7.83 38.71
CA GLN F 90 -14.56 -6.65 38.07
C GLN F 90 -13.89 -6.39 36.72
N GLU F 91 -14.67 -6.23 35.66
CA GLU F 91 -14.10 -5.96 34.31
C GLU F 91 -14.69 -4.64 33.78
N ILE F 92 -13.89 -3.57 33.77
CA ILE F 92 -14.39 -2.22 33.35
C ILE F 92 -13.78 -1.84 32.01
N GLU F 93 -14.47 -1.00 31.24
CA GLU F 93 -13.97 -0.54 29.93
C GLU F 93 -13.12 0.71 30.12
N VAL F 94 -12.32 1.08 29.11
CA VAL F 94 -11.49 2.33 29.18
C VAL F 94 -12.18 3.41 28.34
N SER F 95 -12.17 4.65 28.83
CA SER F 95 -12.88 5.75 28.12
C SER F 95 -11.87 6.68 27.44
N ARG F 96 -10.70 6.85 28.05
CA ARG F 96 -9.71 7.82 27.50
C ARG F 96 -8.29 7.41 27.91
N LEU F 97 -7.32 7.58 27.00
CA LEU F 97 -5.91 7.20 27.30
C LEU F 97 -5.06 8.47 27.33
N PHE F 98 -4.24 8.64 28.38
CA PHE F 98 -3.41 9.86 28.53
C PHE F 98 -1.93 9.48 28.56
N LEU F 99 -1.20 9.73 27.47
CA LEU F 99 0.26 9.43 27.41
C LEU F 99 1.04 10.57 28.08
N GLU F 100 2.15 10.24 28.74
CA GLU F 100 2.99 11.27 29.41
C GLU F 100 3.49 12.25 28.34
N PRO F 101 3.42 13.58 28.58
CA PRO F 101 3.77 14.57 27.54
C PRO F 101 5.25 14.61 27.11
N THR F 102 6.16 14.18 27.97
CA THR F 102 7.62 14.26 27.64
C THR F 102 8.08 12.95 27.01
N ARG F 103 7.15 12.07 26.62
CA ARG F 103 7.51 10.81 25.90
C ARG F 103 8.08 9.75 26.86
N LYS F 104 7.72 9.80 28.15
CA LYS F 104 8.18 8.78 29.13
C LYS F 104 7.28 7.54 29.04
N ASP F 105 7.78 6.37 29.47
CA ASP F 105 7.01 5.11 29.33
C ASP F 105 5.94 5.01 30.43
N ILE F 106 5.09 6.03 30.54
CA ILE F 106 3.99 6.00 31.56
C ILE F 106 2.72 6.53 30.91
N ALA F 107 1.56 5.99 31.31
CA ALA F 107 0.26 6.43 30.73
C ALA F 107 -0.86 6.24 31.75
N LEU F 108 -1.85 7.13 31.74
CA LEU F 108 -3.01 7.01 32.65
C LEU F 108 -4.22 6.58 31.83
N LEU F 109 -4.99 5.62 32.35
CA LEU F 109 -6.21 5.14 31.66
C LEU F 109 -7.40 5.42 32.57
N LYS F 110 -8.33 6.27 32.12
CA LYS F 110 -9.54 6.55 32.94
C LYS F 110 -10.63 5.55 32.56
N LEU F 111 -11.06 4.72 33.53
CA LEU F 111 -12.08 3.68 33.25
C LEU F 111 -13.41 4.36 32.93
N SER F 112 -14.24 3.73 32.10
CA SER F 112 -15.58 4.29 31.76
CA SER F 112 -15.58 4.29 31.76
C SER F 112 -16.50 4.46 32.99
N SER F 113 -16.12 3.75 34.05
CA SER F 113 -16.92 3.79 35.30
C SER F 113 -16.01 3.58 36.52
N PRO F 114 -16.24 4.29 37.65
CA PRO F 114 -15.41 4.12 38.85
C PRO F 114 -15.50 2.68 39.35
N ALA F 115 -14.36 2.03 39.57
CA ALA F 115 -14.35 0.65 40.08
C ALA F 115 -15.02 0.61 41.45
N VAL F 116 -15.39 -0.58 41.91
CA VAL F 116 -15.98 -0.73 43.28
C VAL F 116 -14.85 -1.08 44.24
N ILE F 117 -14.53 -0.16 45.16
CA ILE F 117 -13.44 -0.40 46.15
C ILE F 117 -13.88 -1.53 47.11
N THR F 118 -13.33 -2.73 46.92
CA THR F 118 -13.69 -3.87 47.80
C THR F 118 -12.47 -4.26 48.62
N ASP F 119 -12.57 -5.33 49.41
CA ASP F 119 -11.40 -5.83 50.16
C ASP F 119 -10.50 -6.56 49.17
N LYS F 120 -10.96 -6.68 47.92
CA LYS F 120 -10.17 -7.37 46.87
C LYS F 120 -9.82 -6.34 45.79
N VAL F 121 -10.30 -5.11 45.94
CA VAL F 121 -10.01 -4.02 44.95
C VAL F 121 -9.74 -2.73 45.73
N ILE F 122 -8.47 -2.39 45.92
CA ILE F 122 -8.10 -1.17 46.70
C ILE F 122 -7.03 -0.42 45.93
N PRO F 123 -7.17 0.92 45.74
CA PRO F 123 -6.16 1.71 45.03
C PRO F 123 -4.82 1.73 45.76
N ALA F 124 -3.72 1.88 45.02
CA ALA F 124 -2.39 1.99 45.66
C ALA F 124 -2.16 3.46 46.01
N CYS F 125 -1.20 3.74 46.91
CA CYS F 125 -0.87 5.14 47.27
C CYS F 125 0.31 5.62 46.42
N LEU F 126 0.26 6.88 45.97
CA LEU F 126 1.34 7.46 45.13
C LEU F 126 2.41 8.10 46.01
N PRO F 127 3.67 8.25 45.54
CA PRO F 127 4.74 8.75 46.39
C PRO F 127 4.83 10.27 46.50
N SER F 128 5.65 10.76 47.43
CA SER F 128 5.86 12.22 47.55
C SER F 128 6.57 12.70 46.27
N PRO F 129 6.19 13.85 45.68
CA PRO F 129 6.77 14.29 44.41
C PRO F 129 8.30 14.34 44.45
N ASN F 130 8.97 13.69 43.48
CA ASN F 130 10.45 13.75 43.36
C ASN F 130 11.14 12.91 44.45
N TYR F 131 10.39 12.06 45.17
CA TYR F 131 11.01 11.17 46.17
C TYR F 131 11.95 10.18 45.46
N VAL F 132 13.13 9.94 46.03
CA VAL F 132 14.07 8.93 45.46
C VAL F 132 14.19 7.76 46.44
N VAL F 133 13.81 6.56 46.00
CA VAL F 133 13.91 5.36 46.87
C VAL F 133 15.38 5.16 47.25
N ALA F 134 15.66 4.95 48.54
CA ALA F 134 17.06 4.74 49.00
C ALA F 134 17.63 3.48 48.35
N ASP F 135 18.95 3.41 48.22
CA ASP F 135 19.61 2.24 47.57
C ASP F 135 19.37 0.99 48.41
N ARG F 136 19.24 -0.17 47.77
CA ARG F 136 19.09 -1.45 48.52
C ARG F 136 17.72 -1.52 49.21
N THR F 137 16.88 -0.50 49.03
CA THR F 137 15.50 -0.55 49.61
C THR F 137 14.74 -1.73 49.00
N GLU F 138 14.16 -2.58 49.85
CA GLU F 138 13.42 -3.78 49.36
C GLU F 138 12.02 -3.37 48.91
N CYS F 139 11.64 -3.75 47.70
CA CYS F 139 10.29 -3.42 47.18
C CYS F 139 9.72 -4.67 46.52
N PHE F 140 8.50 -4.59 45.99
CA PHE F 140 7.85 -5.82 45.44
C PHE F 140 7.33 -5.58 44.01
N ILE F 141 7.63 -6.50 43.11
CA ILE F 141 7.09 -6.41 41.72
CA ILE F 141 7.09 -6.41 41.72
C ILE F 141 6.05 -7.55 41.56
N THR F 142 4.96 -7.23 40.87
CA THR F 142 3.85 -8.22 40.76
C THR F 142 3.31 -8.27 39.34
N GLY F 143 2.89 -9.45 38.87
CA GLY F 143 2.30 -9.58 37.53
C GLY F 143 2.00 -11.01 37.14
N TRP F 144 1.25 -11.19 36.04
CA TRP F 144 0.94 -12.55 35.52
C TRP F 144 1.84 -12.84 34.32
N GLY F 145 3.08 -12.37 34.33
CA GLY F 145 3.95 -12.53 33.15
C GLY F 145 4.69 -13.86 33.09
N GLU F 146 5.67 -13.96 32.19
CA GLU F 146 6.44 -15.22 32.00
C GLU F 146 7.21 -15.57 33.27
N THR F 147 7.26 -16.86 33.61
CA THR F 147 8.02 -17.31 34.81
C THR F 147 9.32 -17.95 34.34
N GLN F 148 9.43 -18.26 33.05
CA GLN F 148 10.63 -18.96 32.55
C GLN F 148 10.87 -20.19 33.44
N GLY F 149 9.82 -20.97 33.68
CA GLY F 149 9.95 -22.20 34.48
C GLY F 149 10.31 -21.92 35.93
N THR F 150 9.70 -20.89 36.52
CA THR F 150 9.92 -20.59 37.95
C THR F 150 8.63 -20.83 38.73
N PHE F 151 7.65 -21.49 38.10
CA PHE F 151 6.37 -21.83 38.78
C PHE F 151 5.48 -20.58 38.87
N GLY F 152 4.16 -20.78 38.90
CA GLY F 152 3.24 -19.64 39.06
C GLY F 152 2.61 -19.20 37.76
N ALA F 153 2.82 -19.98 36.68
CA ALA F 153 2.22 -19.65 35.37
C ALA F 153 0.69 -19.53 35.52
N GLY F 154 0.11 -18.43 35.03
CA GLY F 154 -1.35 -18.23 35.10
C GLY F 154 -1.81 -17.62 36.41
N LEU F 155 -0.93 -17.56 37.41
CA LEU F 155 -1.34 -17.05 38.74
C LEU F 155 -0.58 -15.75 39.05
N LEU F 156 -1.22 -14.83 39.78
CA LEU F 156 -0.55 -13.55 40.15
C LEU F 156 0.69 -13.85 40.98
N LYS F 157 1.86 -13.61 40.42
CA LYS F 157 3.12 -13.85 41.16
C LYS F 157 3.65 -12.54 41.73
N GLU F 158 4.52 -12.62 42.74
CA GLU F 158 5.13 -11.41 43.34
C GLU F 158 6.64 -11.63 43.40
N ALA F 159 7.40 -10.56 43.63
CA ALA F 159 8.86 -10.72 43.78
C ALA F 159 9.43 -9.61 44.66
N GLN F 160 10.07 -9.97 45.78
CA GLN F 160 10.73 -8.95 46.63
C GLN F 160 12.09 -8.65 46.00
N LEU F 161 12.25 -7.47 45.41
CA LEU F 161 13.50 -7.15 44.69
C LEU F 161 14.17 -5.91 45.31
N PRO F 162 15.50 -5.87 45.43
CA PRO F 162 16.19 -4.71 46.00
C PRO F 162 16.42 -3.61 44.95
N VAL F 163 16.09 -2.36 45.31
CA VAL F 163 16.31 -1.21 44.40
C VAL F 163 17.82 -0.94 44.30
N ILE F 164 18.34 -0.83 43.08
CA ILE F 164 19.77 -0.47 42.88
C ILE F 164 19.82 1.00 42.47
N GLU F 165 20.55 1.83 43.24
CA GLU F 165 20.62 3.28 42.93
C GLU F 165 21.13 3.45 41.49
N ASN F 166 20.70 4.52 40.82
CA ASN F 166 21.06 4.73 39.39
C ASN F 166 22.58 4.84 39.22
N LYS F 167 23.27 5.50 40.15
CA LYS F 167 24.74 5.72 39.99
C LYS F 167 25.47 4.37 39.96
N VAL F 168 24.89 3.34 40.59
CA VAL F 168 25.49 1.98 40.54
C VAL F 168 24.92 1.22 39.33
N CYS F 169 23.62 1.36 39.08
CA CYS F 169 22.95 0.63 37.97
C CYS F 169 23.51 1.05 36.61
N ASN F 170 24.04 2.27 36.51
CA ASN F 170 24.52 2.80 35.19
C ASN F 170 25.99 2.42 34.97
N ARG F 171 26.61 1.70 35.91
CA ARG F 171 28.01 1.26 35.74
C ARG F 171 28.12 0.33 34.53
N TYR F 172 29.32 0.24 33.95
CA TYR F 172 29.55 -0.62 32.76
C TYR F 172 29.16 -2.05 33.09
N GLU F 173 29.41 -2.48 34.34
CA GLU F 173 29.04 -3.85 34.79
CA GLU F 173 29.04 -3.85 34.77
C GLU F 173 27.54 -4.18 34.72
N PHE F 174 26.78 -3.09 34.65
CA PHE F 174 25.30 -3.21 34.75
C PHE F 174 24.63 -2.71 33.47
N LEU F 175 23.99 -1.54 33.51
CA LEU F 175 23.22 -1.05 32.33
C LEU F 175 24.06 -0.05 31.53
N ASN F 176 25.29 0.23 31.97
CA ASN F 176 26.22 1.10 31.20
C ASN F 176 25.59 2.43 30.77
N GLY F 177 25.28 3.32 31.73
CA GLY F 177 24.78 4.67 31.40
C GLY F 177 23.48 4.74 30.63
N ARG F 178 22.67 3.67 30.67
CA ARG F 178 21.41 3.65 29.88
C ARG F 178 20.25 4.15 30.74
N VAL F 179 20.40 4.15 32.07
CA VAL F 179 19.27 4.52 32.96
C VAL F 179 19.17 6.04 33.09
N GLN F 180 17.95 6.57 33.04
CA GLN F 180 17.74 8.04 33.15
C GLN F 180 17.21 8.36 34.54
N SER F 181 17.26 9.64 34.94
CA SER F 181 16.80 10.07 36.28
C SER F 181 15.33 9.68 36.51
N THR F 182 14.54 9.64 35.44
CA THR F 182 13.08 9.35 35.58
C THR F 182 12.86 7.84 35.64
N GLU F 183 13.94 7.07 35.78
CA GLU F 183 13.83 5.59 35.87
C GLU F 183 14.48 5.11 37.16
N LEU F 184 14.17 3.87 37.57
CA LEU F 184 14.81 3.27 38.76
C LEU F 184 15.12 1.81 38.44
N CYS F 185 16.16 1.27 39.07
CA CYS F 185 16.55 -0.15 38.83
C CYS F 185 16.22 -0.98 40.07
N ALA F 186 15.84 -2.23 39.88
CA ALA F 186 15.58 -3.14 41.02
C ALA F 186 15.92 -4.56 40.58
N GLY F 187 16.75 -5.25 41.36
CA GLY F 187 17.14 -6.62 41.00
C GLY F 187 18.27 -7.14 41.88
N HIS F 188 18.52 -8.46 41.84
CA HIS F 188 19.63 -9.05 42.60
C HIS F 188 20.90 -9.05 41.72
N LEU F 189 22.05 -8.69 42.30
CA LEU F 189 23.32 -8.75 41.53
C LEU F 189 23.42 -10.11 40.84
N ALA F 190 23.08 -11.18 41.56
CA ALA F 190 23.23 -12.55 41.00
C ALA F 190 22.13 -12.84 39.98
N GLY F 191 21.04 -12.07 40.01
CA GLY F 191 19.91 -12.33 39.09
C GLY F 191 19.05 -13.47 39.59
N GLY F 192 18.30 -14.12 38.69
CA GLY F 192 17.46 -15.27 39.07
C GLY F 192 16.04 -14.85 39.39
N THR F 193 15.84 -13.60 39.81
CA THR F 193 14.47 -13.09 40.09
C THR F 193 14.27 -11.74 39.42
N ASP F 194 13.24 -11.62 38.57
CA ASP F 194 12.97 -10.35 37.84
C ASP F 194 11.64 -10.41 37.10
N SER F 195 11.03 -9.26 36.83
CA SER F 195 9.78 -9.24 36.01
C SER F 195 10.11 -9.76 34.60
N CYS F 196 9.10 -10.19 33.85
CA CYS F 196 9.33 -10.74 32.49
C CYS F 196 8.13 -10.43 31.58
N GLN F 197 8.19 -10.85 30.31
CA GLN F 197 7.12 -10.48 29.32
C GLN F 197 5.73 -10.64 29.95
N GLY F 198 4.91 -9.59 29.87
CA GLY F 198 3.57 -9.62 30.46
C GLY F 198 3.48 -8.76 31.72
N ASP F 199 4.61 -8.50 32.37
CA ASP F 199 4.60 -7.74 33.64
C ASP F 199 4.76 -6.25 33.36
N SER F 200 5.11 -5.88 32.13
CA SER F 200 5.22 -4.46 31.74
C SER F 200 3.93 -3.73 32.13
N GLY F 201 4.05 -2.51 32.67
CA GLY F 201 2.88 -1.72 33.08
C GLY F 201 2.49 -2.06 34.50
N GLY F 202 2.99 -3.18 35.02
CA GLY F 202 2.66 -3.60 36.40
C GLY F 202 3.29 -2.72 37.46
N PRO F 203 2.94 -2.90 38.75
CA PRO F 203 3.45 -2.02 39.81
C PRO F 203 4.72 -2.46 40.55
N LEU F 204 5.50 -1.49 41.02
CA LEU F 204 6.67 -1.80 41.89
C LEU F 204 6.41 -1.00 43.17
N VAL F 205 5.99 -1.67 44.25
CA VAL F 205 5.61 -0.93 45.49
C VAL F 205 6.65 -1.14 46.58
N CYS F 206 6.82 -0.15 47.46
CA CYS F 206 7.78 -0.26 48.59
C CYS F 206 7.04 0.03 49.90
N PHE F 207 7.14 -0.86 50.88
CA PHE F 207 6.39 -0.68 52.16
C PHE F 207 6.96 0.49 52.95
N GLU F 208 6.11 1.48 53.22
CA GLU F 208 6.55 2.68 53.99
C GLU F 208 5.50 2.96 55.07
N LYS F 209 5.93 3.22 56.30
CA LYS F 209 4.98 3.42 57.42
C LYS F 209 4.18 2.14 57.62
N ASP F 210 2.90 2.14 57.24
CA ASP F 210 2.02 0.96 57.44
C ASP F 210 1.27 0.66 56.13
N LYS F 211 1.86 1.02 54.99
CA LYS F 211 1.15 0.84 53.70
C LYS F 211 2.15 0.74 52.55
N TYR F 212 1.68 0.32 51.37
CA TYR F 212 2.56 0.16 50.20
C TYR F 212 2.41 1.37 49.27
N ILE F 213 3.54 1.95 48.83
CA ILE F 213 3.48 3.09 47.85
CA ILE F 213 3.47 3.08 47.85
C ILE F 213 4.03 2.70 46.46
N LEU F 214 3.21 3.04 45.46
CA LEU F 214 3.63 2.82 44.05
C LEU F 214 4.86 3.68 43.74
N GLN F 215 6.03 3.05 43.59
CA GLN F 215 7.28 3.81 43.36
C GLN F 215 7.79 3.54 41.94
N GLY F 216 7.29 2.50 41.29
CA GLY F 216 7.83 2.16 39.96
C GLY F 216 6.81 1.51 39.04
N VAL F 217 7.04 1.61 37.72
CA VAL F 217 6.16 0.92 36.73
C VAL F 217 7.05 0.04 35.85
N THR F 218 6.83 -1.27 35.87
CA THR F 218 7.62 -2.20 35.03
C THR F 218 7.71 -1.63 33.61
N SER F 219 8.92 -1.40 33.11
CA SER F 219 9.07 -0.73 31.78
C SER F 219 9.82 -1.62 30.80
N TRP F 220 11.13 -1.77 30.99
CA TRP F 220 11.96 -2.54 30.03
C TRP F 220 13.17 -3.15 30.74
N GLY F 221 13.94 -3.98 30.04
CA GLY F 221 15.16 -4.56 30.62
C GLY F 221 16.01 -5.27 29.58
N LEU F 222 17.29 -5.48 29.87
CA LEU F 222 18.14 -6.27 28.95
C LEU F 222 17.95 -7.75 29.30
N GLY F 223 16.92 -8.38 28.77
CA GLY F 223 16.62 -9.78 29.12
C GLY F 223 15.86 -9.89 30.43
N CYS F 224 15.65 -11.12 30.93
CA CYS F 224 14.92 -11.34 32.21
C CYS F 224 15.80 -12.12 33.18
N ALA F 225 16.00 -11.60 34.39
CA ALA F 225 16.75 -12.35 35.44
C ALA F 225 18.21 -12.58 35.03
N ARG F 226 18.62 -12.15 33.85
CA ARG F 226 20.06 -12.27 33.48
C ARG F 226 20.90 -11.58 34.56
N PRO F 227 22.05 -12.13 35.00
CA PRO F 227 22.83 -11.54 36.10
C PRO F 227 23.53 -10.23 35.71
N ASN F 228 23.68 -9.30 36.67
CA ASN F 228 24.34 -8.00 36.39
C ASN F 228 23.44 -7.17 35.48
N LYS F 229 22.22 -7.66 35.20
CA LYS F 229 21.29 -6.95 34.30
C LYS F 229 20.00 -6.64 35.05
N PRO F 230 19.98 -5.62 35.94
CA PRO F 230 18.79 -5.31 36.75
C PRO F 230 17.62 -4.82 35.87
N GLY F 231 16.39 -4.95 36.37
CA GLY F 231 15.21 -4.48 35.63
C GLY F 231 15.04 -2.97 35.70
N VAL F 232 14.48 -2.36 34.66
CA VAL F 232 14.33 -0.87 34.62
C VAL F 232 12.85 -0.52 34.83
N TYR F 233 12.58 0.46 35.69
CA TYR F 233 11.18 0.85 36.01
C TYR F 233 11.03 2.37 35.95
N VAL F 234 9.87 2.86 35.52
CA VAL F 234 9.63 4.33 35.52
C VAL F 234 9.58 4.82 36.97
N ARG F 235 10.30 5.90 37.29
CA ARG F 235 10.26 6.48 38.66
C ARG F 235 8.95 7.26 38.79
N VAL F 236 7.95 6.70 39.47
CA VAL F 236 6.60 7.33 39.59
C VAL F 236 6.70 8.68 40.33
N SER F 237 7.65 8.82 41.25
CA SER F 237 7.77 10.07 42.05
C SER F 237 7.90 11.28 41.13
N ARG F 238 8.49 11.08 39.94
CA ARG F 238 8.74 12.21 39.00
C ARG F 238 7.49 12.51 38.17
N PHE F 239 6.38 11.83 38.43
CA PHE F 239 5.18 12.01 37.56
C PHE F 239 3.90 12.21 38.40
N VAL F 240 4.04 12.32 39.73
CA VAL F 240 2.85 12.49 40.62
C VAL F 240 2.15 13.81 40.26
N THR F 241 2.92 14.86 39.97
CA THR F 241 2.33 16.19 39.63
CA THR F 241 2.33 16.19 39.63
C THR F 241 1.54 16.15 38.30
N TRP F 242 2.12 15.38 37.37
CA TRP F 242 1.45 15.19 36.06
C TRP F 242 0.16 14.39 36.24
N ILE F 243 0.26 13.23 36.89
CA ILE F 243 -0.93 12.33 37.09
C ILE F 243 -2.06 13.14 37.72
N GLU F 244 -1.77 13.92 38.76
CA GLU F 244 -2.82 14.69 39.49
C GLU F 244 -3.55 15.63 38.52
N GLY F 245 -2.79 16.50 37.84
CA GLY F 245 -3.40 17.41 36.85
C GLY F 245 -4.31 16.68 35.89
N VAL F 246 -3.88 15.50 35.43
CA VAL F 246 -4.73 14.69 34.52
C VAL F 246 -6.05 14.40 35.25
N MET F 247 -5.97 13.80 36.43
CA MET F 247 -7.19 13.45 37.21
CA MET F 247 -7.19 13.45 37.21
C MET F 247 -8.05 14.68 37.62
N ARG F 248 -7.29 15.75 37.90
CA ARG F 248 -7.93 17.02 38.36
C ARG F 248 -8.57 17.73 37.17
N ASN F 249 -8.08 17.48 35.94
CA ASN F 249 -8.59 18.22 34.76
C ASN F 249 -9.31 17.27 33.81
N ASN F 250 -9.58 16.03 34.25
CA ASN F 250 -10.29 15.05 33.40
C ASN F 250 -11.09 14.10 34.31
#